data_7LUL
# 
_entry.id   7LUL 
# 
_audit_conform.dict_name       mmcif_pdbx.dic 
_audit_conform.dict_version    5.389 
_audit_conform.dict_location   http://mmcif.pdb.org/dictionaries/ascii/mmcif_pdbx.dic 
# 
loop_
_database_2.database_id 
_database_2.database_code 
_database_2.pdbx_database_accession 
_database_2.pdbx_DOI 
PDB   7LUL         pdb_00007lul 10.2210/pdb7lul/pdb 
WWPDB D_1000253126 ?            ?                   
# 
loop_
_pdbx_audit_revision_history.ordinal 
_pdbx_audit_revision_history.data_content_type 
_pdbx_audit_revision_history.major_revision 
_pdbx_audit_revision_history.minor_revision 
_pdbx_audit_revision_history.revision_date 
1 'Structure model' 1 0 2021-07-28 
2 'Structure model' 1 1 2022-02-16 
3 'Structure model' 1 2 2024-04-03 
# 
_pdbx_audit_revision_details.ordinal             1 
_pdbx_audit_revision_details.revision_ordinal    1 
_pdbx_audit_revision_details.data_content_type   'Structure model' 
_pdbx_audit_revision_details.provider            repository 
_pdbx_audit_revision_details.type                'Initial release' 
_pdbx_audit_revision_details.description         ? 
_pdbx_audit_revision_details.details             ? 
# 
loop_
_pdbx_audit_revision_group.ordinal 
_pdbx_audit_revision_group.revision_ordinal 
_pdbx_audit_revision_group.data_content_type 
_pdbx_audit_revision_group.group 
1 2 'Structure model' Advisory                 
2 2 'Structure model' 'Database references'    
3 3 'Structure model' 'Data collection'        
4 3 'Structure model' 'Refinement description' 
# 
loop_
_pdbx_audit_revision_category.ordinal 
_pdbx_audit_revision_category.revision_ordinal 
_pdbx_audit_revision_category.data_content_type 
_pdbx_audit_revision_category.category 
1 2 'Structure model' database_2                    
2 2 'Structure model' pdbx_database_PDB_obs_spr     
3 3 'Structure model' chem_comp_atom                
4 3 'Structure model' chem_comp_bond                
5 3 'Structure model' pdbx_initial_refinement_model 
# 
loop_
_pdbx_audit_revision_item.ordinal 
_pdbx_audit_revision_item.revision_ordinal 
_pdbx_audit_revision_item.data_content_type 
_pdbx_audit_revision_item.item 
1 2 'Structure model' '_database_2.pdbx_DOI'                
2 2 'Structure model' '_database_2.pdbx_database_accession' 
# 
_pdbx_database_PDB_obs_spr.id               SPRSDE 
_pdbx_database_PDB_obs_spr.date             2021-07-28 
_pdbx_database_PDB_obs_spr.pdb_id           7LUL 
_pdbx_database_PDB_obs_spr.replace_pdb_id   6UBG 
_pdbx_database_PDB_obs_spr.details          ? 
# 
_pdbx_database_status.status_code                     REL 
_pdbx_database_status.status_code_sf                  REL 
_pdbx_database_status.status_code_mr                  ? 
_pdbx_database_status.entry_id                        7LUL 
_pdbx_database_status.recvd_initial_deposition_date   2021-02-22 
_pdbx_database_status.SG_entry                        N 
_pdbx_database_status.deposit_site                    RCSB 
_pdbx_database_status.process_site                    RCSB 
_pdbx_database_status.status_code_cs                  ? 
_pdbx_database_status.status_code_nmr_data            ? 
_pdbx_database_status.methods_development_category    ? 
_pdbx_database_status.pdb_format_compatible           Y 
# 
loop_
_pdbx_database_related.db_name 
_pdbx_database_related.details 
_pdbx_database_related.db_id 
_pdbx_database_related.content_type 
PDB . 1N7T unspecified 
PDB . 6Q0N unspecified 
PDB . 6Q0M unspecified 
PDB . 6Q0U unspecified 
PDB . 6UBH unspecified 
# 
loop_
_audit_author.name 
_audit_author.pdbx_ordinal 
_audit_author.identifier_ORCID 
'Singer, A.U.'   1 ? 
'Teyra, J.'      2 ? 
'McLaughlin, M.' 3 ? 
'Ernst, A.'      4 ? 
'Sicheri, F.'    5 ? 
'Sidhu, S.S.'    6 ? 
# 
_citation.abstract                  ? 
_citation.abstract_id_CAS           ? 
_citation.book_id_ISBN              ? 
_citation.book_publisher            ? 
_citation.book_publisher_city       ? 
_citation.book_title                ? 
_citation.coordinate_linkage        ? 
_citation.country                   UK 
_citation.database_id_Medline       ? 
_citation.details                   ? 
_citation.id                        primary 
_citation.journal_abbrev            J.Mol.Biol. 
_citation.journal_id_ASTM           JMOBAK 
_citation.journal_id_CSD            0070 
_citation.journal_id_ISSN           1089-8638 
_citation.journal_full              ? 
_citation.journal_issue             ? 
_citation.journal_volume            433 
_citation.language                  ? 
_citation.page_first                167115 
_citation.page_last                 167115 
_citation.title                     
'Comprehensive Assessment of the Relationship Between Site -2 Specificity and Helix alpha 2 in the Erbin PDZ Domain.' 
_citation.year                      2021 
_citation.database_id_CSD           ? 
_citation.pdbx_database_id_DOI      10.1016/j.jmb.2021.167115 
_citation.pdbx_database_id_PubMed   34171344 
_citation.pdbx_database_id_patent   ? 
_citation.unpublished_flag          ? 
# 
loop_
_citation_author.citation_id 
_citation_author.name 
_citation_author.ordinal 
_citation_author.identifier_ORCID 
primary 'Teyra, J.'      1 ? 
primary 'McLaughlin, M.' 2 ? 
primary 'Singer, A.'     3 ? 
primary 'Kelil, A.'      4 ? 
primary 'Ernst, A.'      5 ? 
primary 'Sicheri, F.'    6 ? 
primary 'Sidhu, S.S.'    7 ? 
# 
loop_
_entity.id 
_entity.type 
_entity.src_method 
_entity.pdbx_description 
_entity.formula_weight 
_entity.pdbx_number_of_molecules 
_entity.pdbx_ec 
_entity.pdbx_mutation 
_entity.pdbx_fragment 
_entity.details 
1 polymer     man Erbin                                  10498.855 1   ? 'E88R, H89L, G90E, Q91E, V93E, S94R' ? ? 
2 polymer     syn peptide                                1096.241  1   ? ?                                    ? ? 
3 non-polymer syn '2-(N-MORPHOLINO)-ETHANESULFONIC ACID' 195.237   1   ? ?                                    ? ? 
4 non-polymer syn 1,2-ETHANEDIOL                         62.068    2   ? ?                                    ? ? 
5 non-polymer syn 'SODIUM ION'                           22.990    1   ? ?                                    ? ? 
6 non-polymer syn 'DI(HYDROXYETHYL)ETHER'                106.120   1   ? ?                                    ? ? 
7 water       nat water                                  18.015    140 ? ?                                    ? ? 
# 
_entity_name_com.entity_id   1 
_entity_name_com.name        'Densin-180-like protein,Erbb2-interacting protein,Protein LAP2' 
# 
loop_
_entity_poly.entity_id 
_entity_poly.type 
_entity_poly.nstd_linkage 
_entity_poly.nstd_monomer 
_entity_poly.pdbx_seq_one_letter_code 
_entity_poly.pdbx_seq_one_letter_code_can 
_entity_poly.pdbx_strand_id 
_entity_poly.pdbx_target_identifier 
1 'polypeptide(L)' no no 
;SSMEIRVRVEKDPELGFSISGGVGGRGNPFRPDDDGIFVTRVQPEGPASKLLQPGDKIIQANGYSFINIRLEEAERLLKT
FQNTVELIIVREVSS
;
;SSMEIRVRVEKDPELGFSISGGVGGRGNPFRPDDDGIFVTRVQPEGPASKLLQPGDKIIQANGYSFINIRLEEAERLLKT
FQNTVELIIVREVSS
;
A ? 
2 'polypeptide(L)' no no RWYERWV                                                                                            
RWYERWV                                                                                            B ? 
# 
loop_
_pdbx_entity_nonpoly.entity_id 
_pdbx_entity_nonpoly.name 
_pdbx_entity_nonpoly.comp_id 
3 '2-(N-MORPHOLINO)-ETHANESULFONIC ACID' MES 
4 1,2-ETHANEDIOL                         EDO 
5 'SODIUM ION'                           NA  
6 'DI(HYDROXYETHYL)ETHER'                PEG 
7 water                                  HOH 
# 
loop_
_entity_poly_seq.entity_id 
_entity_poly_seq.num 
_entity_poly_seq.mon_id 
_entity_poly_seq.hetero 
1 1  SER n 
1 2  SER n 
1 3  MET n 
1 4  GLU n 
1 5  ILE n 
1 6  ARG n 
1 7  VAL n 
1 8  ARG n 
1 9  VAL n 
1 10 GLU n 
1 11 LYS n 
1 12 ASP n 
1 13 PRO n 
1 14 GLU n 
1 15 LEU n 
1 16 GLY n 
1 17 PHE n 
1 18 SER n 
1 19 ILE n 
1 20 SER n 
1 21 GLY n 
1 22 GLY n 
1 23 VAL n 
1 24 GLY n 
1 25 GLY n 
1 26 ARG n 
1 27 GLY n 
1 28 ASN n 
1 29 PRO n 
1 30 PHE n 
1 31 ARG n 
1 32 PRO n 
1 33 ASP n 
1 34 ASP n 
1 35 ASP n 
1 36 GLY n 
1 37 ILE n 
1 38 PHE n 
1 39 VAL n 
1 40 THR n 
1 41 ARG n 
1 42 VAL n 
1 43 GLN n 
1 44 PRO n 
1 45 GLU n 
1 46 GLY n 
1 47 PRO n 
1 48 ALA n 
1 49 SER n 
1 50 LYS n 
1 51 LEU n 
1 52 LEU n 
1 53 GLN n 
1 54 PRO n 
1 55 GLY n 
1 56 ASP n 
1 57 LYS n 
1 58 ILE n 
1 59 ILE n 
1 60 GLN n 
1 61 ALA n 
1 62 ASN n 
1 63 GLY n 
1 64 TYR n 
1 65 SER n 
1 66 PHE n 
1 67 ILE n 
1 68 ASN n 
1 69 ILE n 
1 70 ARG n 
1 71 LEU n 
1 72 GLU n 
1 73 GLU n 
1 74 ALA n 
1 75 GLU n 
1 76 ARG n 
1 77 LEU n 
1 78 LEU n 
1 79 LYS n 
1 80 THR n 
1 81 PHE n 
1 82 GLN n 
1 83 ASN n 
1 84 THR n 
1 85 VAL n 
1 86 GLU n 
1 87 LEU n 
1 88 ILE n 
1 89 ILE n 
1 90 VAL n 
1 91 ARG n 
1 92 GLU n 
1 93 VAL n 
1 94 SER n 
1 95 SER n 
2 1  ARG n 
2 2  TRP n 
2 3  TYR n 
2 4  GLU n 
2 5  ARG n 
2 6  TRP n 
2 7  VAL n 
# 
_entity_src_gen.entity_id                          1 
_entity_src_gen.pdbx_src_id                        1 
_entity_src_gen.pdbx_alt_source_flag               sample 
_entity_src_gen.pdbx_seq_type                      'Biological sequence' 
_entity_src_gen.pdbx_beg_seq_num                   1 
_entity_src_gen.pdbx_end_seq_num                   95 
_entity_src_gen.gene_src_common_name               Human 
_entity_src_gen.gene_src_genus                     ? 
_entity_src_gen.pdbx_gene_src_gene                 'ERBIN, ERBB2IP, KIAA1225, LAP2' 
_entity_src_gen.gene_src_species                   ? 
_entity_src_gen.gene_src_strain                    ? 
_entity_src_gen.gene_src_tissue                    ? 
_entity_src_gen.gene_src_tissue_fraction           ? 
_entity_src_gen.gene_src_details                   ? 
_entity_src_gen.pdbx_gene_src_fragment             ? 
_entity_src_gen.pdbx_gene_src_scientific_name      'Homo sapiens' 
_entity_src_gen.pdbx_gene_src_ncbi_taxonomy_id     9606 
_entity_src_gen.pdbx_gene_src_variant              ? 
_entity_src_gen.pdbx_gene_src_cell_line            ? 
_entity_src_gen.pdbx_gene_src_atcc                 ? 
_entity_src_gen.pdbx_gene_src_organ                ? 
_entity_src_gen.pdbx_gene_src_organelle            ? 
_entity_src_gen.pdbx_gene_src_cell                 ? 
_entity_src_gen.pdbx_gene_src_cellular_location    ? 
_entity_src_gen.host_org_common_name               ? 
_entity_src_gen.pdbx_host_org_scientific_name      'Escherichia coli BL21(DE3)' 
_entity_src_gen.pdbx_host_org_ncbi_taxonomy_id     469008 
_entity_src_gen.host_org_genus                     ? 
_entity_src_gen.pdbx_host_org_gene                 ? 
_entity_src_gen.pdbx_host_org_organ                ? 
_entity_src_gen.host_org_species                   ? 
_entity_src_gen.pdbx_host_org_tissue               ? 
_entity_src_gen.pdbx_host_org_tissue_fraction      ? 
_entity_src_gen.pdbx_host_org_strain               ? 
_entity_src_gen.pdbx_host_org_variant              ? 
_entity_src_gen.pdbx_host_org_cell_line            ? 
_entity_src_gen.pdbx_host_org_atcc                 ? 
_entity_src_gen.pdbx_host_org_culture_collection   ? 
_entity_src_gen.pdbx_host_org_cell                 ? 
_entity_src_gen.pdbx_host_org_organelle            ? 
_entity_src_gen.pdbx_host_org_cellular_location    ? 
_entity_src_gen.pdbx_host_org_vector_type          plasmid 
_entity_src_gen.pdbx_host_org_vector               ? 
_entity_src_gen.host_org_details                   '6His and GST at N-terminus followed by TEV cleavage site' 
_entity_src_gen.expression_system_id               ? 
_entity_src_gen.plasmid_name                       pHH0103 
_entity_src_gen.plasmid_details                    ? 
_entity_src_gen.pdbx_description                   ? 
# 
_pdbx_entity_src_syn.entity_id              2 
_pdbx_entity_src_syn.pdbx_src_id            1 
_pdbx_entity_src_syn.pdbx_alt_source_flag   sample 
_pdbx_entity_src_syn.pdbx_beg_seq_num       1 
_pdbx_entity_src_syn.pdbx_end_seq_num       7 
_pdbx_entity_src_syn.organism_scientific    'synthetic construct' 
_pdbx_entity_src_syn.organism_common_name   ? 
_pdbx_entity_src_syn.ncbi_taxonomy_id       32630 
_pdbx_entity_src_syn.details                ? 
# 
loop_
_chem_comp.id 
_chem_comp.type 
_chem_comp.mon_nstd_flag 
_chem_comp.name 
_chem_comp.pdbx_synonyms 
_chem_comp.formula 
_chem_comp.formula_weight 
ALA 'L-peptide linking' y ALANINE                                ?                 'C3 H7 N O2'     89.093  
ARG 'L-peptide linking' y ARGININE                               ?                 'C6 H15 N4 O2 1' 175.209 
ASN 'L-peptide linking' y ASPARAGINE                             ?                 'C4 H8 N2 O3'    132.118 
ASP 'L-peptide linking' y 'ASPARTIC ACID'                        ?                 'C4 H7 N O4'     133.103 
EDO non-polymer         . 1,2-ETHANEDIOL                         'ETHYLENE GLYCOL' 'C2 H6 O2'       62.068  
GLN 'L-peptide linking' y GLUTAMINE                              ?                 'C5 H10 N2 O3'   146.144 
GLU 'L-peptide linking' y 'GLUTAMIC ACID'                        ?                 'C5 H9 N O4'     147.129 
GLY 'peptide linking'   y GLYCINE                                ?                 'C2 H5 N O2'     75.067  
HIS 'L-peptide linking' y HISTIDINE                              ?                 'C6 H10 N3 O2 1' 156.162 
HOH non-polymer         . WATER                                  ?                 'H2 O'           18.015  
ILE 'L-peptide linking' y ISOLEUCINE                             ?                 'C6 H13 N O2'    131.173 
LEU 'L-peptide linking' y LEUCINE                                ?                 'C6 H13 N O2'    131.173 
LYS 'L-peptide linking' y LYSINE                                 ?                 'C6 H15 N2 O2 1' 147.195 
MES non-polymer         . '2-(N-MORPHOLINO)-ETHANESULFONIC ACID' ?                 'C6 H13 N O4 S'  195.237 
MET 'L-peptide linking' y METHIONINE                             ?                 'C5 H11 N O2 S'  149.211 
NA  non-polymer         . 'SODIUM ION'                           ?                 'Na 1'           22.990  
PEG non-polymer         . 'DI(HYDROXYETHYL)ETHER'                ?                 'C4 H10 O3'      106.120 
PHE 'L-peptide linking' y PHENYLALANINE                          ?                 'C9 H11 N O2'    165.189 
PRO 'L-peptide linking' y PROLINE                                ?                 'C5 H9 N O2'     115.130 
SER 'L-peptide linking' y SERINE                                 ?                 'C3 H7 N O3'     105.093 
THR 'L-peptide linking' y THREONINE                              ?                 'C4 H9 N O3'     119.119 
TRP 'L-peptide linking' y TRYPTOPHAN                             ?                 'C11 H12 N2 O2'  204.225 
TYR 'L-peptide linking' y TYROSINE                               ?                 'C9 H11 N O3'    181.189 
VAL 'L-peptide linking' y VALINE                                 ?                 'C5 H11 N O2'    117.146 
# 
loop_
_pdbx_poly_seq_scheme.asym_id 
_pdbx_poly_seq_scheme.entity_id 
_pdbx_poly_seq_scheme.seq_id 
_pdbx_poly_seq_scheme.mon_id 
_pdbx_poly_seq_scheme.ndb_seq_num 
_pdbx_poly_seq_scheme.pdb_seq_num 
_pdbx_poly_seq_scheme.auth_seq_num 
_pdbx_poly_seq_scheme.pdb_mon_id 
_pdbx_poly_seq_scheme.auth_mon_id 
_pdbx_poly_seq_scheme.pdb_strand_id 
_pdbx_poly_seq_scheme.pdb_ins_code 
_pdbx_poly_seq_scheme.hetero 
A 1 1  SER 1  19  19  SER SER A . n 
A 1 2  SER 2  20  20  SER SER A . n 
A 1 3  MET 3  21  21  MET MET A . n 
A 1 4  GLU 4  22  22  GLU GLU A . n 
A 1 5  ILE 5  23  23  ILE ILE A . n 
A 1 6  ARG 6  24  24  ARG ARG A . n 
A 1 7  VAL 7  25  25  VAL VAL A . n 
A 1 8  ARG 8  26  26  ARG ARG A . n 
A 1 9  VAL 9  27  27  VAL VAL A . n 
A 1 10 GLU 10 28  28  GLU GLU A . n 
A 1 11 LYS 11 29  29  LYS LYS A . n 
A 1 12 ASP 12 30  30  ASP ASP A . n 
A 1 13 PRO 13 31  31  PRO PRO A . n 
A 1 14 GLU 14 32  32  GLU GLU A . n 
A 1 15 LEU 15 33  33  LEU LEU A . n 
A 1 16 GLY 16 34  34  GLY GLY A . n 
A 1 17 PHE 17 35  35  PHE PHE A . n 
A 1 18 SER 18 36  36  SER SER A . n 
A 1 19 ILE 19 37  37  ILE ILE A . n 
A 1 20 SER 20 38  38  SER SER A . n 
A 1 21 GLY 21 39  39  GLY GLY A . n 
A 1 22 GLY 22 40  40  GLY GLY A . n 
A 1 23 VAL 23 41  41  VAL VAL A . n 
A 1 24 GLY 24 42  42  GLY GLY A . n 
A 1 25 GLY 25 43  43  GLY GLY A . n 
A 1 26 ARG 26 44  44  ARG ARG A . n 
A 1 27 GLY 27 45  45  GLY GLY A . n 
A 1 28 ASN 28 46  46  ASN ASN A . n 
A 1 29 PRO 29 47  47  PRO PRO A . n 
A 1 30 PHE 30 48  48  PHE PHE A . n 
A 1 31 ARG 31 49  49  ARG ARG A . n 
A 1 32 PRO 32 50  50  PRO PRO A . n 
A 1 33 ASP 33 51  51  ASP ASP A . n 
A 1 34 ASP 34 52  52  ASP ASP A . n 
A 1 35 ASP 35 53  53  ASP ASP A . n 
A 1 36 GLY 36 54  54  GLY GLY A . n 
A 1 37 ILE 37 55  55  ILE ILE A . n 
A 1 38 PHE 38 56  56  PHE PHE A . n 
A 1 39 VAL 39 57  57  VAL VAL A . n 
A 1 40 THR 40 58  58  THR THR A . n 
A 1 41 ARG 41 59  59  ARG ARG A . n 
A 1 42 VAL 42 60  60  VAL VAL A . n 
A 1 43 GLN 43 61  61  GLN GLN A . n 
A 1 44 PRO 44 62  62  PRO PRO A . n 
A 1 45 GLU 45 63  63  GLU GLU A . n 
A 1 46 GLY 46 64  64  GLY GLY A . n 
A 1 47 PRO 47 65  65  PRO PRO A . n 
A 1 48 ALA 48 66  66  ALA ALA A . n 
A 1 49 SER 49 67  67  SER SER A . n 
A 1 50 LYS 50 68  68  LYS LYS A . n 
A 1 51 LEU 51 69  69  LEU LEU A . n 
A 1 52 LEU 52 70  70  LEU LEU A . n 
A 1 53 GLN 53 71  71  GLN GLN A . n 
A 1 54 PRO 54 72  72  PRO PRO A . n 
A 1 55 GLY 55 73  73  GLY GLY A . n 
A 1 56 ASP 56 74  74  ASP ASP A . n 
A 1 57 LYS 57 75  75  LYS LYS A . n 
A 1 58 ILE 58 76  76  ILE ILE A . n 
A 1 59 ILE 59 77  77  ILE ILE A . n 
A 1 60 GLN 60 78  78  GLN GLN A . n 
A 1 61 ALA 61 79  79  ALA ALA A . n 
A 1 62 ASN 62 80  80  ASN ASN A . n 
A 1 63 GLY 63 81  81  GLY GLY A . n 
A 1 64 TYR 64 82  82  TYR TYR A . n 
A 1 65 SER 65 83  83  SER SER A . n 
A 1 66 PHE 66 84  84  PHE PHE A . n 
A 1 67 ILE 67 85  85  ILE ILE A . n 
A 1 68 ASN 68 86  86  ASN ASN A . n 
A 1 69 ILE 69 87  87  ILE ILE A . n 
A 1 70 ARG 70 88  88  ARG ARG A . n 
A 1 71 LEU 71 89  89  LEU LEU A . n 
A 1 72 GLU 72 90  90  GLU GLU A . n 
A 1 73 GLU 73 91  91  GLU GLU A . n 
A 1 74 ALA 74 92  92  ALA ALA A . n 
A 1 75 GLU 75 93  93  GLU GLU A . n 
A 1 76 ARG 76 94  94  ARG ARG A . n 
A 1 77 LEU 77 95  95  LEU LEU A . n 
A 1 78 LEU 78 96  96  LEU LEU A . n 
A 1 79 LYS 79 97  97  LYS LYS A . n 
A 1 80 THR 80 98  98  THR THR A . n 
A 1 81 PHE 81 99  99  PHE PHE A . n 
A 1 82 GLN 82 100 100 GLN GLN A . n 
A 1 83 ASN 83 101 101 ASN ASN A . n 
A 1 84 THR 84 102 102 THR THR A . n 
A 1 85 VAL 85 103 103 VAL VAL A . n 
A 1 86 GLU 86 104 104 GLU GLU A . n 
A 1 87 LEU 87 105 105 LEU LEU A . n 
A 1 88 ILE 88 106 106 ILE ILE A . n 
A 1 89 ILE 89 107 107 ILE ILE A . n 
A 1 90 VAL 90 108 108 VAL VAL A . n 
A 1 91 ARG 91 109 109 ARG ARG A . n 
A 1 92 GLU 92 110 110 GLU GLU A . n 
A 1 93 VAL 93 111 111 VAL VAL A . n 
A 1 94 SER 94 112 112 SER SER A . n 
A 1 95 SER 95 113 ?   ?   ?   A . n 
B 2 1  ARG 1  -4  -4  ARG ARG B . n 
B 2 2  TRP 2  -3  -3  TRP TRP B . n 
B 2 3  TYR 3  -2  -2  TYR TYR B . n 
B 2 4  GLU 4  -1  -1  GLU GLU B . n 
B 2 5  ARG 5  0   0   ARG ARG B . n 
B 2 6  TRP 6  1   1   TRP TRP B . n 
B 2 7  VAL 7  2   2   VAL VAL B . n 
# 
loop_
_pdbx_nonpoly_scheme.asym_id 
_pdbx_nonpoly_scheme.entity_id 
_pdbx_nonpoly_scheme.mon_id 
_pdbx_nonpoly_scheme.ndb_seq_num 
_pdbx_nonpoly_scheme.pdb_seq_num 
_pdbx_nonpoly_scheme.auth_seq_num 
_pdbx_nonpoly_scheme.pdb_mon_id 
_pdbx_nonpoly_scheme.auth_mon_id 
_pdbx_nonpoly_scheme.pdb_strand_id 
_pdbx_nonpoly_scheme.pdb_ins_code 
C 3 MES 1   201 1   MES MES A . 
D 4 EDO 1   202 1   EDO EDO A . 
E 4 EDO 1   203 2   EDO EDO A . 
F 5 NA  1   204 1   NA  NA  A . 
G 6 PEG 1   101 1   PEG PEG B . 
H 7 HOH 1   301 44  HOH HOH A . 
H 7 HOH 2   302 115 HOH HOH A . 
H 7 HOH 3   303 76  HOH HOH A . 
H 7 HOH 4   304 105 HOH HOH A . 
H 7 HOH 5   305 91  HOH HOH A . 
H 7 HOH 6   306 4   HOH HOH A . 
H 7 HOH 7   307 58  HOH HOH A . 
H 7 HOH 8   308 29  HOH HOH A . 
H 7 HOH 9   309 133 HOH HOH A . 
H 7 HOH 10  310 56  HOH HOH A . 
H 7 HOH 11  311 20  HOH HOH A . 
H 7 HOH 12  312 21  HOH HOH A . 
H 7 HOH 13  313 9   HOH HOH A . 
H 7 HOH 14  314 62  HOH HOH A . 
H 7 HOH 15  315 88  HOH HOH A . 
H 7 HOH 16  316 82  HOH HOH A . 
H 7 HOH 17  317 123 HOH HOH A . 
H 7 HOH 18  318 7   HOH HOH A . 
H 7 HOH 19  319 14  HOH HOH A . 
H 7 HOH 20  320 73  HOH HOH A . 
H 7 HOH 21  321 84  HOH HOH A . 
H 7 HOH 22  322 136 HOH HOH A . 
H 7 HOH 23  323 87  HOH HOH A . 
H 7 HOH 24  324 12  HOH HOH A . 
H 7 HOH 25  325 25  HOH HOH A . 
H 7 HOH 26  326 64  HOH HOH A . 
H 7 HOH 27  327 66  HOH HOH A . 
H 7 HOH 28  328 36  HOH HOH A . 
H 7 HOH 29  329 6   HOH HOH A . 
H 7 HOH 30  330 11  HOH HOH A . 
H 7 HOH 31  331 40  HOH HOH A . 
H 7 HOH 32  332 142 HOH HOH A . 
H 7 HOH 33  333 31  HOH HOH A . 
H 7 HOH 34  334 60  HOH HOH A . 
H 7 HOH 35  335 116 HOH HOH A . 
H 7 HOH 36  336 95  HOH HOH A . 
H 7 HOH 37  337 34  HOH HOH A . 
H 7 HOH 38  338 93  HOH HOH A . 
H 7 HOH 39  339 22  HOH HOH A . 
H 7 HOH 40  340 97  HOH HOH A . 
H 7 HOH 41  341 74  HOH HOH A . 
H 7 HOH 42  342 1   HOH HOH A . 
H 7 HOH 43  343 80  HOH HOH A . 
H 7 HOH 44  344 8   HOH HOH A . 
H 7 HOH 45  345 13  HOH HOH A . 
H 7 HOH 46  346 17  HOH HOH A . 
H 7 HOH 47  347 45  HOH HOH A . 
H 7 HOH 48  348 5   HOH HOH A . 
H 7 HOH 49  349 132 HOH HOH A . 
H 7 HOH 50  350 120 HOH HOH A . 
H 7 HOH 51  351 16  HOH HOH A . 
H 7 HOH 52  352 24  HOH HOH A . 
H 7 HOH 53  353 50  HOH HOH A . 
H 7 HOH 54  354 94  HOH HOH A . 
H 7 HOH 55  355 90  HOH HOH A . 
H 7 HOH 56  356 59  HOH HOH A . 
H 7 HOH 57  357 3   HOH HOH A . 
H 7 HOH 58  358 27  HOH HOH A . 
H 7 HOH 59  359 30  HOH HOH A . 
H 7 HOH 60  360 32  HOH HOH A . 
H 7 HOH 61  361 10  HOH HOH A . 
H 7 HOH 62  362 72  HOH HOH A . 
H 7 HOH 63  363 92  HOH HOH A . 
H 7 HOH 64  364 2   HOH HOH A . 
H 7 HOH 65  365 112 HOH HOH A . 
H 7 HOH 66  366 33  HOH HOH A . 
H 7 HOH 67  367 102 HOH HOH A . 
H 7 HOH 68  368 63  HOH HOH A . 
H 7 HOH 69  369 61  HOH HOH A . 
H 7 HOH 70  370 52  HOH HOH A . 
H 7 HOH 71  371 89  HOH HOH A . 
H 7 HOH 72  372 38  HOH HOH A . 
H 7 HOH 73  373 37  HOH HOH A . 
H 7 HOH 74  374 51  HOH HOH A . 
H 7 HOH 75  375 75  HOH HOH A . 
H 7 HOH 76  376 98  HOH HOH A . 
H 7 HOH 77  377 54  HOH HOH A . 
H 7 HOH 78  378 135 HOH HOH A . 
H 7 HOH 79  379 134 HOH HOH A . 
H 7 HOH 80  380 127 HOH HOH A . 
H 7 HOH 81  381 106 HOH HOH A . 
H 7 HOH 82  382 65  HOH HOH A . 
H 7 HOH 83  383 71  HOH HOH A . 
H 7 HOH 84  384 104 HOH HOH A . 
H 7 HOH 85  385 129 HOH HOH A . 
H 7 HOH 86  386 117 HOH HOH A . 
H 7 HOH 87  387 130 HOH HOH A . 
H 7 HOH 88  388 70  HOH HOH A . 
H 7 HOH 89  389 39  HOH HOH A . 
H 7 HOH 90  390 118 HOH HOH A . 
H 7 HOH 91  391 131 HOH HOH A . 
H 7 HOH 92  392 99  HOH HOH A . 
H 7 HOH 93  393 124 HOH HOH A . 
H 7 HOH 94  394 111 HOH HOH A . 
H 7 HOH 95  395 109 HOH HOH A . 
H 7 HOH 96  396 86  HOH HOH A . 
H 7 HOH 97  397 67  HOH HOH A . 
H 7 HOH 98  398 121 HOH HOH A . 
H 7 HOH 99  399 85  HOH HOH A . 
H 7 HOH 100 400 125 HOH HOH A . 
H 7 HOH 101 401 119 HOH HOH A . 
H 7 HOH 102 402 46  HOH HOH A . 
H 7 HOH 103 403 77  HOH HOH A . 
H 7 HOH 104 404 122 HOH HOH A . 
H 7 HOH 105 405 101 HOH HOH A . 
H 7 HOH 106 406 19  HOH HOH A . 
H 7 HOH 107 407 139 HOH HOH A . 
H 7 HOH 108 408 41  HOH HOH A . 
H 7 HOH 109 409 140 HOH HOH A . 
H 7 HOH 110 410 96  HOH HOH A . 
H 7 HOH 111 411 15  HOH HOH A . 
H 7 HOH 112 412 141 HOH HOH A . 
H 7 HOH 113 413 18  HOH HOH A . 
H 7 HOH 114 414 128 HOH HOH A . 
H 7 HOH 115 415 55  HOH HOH A . 
H 7 HOH 116 416 48  HOH HOH A . 
H 7 HOH 117 417 28  HOH HOH A . 
H 7 HOH 118 418 100 HOH HOH A . 
H 7 HOH 119 419 83  HOH HOH A . 
H 7 HOH 120 420 138 HOH HOH A . 
H 7 HOH 121 421 81  HOH HOH A . 
H 7 HOH 122 422 110 HOH HOH A . 
H 7 HOH 123 423 68  HOH HOH A . 
H 7 HOH 124 424 108 HOH HOH A . 
H 7 HOH 125 425 42  HOH HOH A . 
H 7 HOH 126 426 113 HOH HOH A . 
I 7 HOH 1   201 137 HOH HOH B . 
I 7 HOH 2   202 53  HOH HOH B . 
I 7 HOH 3   203 78  HOH HOH B . 
I 7 HOH 4   204 49  HOH HOH B . 
I 7 HOH 5   205 43  HOH HOH B . 
I 7 HOH 6   206 69  HOH HOH B . 
I 7 HOH 7   207 26  HOH HOH B . 
I 7 HOH 8   208 35  HOH HOH B . 
I 7 HOH 9   209 23  HOH HOH B . 
I 7 HOH 10  210 57  HOH HOH B . 
I 7 HOH 11  211 103 HOH HOH B . 
I 7 HOH 12  212 107 HOH HOH B . 
I 7 HOH 13  213 47  HOH HOH B . 
I 7 HOH 14  214 79  HOH HOH B . 
# 
loop_
_pdbx_unobs_or_zero_occ_atoms.id 
_pdbx_unobs_or_zero_occ_atoms.PDB_model_num 
_pdbx_unobs_or_zero_occ_atoms.polymer_flag 
_pdbx_unobs_or_zero_occ_atoms.occupancy_flag 
_pdbx_unobs_or_zero_occ_atoms.auth_asym_id 
_pdbx_unobs_or_zero_occ_atoms.auth_comp_id 
_pdbx_unobs_or_zero_occ_atoms.auth_seq_id 
_pdbx_unobs_or_zero_occ_atoms.PDB_ins_code 
_pdbx_unobs_or_zero_occ_atoms.auth_atom_id 
_pdbx_unobs_or_zero_occ_atoms.label_alt_id 
_pdbx_unobs_or_zero_occ_atoms.label_asym_id 
_pdbx_unobs_or_zero_occ_atoms.label_comp_id 
_pdbx_unobs_or_zero_occ_atoms.label_seq_id 
_pdbx_unobs_or_zero_occ_atoms.label_atom_id 
1 1 Y 1 A GLU 28 ? CG  ? A GLU 10 CG  
2 1 Y 1 A GLU 28 ? CD  ? A GLU 10 CD  
3 1 Y 1 A GLU 28 ? OE1 ? A GLU 10 OE1 
4 1 Y 1 A GLU 28 ? OE2 ? A GLU 10 OE2 
5 1 Y 1 A LYS 68 ? CD  ? A LYS 50 CD  
6 1 Y 1 A LYS 68 ? CE  ? A LYS 50 CE  
7 1 Y 1 A LYS 68 ? NZ  ? A LYS 50 NZ  
# 
loop_
_software.citation_id 
_software.classification 
_software.compiler_name 
_software.compiler_version 
_software.contact_author 
_software.contact_author_email 
_software.date 
_software.description 
_software.dependencies 
_software.hardware 
_software.language 
_software.location 
_software.mods 
_software.name 
_software.os 
_software.os_version 
_software.type 
_software.version 
_software.pdbx_ordinal 
? refinement       ? ? ? ? ? ? ? ? ? ? ? PHENIX  ? ? ? 1.19.1_4122 1 
? 'data reduction' ? ? ? ? ? ? ? ? ? ? ? MOSFLM  ? ? ? .           2 
? 'data scaling'   ? ? ? ? ? ? ? ? ? ? ? Aimless ? ? ? .           3 
? phasing          ? ? ? ? ? ? ? ? ? ? ? PHASER  ? ? ? .           4 
# 
_cell.angle_alpha                  90.000 
_cell.angle_alpha_esd              ? 
_cell.angle_beta                   90.000 
_cell.angle_beta_esd               ? 
_cell.angle_gamma                  120.000 
_cell.angle_gamma_esd              ? 
_cell.entry_id                     7LUL 
_cell.details                      ? 
_cell.formula_units_Z              ? 
_cell.length_a                     69.200 
_cell.length_a_esd                 ? 
_cell.length_b                     69.200 
_cell.length_b_esd                 ? 
_cell.length_c                     49.200 
_cell.length_c_esd                 ? 
_cell.volume                       204035.938 
_cell.volume_esd                   ? 
_cell.Z_PDB                        6 
_cell.reciprocal_angle_alpha       ? 
_cell.reciprocal_angle_beta        ? 
_cell.reciprocal_angle_gamma       ? 
_cell.reciprocal_angle_alpha_esd   ? 
_cell.reciprocal_angle_beta_esd    ? 
_cell.reciprocal_angle_gamma_esd   ? 
_cell.reciprocal_length_a          ? 
_cell.reciprocal_length_b          ? 
_cell.reciprocal_length_c          ? 
_cell.reciprocal_length_a_esd      ? 
_cell.reciprocal_length_b_esd      ? 
_cell.reciprocal_length_c_esd      ? 
_cell.pdbx_unique_axis             ? 
# 
_symmetry.entry_id                         7LUL 
_symmetry.cell_setting                     ? 
_symmetry.Int_Tables_number                154 
_symmetry.space_group_name_Hall            
;P 32 2"
;
_symmetry.space_group_name_H-M             'P 32 2 1' 
_symmetry.pdbx_full_space_group_name_H-M   ? 
# 
_exptl.absorpt_coefficient_mu     ? 
_exptl.absorpt_correction_T_max   ? 
_exptl.absorpt_correction_T_min   ? 
_exptl.absorpt_correction_type    ? 
_exptl.absorpt_process_details    ? 
_exptl.entry_id                   7LUL 
_exptl.crystals_number            1 
_exptl.details                    ? 
_exptl.method                     'X-RAY DIFFRACTION' 
_exptl.method_details             ? 
# 
_exptl_crystal.colour                      ? 
_exptl_crystal.density_diffrn              ? 
_exptl_crystal.density_Matthews            2.52 
_exptl_crystal.density_method              ? 
_exptl_crystal.density_percent_sol         51.09 
_exptl_crystal.description                 ? 
_exptl_crystal.F_000                       ? 
_exptl_crystal.id                          1 
_exptl_crystal.preparation                 ? 
_exptl_crystal.size_max                    ? 
_exptl_crystal.size_mid                    ? 
_exptl_crystal.size_min                    ? 
_exptl_crystal.size_rad                    ? 
_exptl_crystal.colour_lustre               ? 
_exptl_crystal.colour_modifier             ? 
_exptl_crystal.colour_primary              ? 
_exptl_crystal.density_meas                ? 
_exptl_crystal.density_meas_esd            ? 
_exptl_crystal.density_meas_gt             ? 
_exptl_crystal.density_meas_lt             ? 
_exptl_crystal.density_meas_temp           ? 
_exptl_crystal.density_meas_temp_esd       ? 
_exptl_crystal.density_meas_temp_gt        ? 
_exptl_crystal.density_meas_temp_lt        ? 
_exptl_crystal.pdbx_crystal_image_url      ? 
_exptl_crystal.pdbx_crystal_image_format   ? 
_exptl_crystal.pdbx_mosaicity              ? 
_exptl_crystal.pdbx_mosaicity_esd          ? 
# 
_exptl_crystal_grow.apparatus       ? 
_exptl_crystal_grow.atmosphere      ? 
_exptl_crystal_grow.crystal_id      1 
_exptl_crystal_grow.details         ? 
_exptl_crystal_grow.method          'VAPOR DIFFUSION, SITTING DROP' 
_exptl_crystal_grow.method_ref      ? 
_exptl_crystal_grow.pH              6.0 
_exptl_crystal_grow.pressure        ? 
_exptl_crystal_grow.pressure_esd    ? 
_exptl_crystal_grow.seeding         ? 
_exptl_crystal_grow.seeding_ref     ? 
_exptl_crystal_grow.temp            298 
_exptl_crystal_grow.temp_details    ? 
_exptl_crystal_grow.temp_esd        ? 
_exptl_crystal_grow.time            ? 
_exptl_crystal_grow.pdbx_details    '12% PEG 8000, 100 mM MES pH 6.0' 
_exptl_crystal_grow.pdbx_pH_range   ? 
# 
_diffrn.ambient_environment              ? 
_diffrn.ambient_temp                     100 
_diffrn.ambient_temp_details             ? 
_diffrn.ambient_temp_esd                 ? 
_diffrn.crystal_id                       1 
_diffrn.crystal_support                  ? 
_diffrn.crystal_treatment                ? 
_diffrn.details                          ? 
_diffrn.id                               1 
_diffrn.ambient_pressure                 ? 
_diffrn.ambient_pressure_esd             ? 
_diffrn.ambient_pressure_gt              ? 
_diffrn.ambient_pressure_lt              ? 
_diffrn.ambient_temp_gt                  ? 
_diffrn.ambient_temp_lt                  ? 
_diffrn.pdbx_serial_crystal_experiment   N 
# 
_diffrn_detector.details                      Mirrors 
_diffrn_detector.detector                     'IMAGE PLATE' 
_diffrn_detector.diffrn_id                    1 
_diffrn_detector.type                         'RIGAKU RAXIS IV++' 
_diffrn_detector.area_resol_mean              ? 
_diffrn_detector.dtime                        ? 
_diffrn_detector.pdbx_frames_total            ? 
_diffrn_detector.pdbx_collection_time_total   ? 
_diffrn_detector.pdbx_collection_date         2018-01-26 
_diffrn_detector.pdbx_frequency               ? 
# 
_diffrn_radiation.collimation                      ? 
_diffrn_radiation.diffrn_id                        1 
_diffrn_radiation.filter_edge                      ? 
_diffrn_radiation.inhomogeneity                    ? 
_diffrn_radiation.monochromator                    ? 
_diffrn_radiation.polarisn_norm                    ? 
_diffrn_radiation.polarisn_ratio                   ? 
_diffrn_radiation.probe                            ? 
_diffrn_radiation.type                             ? 
_diffrn_radiation.xray_symbol                      ? 
_diffrn_radiation.wavelength_id                    1 
_diffrn_radiation.pdbx_monochromatic_or_laue_m_l   M 
_diffrn_radiation.pdbx_wavelength_list             ? 
_diffrn_radiation.pdbx_wavelength                  ? 
_diffrn_radiation.pdbx_diffrn_protocol             'SINGLE WAVELENGTH' 
_diffrn_radiation.pdbx_analyzer                    ? 
_diffrn_radiation.pdbx_scattering_type             x-ray 
# 
_diffrn_radiation_wavelength.id           1 
_diffrn_radiation_wavelength.wavelength   1.5418 
_diffrn_radiation_wavelength.wt           1.0 
# 
_diffrn_source.current                     ? 
_diffrn_source.details                     ? 
_diffrn_source.diffrn_id                   1 
_diffrn_source.power                       ? 
_diffrn_source.size                        ? 
_diffrn_source.source                      'ROTATING ANODE' 
_diffrn_source.target                      ? 
_diffrn_source.type                        'RIGAKU MICROMAX-007 HF' 
_diffrn_source.voltage                     ? 
_diffrn_source.take-off_angle              ? 
_diffrn_source.pdbx_wavelength_list        1.5418 
_diffrn_source.pdbx_wavelength             ? 
_diffrn_source.pdbx_synchrotron_beamline   ? 
_diffrn_source.pdbx_synchrotron_site       ? 
# 
_reflns.B_iso_Wilson_estimate            17.84 
_reflns.entry_id                         7LUL 
_reflns.data_reduction_details           ? 
_reflns.data_reduction_method            ? 
_reflns.d_resolution_high                1.55 
_reflns.d_resolution_low                 59.930 
_reflns.details                          ? 
_reflns.limit_h_max                      ? 
_reflns.limit_h_min                      ? 
_reflns.limit_k_max                      ? 
_reflns.limit_k_min                      ? 
_reflns.limit_l_max                      ? 
_reflns.limit_l_min                      ? 
_reflns.number_all                       ? 
_reflns.number_obs                       18361 
_reflns.observed_criterion               ? 
_reflns.observed_criterion_F_max         ? 
_reflns.observed_criterion_F_min         ? 
_reflns.observed_criterion_I_max         ? 
_reflns.observed_criterion_I_min         ? 
_reflns.observed_criterion_sigma_F       ? 
_reflns.observed_criterion_sigma_I       ? 
_reflns.percent_possible_obs             91.3 
_reflns.R_free_details                   ? 
_reflns.Rmerge_F_all                     ? 
_reflns.Rmerge_F_obs                     ? 
_reflns.Friedel_coverage                 ? 
_reflns.number_gt                        ? 
_reflns.threshold_expression             ? 
_reflns.pdbx_redundancy                  8.9 
_reflns.pdbx_Rmerge_I_obs                0.03300 
_reflns.pdbx_Rmerge_I_all                ? 
_reflns.pdbx_Rsym_value                  ? 
_reflns.pdbx_netI_over_av_sigmaI         ? 
_reflns.pdbx_netI_over_sigmaI            34.9000 
_reflns.pdbx_res_netI_over_av_sigmaI_2   ? 
_reflns.pdbx_res_netI_over_sigmaI_2      ? 
_reflns.pdbx_chi_squared                 ? 
_reflns.pdbx_scaling_rejects             ? 
_reflns.pdbx_d_res_high_opt              ? 
_reflns.pdbx_d_res_low_opt               ? 
_reflns.pdbx_d_res_opt_method            ? 
_reflns.phase_calculation_details        ? 
_reflns.pdbx_Rrim_I_all                  ? 
_reflns.pdbx_Rpim_I_all                  ? 
_reflns.pdbx_d_opt                       ? 
_reflns.pdbx_number_measured_all         ? 
_reflns.pdbx_diffrn_id                   1 
_reflns.pdbx_ordinal                     1 
_reflns.pdbx_CC_half                     1.000 
_reflns.pdbx_CC_star                     ? 
_reflns.pdbx_R_split                     ? 
# 
_reflns_shell.d_res_high                  1.55 
_reflns_shell.d_res_low                   1.58 
_reflns_shell.meanI_over_sigI_all         ? 
_reflns_shell.meanI_over_sigI_obs         1.5 
_reflns_shell.number_measured_all         ? 
_reflns_shell.number_measured_obs         ? 
_reflns_shell.number_possible             ? 
_reflns_shell.number_unique_all           ? 
_reflns_shell.number_unique_obs           298 
_reflns_shell.percent_possible_all        30.4 
_reflns_shell.percent_possible_obs        ? 
_reflns_shell.Rmerge_F_all                ? 
_reflns_shell.Rmerge_F_obs                ? 
_reflns_shell.Rmerge_I_all                ? 
_reflns_shell.Rmerge_I_obs                0.50100 
_reflns_shell.meanI_over_sigI_gt          ? 
_reflns_shell.meanI_over_uI_all           ? 
_reflns_shell.meanI_over_uI_gt            ? 
_reflns_shell.number_measured_gt          ? 
_reflns_shell.number_unique_gt            ? 
_reflns_shell.percent_possible_gt         ? 
_reflns_shell.Rmerge_F_gt                 ? 
_reflns_shell.Rmerge_I_gt                 ? 
_reflns_shell.pdbx_redundancy             2.20 
_reflns_shell.pdbx_Rsym_value             ? 
_reflns_shell.pdbx_chi_squared            ? 
_reflns_shell.pdbx_netI_over_sigmaI_all   ? 
_reflns_shell.pdbx_netI_over_sigmaI_obs   ? 
_reflns_shell.pdbx_Rrim_I_all             ? 
_reflns_shell.pdbx_Rpim_I_all             ? 
_reflns_shell.pdbx_rejects                ? 
_reflns_shell.pdbx_ordinal                1 
_reflns_shell.pdbx_diffrn_id              1 
_reflns_shell.pdbx_CC_half                0.531 
_reflns_shell.pdbx_CC_star                ? 
_reflns_shell.pdbx_R_split                ? 
# 
_refine.aniso_B[1][1]                            ? 
_refine.aniso_B[1][2]                            ? 
_refine.aniso_B[1][3]                            ? 
_refine.aniso_B[2][2]                            ? 
_refine.aniso_B[2][3]                            ? 
_refine.aniso_B[3][3]                            ? 
_refine.B_iso_max                                ? 
_refine.B_iso_mean                               21.77 
_refine.B_iso_min                                ? 
_refine.correlation_coeff_Fo_to_Fc               ? 
_refine.correlation_coeff_Fo_to_Fc_free          ? 
_refine.details                                  ? 
_refine.diff_density_max                         ? 
_refine.diff_density_max_esd                     ? 
_refine.diff_density_min                         ? 
_refine.diff_density_min_esd                     ? 
_refine.diff_density_rms                         ? 
_refine.diff_density_rms_esd                     ? 
_refine.entry_id                                 7LUL 
_refine.pdbx_refine_id                           'X-RAY DIFFRACTION' 
_refine.ls_abs_structure_details                 ? 
_refine.ls_abs_structure_Flack                   ? 
_refine.ls_abs_structure_Flack_esd               ? 
_refine.ls_abs_structure_Rogers                  ? 
_refine.ls_abs_structure_Rogers_esd              ? 
_refine.ls_d_res_high                            1.65 
_refine.ls_d_res_low                             38.03 
_refine.ls_extinction_coef                       ? 
_refine.ls_extinction_coef_esd                   ? 
_refine.ls_extinction_expression                 ? 
_refine.ls_extinction_method                     ? 
_refine.ls_goodness_of_fit_all                   ? 
_refine.ls_goodness_of_fit_all_esd               ? 
_refine.ls_goodness_of_fit_obs                   ? 
_refine.ls_goodness_of_fit_obs_esd               ? 
_refine.ls_hydrogen_treatment                    ? 
_refine.ls_matrix_type                           ? 
_refine.ls_number_constraints                    ? 
_refine.ls_number_parameters                     ? 
_refine.ls_number_reflns_all                     ? 
_refine.ls_number_reflns_obs                     16461 
_refine.ls_number_reflns_R_free                  1642 
_refine.ls_number_reflns_R_work                  14819 
_refine.ls_number_restraints                     ? 
_refine.ls_percent_reflns_obs                    98.62 
_refine.ls_percent_reflns_R_free                 9.98 
_refine.ls_R_factor_all                          ? 
_refine.ls_R_factor_obs                          0.1809 
_refine.ls_R_factor_R_free                       0.1897 
_refine.ls_R_factor_R_free_error                 ? 
_refine.ls_R_factor_R_free_error_details         ? 
_refine.ls_R_factor_R_work                       0.1799 
_refine.ls_R_Fsqd_factor_obs                     ? 
_refine.ls_R_I_factor_obs                        ? 
_refine.ls_redundancy_reflns_all                 ? 
_refine.ls_redundancy_reflns_obs                 ? 
_refine.ls_restrained_S_all                      ? 
_refine.ls_restrained_S_obs                      ? 
_refine.ls_shift_over_esd_max                    ? 
_refine.ls_shift_over_esd_mean                   ? 
_refine.ls_structure_factor_coef                 ? 
_refine.ls_weighting_details                     ? 
_refine.ls_weighting_scheme                      ? 
_refine.ls_wR_factor_all                         ? 
_refine.ls_wR_factor_obs                         ? 
_refine.ls_wR_factor_R_free                      ? 
_refine.ls_wR_factor_R_work                      ? 
_refine.occupancy_max                            ? 
_refine.occupancy_min                            ? 
_refine.solvent_model_details                    'FLAT BULK SOLVENT MODEL' 
_refine.solvent_model_param_bsol                 ? 
_refine.solvent_model_param_ksol                 ? 
_refine.pdbx_R_complete                          ? 
_refine.ls_R_factor_gt                           ? 
_refine.ls_goodness_of_fit_gt                    ? 
_refine.ls_goodness_of_fit_ref                   ? 
_refine.ls_shift_over_su_max                     ? 
_refine.ls_shift_over_su_max_lt                  ? 
_refine.ls_shift_over_su_mean                    ? 
_refine.ls_shift_over_su_mean_lt                 ? 
_refine.pdbx_ls_sigma_I                          ? 
_refine.pdbx_ls_sigma_F                          1.37 
_refine.pdbx_ls_sigma_Fsqd                       ? 
_refine.pdbx_data_cutoff_high_absF               ? 
_refine.pdbx_data_cutoff_high_rms_absF           ? 
_refine.pdbx_data_cutoff_low_absF                ? 
_refine.pdbx_isotropic_thermal_model             ? 
_refine.pdbx_ls_cross_valid_method               'FREE R-VALUE' 
_refine.pdbx_method_to_determine_struct          'MOLECULAR REPLACEMENT' 
_refine.pdbx_starting_model                      'SWISS-MODELLER MODEL' 
_refine.pdbx_stereochemistry_target_values       'GeoStd + Monomer Library + CDL v1.2' 
_refine.pdbx_R_Free_selection_details            ? 
_refine.pdbx_stereochem_target_val_spec_case     ? 
_refine.pdbx_overall_ESU_R                       ? 
_refine.pdbx_overall_ESU_R_Free                  ? 
_refine.pdbx_solvent_vdw_probe_radii             1.1100 
_refine.pdbx_solvent_ion_probe_radii             ? 
_refine.pdbx_solvent_shrinkage_radii             0.9000 
_refine.pdbx_real_space_R                        ? 
_refine.pdbx_density_correlation                 ? 
_refine.pdbx_pd_number_of_powder_patterns        ? 
_refine.pdbx_pd_number_of_points                 ? 
_refine.pdbx_pd_meas_number_of_points            ? 
_refine.pdbx_pd_proc_ls_prof_R_factor            ? 
_refine.pdbx_pd_proc_ls_prof_wR_factor           ? 
_refine.pdbx_pd_Marquardt_correlation_coeff      ? 
_refine.pdbx_pd_Fsqrd_R_factor                   ? 
_refine.pdbx_pd_ls_matrix_band_width             ? 
_refine.pdbx_overall_phase_error                 18.8305 
_refine.pdbx_overall_SU_R_free_Cruickshank_DPI   ? 
_refine.pdbx_overall_SU_R_free_Blow_DPI          ? 
_refine.pdbx_overall_SU_R_Blow_DPI               ? 
_refine.pdbx_TLS_residual_ADP_flag               ? 
_refine.pdbx_diffrn_id                           1 
_refine.overall_SU_B                             ? 
_refine.overall_SU_ML                            0.1364 
_refine.overall_SU_R_Cruickshank_DPI             ? 
_refine.overall_SU_R_free                        ? 
_refine.overall_FOM_free_R_set                   ? 
_refine.overall_FOM_work_R_set                   ? 
_refine.pdbx_average_fsc_overall                 ? 
_refine.pdbx_average_fsc_work                    ? 
_refine.pdbx_average_fsc_free                    ? 
# 
_refine_hist.pdbx_refine_id                   'X-RAY DIFFRACTION' 
_refine_hist.cycle_id                         LAST 
_refine_hist.details                          ? 
_refine_hist.d_res_high                       1.65 
_refine_hist.d_res_low                        38.03 
_refine_hist.number_atoms_solvent             140 
_refine_hist.number_atoms_total               972 
_refine_hist.number_reflns_all                ? 
_refine_hist.number_reflns_obs                ? 
_refine_hist.number_reflns_R_free             ? 
_refine_hist.number_reflns_R_work             ? 
_refine_hist.R_factor_all                     ? 
_refine_hist.R_factor_obs                     ? 
_refine_hist.R_factor_R_free                  ? 
_refine_hist.R_factor_R_work                  ? 
_refine_hist.pdbx_number_residues_total       ? 
_refine_hist.pdbx_B_iso_mean_ligand           ? 
_refine_hist.pdbx_B_iso_mean_solvent          ? 
_refine_hist.pdbx_number_atoms_protein        804 
_refine_hist.pdbx_number_atoms_nucleic_acid   0 
_refine_hist.pdbx_number_atoms_ligand         28 
_refine_hist.pdbx_number_atoms_lipid          ? 
_refine_hist.pdbx_number_atoms_carb           ? 
_refine_hist.pdbx_pseudo_atom_details         ? 
# 
loop_
_refine_ls_restr.pdbx_refine_id 
_refine_ls_restr.criterion 
_refine_ls_restr.dev_ideal 
_refine_ls_restr.dev_ideal_target 
_refine_ls_restr.number 
_refine_ls_restr.rejects 
_refine_ls_restr.type 
_refine_ls_restr.weight 
_refine_ls_restr.pdbx_restraint_function 
'X-RAY DIFFRACTION' ? 0.0072  ? 923  ? f_bond_d           ? ? 
'X-RAY DIFFRACTION' ? 0.8735  ? 1251 ? f_angle_d          ? ? 
'X-RAY DIFFRACTION' ? 0.0661  ? 130  ? f_chiral_restr     ? ? 
'X-RAY DIFFRACTION' ? 0.0073  ? 168  ? f_plane_restr      ? ? 
'X-RAY DIFFRACTION' ? 15.6282 ? 364  ? f_dihedral_angle_d ? ? 
# 
loop_
_refine_ls_shell.pdbx_refine_id 
_refine_ls_shell.d_res_high 
_refine_ls_shell.d_res_low 
_refine_ls_shell.number_reflns_all 
_refine_ls_shell.number_reflns_obs 
_refine_ls_shell.number_reflns_R_free 
_refine_ls_shell.number_reflns_R_work 
_refine_ls_shell.percent_reflns_obs 
_refine_ls_shell.percent_reflns_R_free 
_refine_ls_shell.R_factor_all 
_refine_ls_shell.R_factor_obs 
_refine_ls_shell.R_factor_R_free 
_refine_ls_shell.R_factor_R_free_error 
_refine_ls_shell.R_factor_R_work 
_refine_ls_shell.redundancy_reflns_all 
_refine_ls_shell.redundancy_reflns_obs 
_refine_ls_shell.wR_factor_all 
_refine_ls_shell.wR_factor_obs 
_refine_ls_shell.wR_factor_R_free 
_refine_ls_shell.wR_factor_R_work 
_refine_ls_shell.pdbx_R_complete 
_refine_ls_shell.pdbx_total_number_of_bins_used 
_refine_ls_shell.pdbx_phase_error 
_refine_ls_shell.pdbx_fsc_work 
_refine_ls_shell.pdbx_fsc_free 
'X-RAY DIFFRACTION' 1.65 1.70  . . 117 1062 87.01  . . . 0.2339 . 0.2205 . . . . . . . . . . . 
'X-RAY DIFFRACTION' 1.70 1.75  . . 127 1186 96.19  . . . 0.2149 . 0.2075 . . . . . . . . . . . 
'X-RAY DIFFRACTION' 1.75 1.82  . . 141 1239 99.93  . . . 0.2990 . 0.2496 . . . . . . . . . . . 
'X-RAY DIFFRACTION' 1.82 1.89  . . 138 1238 99.93  . . . 0.2421 . 0.1986 . . . . . . . . . . . 
'X-RAY DIFFRACTION' 1.89 1.97  . . 137 1246 100.00 . . . 0.2051 . 0.1720 . . . . . . . . . . . 
'X-RAY DIFFRACTION' 1.97 2.08  . . 138 1222 100.00 . . . 0.1960 . 0.1672 . . . . . . . . . . . 
'X-RAY DIFFRACTION' 2.08 2.21  . . 139 1245 100.00 . . . 0.2061 . 0.1842 . . . . . . . . . . . 
'X-RAY DIFFRACTION' 2.21 2.38  . . 132 1256 100.00 . . . 0.1933 . 0.1779 . . . . . . . . . . . 
'X-RAY DIFFRACTION' 2.38 2.62  . . 143 1248 100.00 . . . 0.1865 . 0.1848 . . . . . . . . . . . 
'X-RAY DIFFRACTION' 2.62 3.00  . . 140 1269 100.00 . . . 0.2209 . 0.1777 . . . . . . . . . . . 
'X-RAY DIFFRACTION' 3.00 3.78  . . 145 1272 100.00 . . . 0.1770 . 0.1731 . . . . . . . . . . . 
'X-RAY DIFFRACTION' 3.78 38.03 . . 145 1336 100.00 . . . 0.1430 . 0.1672 . . . . . . . . . . . 
# 
_struct.entry_id                     7LUL 
_struct.title                        'Structure of the MM2 Erbin PDZ variant in complex with a high-affinity peptide' 
_struct.pdbx_model_details           ? 
_struct.pdbx_formula_weight          ? 
_struct.pdbx_formula_weight_method   ? 
_struct.pdbx_model_type_details      ? 
_struct.pdbx_CASP_flag               N 
# 
_struct_keywords.entry_id        7LUL 
_struct_keywords.text            'Phage display, directed evolution, -2 position, specificity, phage library, SIGNALING PROTEIN' 
_struct_keywords.pdbx_keywords   'SIGNALING PROTEIN' 
# 
loop_
_struct_asym.id 
_struct_asym.pdbx_blank_PDB_chainid_flag 
_struct_asym.pdbx_modified 
_struct_asym.entity_id 
_struct_asym.details 
A N N 1 ? 
B N N 2 ? 
C N N 3 ? 
D N N 4 ? 
E N N 4 ? 
F N N 5 ? 
G N N 6 ? 
H N N 7 ? 
I N N 7 ? 
# 
loop_
_struct_ref.id 
_struct_ref.db_name 
_struct_ref.db_code 
_struct_ref.pdbx_db_accession 
_struct_ref.pdbx_db_isoform 
_struct_ref.entity_id 
_struct_ref.pdbx_seq_one_letter_code 
_struct_ref.pdbx_align_begin 
1 UNP ERBIN_HUMAN Q96RT1 ? 1 
;EIRVRVEKDPELGFSISGGVGGRGNPFRPDDDGIFVTRVQPEGPASKLLQPGDKIIQANGYSFINIEHGQAVSLLKTFQN
TVELIIVREVSS
;
1321 
2 PDB 7LUL        7LUL   ? 2 ?                                                                                               1    
# 
loop_
_struct_ref_seq.align_id 
_struct_ref_seq.ref_id 
_struct_ref_seq.pdbx_PDB_id_code 
_struct_ref_seq.pdbx_strand_id 
_struct_ref_seq.seq_align_beg 
_struct_ref_seq.pdbx_seq_align_beg_ins_code 
_struct_ref_seq.seq_align_end 
_struct_ref_seq.pdbx_seq_align_end_ins_code 
_struct_ref_seq.pdbx_db_accession 
_struct_ref_seq.db_align_beg 
_struct_ref_seq.pdbx_db_align_beg_ins_code 
_struct_ref_seq.db_align_end 
_struct_ref_seq.pdbx_db_align_end_ins_code 
_struct_ref_seq.pdbx_auth_seq_align_beg 
_struct_ref_seq.pdbx_auth_seq_align_end 
1 1 7LUL A 4 ? 95 ? Q96RT1 1321 ? 1412 ? 22 113 
2 2 7LUL B 1 ? 7  ? 7LUL   -4   ? 2    ? -4 2   
# 
loop_
_struct_ref_seq_dif.align_id 
_struct_ref_seq_dif.pdbx_pdb_id_code 
_struct_ref_seq_dif.mon_id 
_struct_ref_seq_dif.pdbx_pdb_strand_id 
_struct_ref_seq_dif.seq_num 
_struct_ref_seq_dif.pdbx_pdb_ins_code 
_struct_ref_seq_dif.pdbx_seq_db_name 
_struct_ref_seq_dif.pdbx_seq_db_accession_code 
_struct_ref_seq_dif.db_mon_id 
_struct_ref_seq_dif.pdbx_seq_db_seq_num 
_struct_ref_seq_dif.details 
_struct_ref_seq_dif.pdbx_auth_seq_num 
_struct_ref_seq_dif.pdbx_ordinal 
1 7LUL SER A 1  ? UNP Q96RT1 ?   ?    'expression tag'      19 1 
1 7LUL SER A 2  ? UNP Q96RT1 ?   ?    'expression tag'      20 2 
1 7LUL MET A 3  ? UNP Q96RT1 ?   ?    'expression tag'      21 3 
1 7LUL ARG A 70 ? UNP Q96RT1 GLU 1387 'engineered mutation' 88 4 
1 7LUL LEU A 71 ? UNP Q96RT1 HIS 1388 'engineered mutation' 89 5 
1 7LUL GLU A 72 ? UNP Q96RT1 GLY 1389 'engineered mutation' 90 6 
1 7LUL GLU A 73 ? UNP Q96RT1 GLN 1390 'engineered mutation' 91 7 
1 7LUL GLU A 75 ? UNP Q96RT1 VAL 1392 'engineered mutation' 93 8 
1 7LUL ARG A 76 ? UNP Q96RT1 SER 1393 'engineered mutation' 94 9 
# 
_pdbx_struct_assembly.id                   1 
_pdbx_struct_assembly.details              author_and_software_defined_assembly 
_pdbx_struct_assembly.method_details       PISA 
_pdbx_struct_assembly.oligomeric_details   dimeric 
_pdbx_struct_assembly.oligomeric_count     2 
# 
_pdbx_struct_assembly_gen.assembly_id       1 
_pdbx_struct_assembly_gen.oper_expression   1 
_pdbx_struct_assembly_gen.asym_id_list      A,B,C,D,E,F,G,H,I 
# 
_pdbx_struct_assembly_auth_evidence.id                     1 
_pdbx_struct_assembly_auth_evidence.assembly_id            1 
_pdbx_struct_assembly_auth_evidence.experimental_support   none 
_pdbx_struct_assembly_auth_evidence.details                ? 
# 
_pdbx_struct_oper_list.id                   1 
_pdbx_struct_oper_list.type                 'identity operation' 
_pdbx_struct_oper_list.name                 1_555 
_pdbx_struct_oper_list.symmetry_operation   x,y,z 
_pdbx_struct_oper_list.matrix[1][1]         1.0000000000 
_pdbx_struct_oper_list.matrix[1][2]         0.0000000000 
_pdbx_struct_oper_list.matrix[1][3]         0.0000000000 
_pdbx_struct_oper_list.vector[1]            0.0000000000 
_pdbx_struct_oper_list.matrix[2][1]         0.0000000000 
_pdbx_struct_oper_list.matrix[2][2]         1.0000000000 
_pdbx_struct_oper_list.matrix[2][3]         0.0000000000 
_pdbx_struct_oper_list.vector[2]            0.0000000000 
_pdbx_struct_oper_list.matrix[3][1]         0.0000000000 
_pdbx_struct_oper_list.matrix[3][2]         0.0000000000 
_pdbx_struct_oper_list.matrix[3][3]         1.0000000000 
_pdbx_struct_oper_list.vector[3]            0.0000000000 
# 
_struct_conf.conf_type_id            HELX_P 
_struct_conf.id                      HELX_P1 
_struct_conf.pdbx_PDB_helix_id       AA1 
_struct_conf.beg_label_comp_id       ARG 
_struct_conf.beg_label_asym_id       A 
_struct_conf.beg_label_seq_id        70 
_struct_conf.pdbx_beg_PDB_ins_code   ? 
_struct_conf.end_label_comp_id       PHE 
_struct_conf.end_label_asym_id       A 
_struct_conf.end_label_seq_id        81 
_struct_conf.pdbx_end_PDB_ins_code   ? 
_struct_conf.beg_auth_comp_id        ARG 
_struct_conf.beg_auth_asym_id        A 
_struct_conf.beg_auth_seq_id         88 
_struct_conf.end_auth_comp_id        PHE 
_struct_conf.end_auth_asym_id        A 
_struct_conf.end_auth_seq_id         99 
_struct_conf.pdbx_PDB_helix_class    1 
_struct_conf.details                 ? 
_struct_conf.pdbx_PDB_helix_length   12 
# 
_struct_conf_type.id          HELX_P 
_struct_conf_type.criteria    ? 
_struct_conf_type.reference   ? 
# 
_struct_conn.id                            metalc1 
_struct_conn.conn_type_id                  metalc 
_struct_conn.pdbx_leaving_atom_flag        ? 
_struct_conn.pdbx_PDB_id                   ? 
_struct_conn.ptnr1_label_asym_id           A 
_struct_conn.ptnr1_label_comp_id           ASP 
_struct_conn.ptnr1_label_seq_id            12 
_struct_conn.ptnr1_label_atom_id           OD2 
_struct_conn.pdbx_ptnr1_label_alt_id       ? 
_struct_conn.pdbx_ptnr1_PDB_ins_code       ? 
_struct_conn.pdbx_ptnr1_standard_comp_id   ? 
_struct_conn.ptnr1_symmetry                1_555 
_struct_conn.ptnr2_label_asym_id           F 
_struct_conn.ptnr2_label_comp_id           NA 
_struct_conn.ptnr2_label_seq_id            . 
_struct_conn.ptnr2_label_atom_id           NA 
_struct_conn.pdbx_ptnr2_label_alt_id       ? 
_struct_conn.pdbx_ptnr2_PDB_ins_code       ? 
_struct_conn.ptnr1_auth_asym_id            A 
_struct_conn.ptnr1_auth_comp_id            ASP 
_struct_conn.ptnr1_auth_seq_id             30 
_struct_conn.ptnr2_auth_asym_id            A 
_struct_conn.ptnr2_auth_comp_id            NA 
_struct_conn.ptnr2_auth_seq_id             204 
_struct_conn.ptnr2_symmetry                1_555 
_struct_conn.pdbx_ptnr3_label_atom_id      ? 
_struct_conn.pdbx_ptnr3_label_seq_id       ? 
_struct_conn.pdbx_ptnr3_label_comp_id      ? 
_struct_conn.pdbx_ptnr3_label_asym_id      ? 
_struct_conn.pdbx_ptnr3_label_alt_id       ? 
_struct_conn.pdbx_ptnr3_PDB_ins_code       ? 
_struct_conn.details                       ? 
_struct_conn.pdbx_dist_value               2.687 
_struct_conn.pdbx_value_order              ? 
_struct_conn.pdbx_role                     ? 
# 
_struct_conn_type.id          metalc 
_struct_conn_type.criteria    ? 
_struct_conn_type.reference   ? 
# 
_struct_mon_prot_cis.pdbx_id                1 
_struct_mon_prot_cis.label_comp_id          ASP 
_struct_mon_prot_cis.label_seq_id           12 
_struct_mon_prot_cis.label_asym_id          A 
_struct_mon_prot_cis.label_alt_id           . 
_struct_mon_prot_cis.pdbx_PDB_ins_code      ? 
_struct_mon_prot_cis.auth_comp_id           ASP 
_struct_mon_prot_cis.auth_seq_id            30 
_struct_mon_prot_cis.auth_asym_id           A 
_struct_mon_prot_cis.pdbx_label_comp_id_2   PRO 
_struct_mon_prot_cis.pdbx_label_seq_id_2    13 
_struct_mon_prot_cis.pdbx_label_asym_id_2   A 
_struct_mon_prot_cis.pdbx_PDB_ins_code_2    ? 
_struct_mon_prot_cis.pdbx_auth_comp_id_2    PRO 
_struct_mon_prot_cis.pdbx_auth_seq_id_2     31 
_struct_mon_prot_cis.pdbx_auth_asym_id_2    A 
_struct_mon_prot_cis.pdbx_PDB_model_num     1 
_struct_mon_prot_cis.pdbx_omega_angle       3.76 
# 
loop_
_struct_sheet.id 
_struct_sheet.type 
_struct_sheet.number_strands 
_struct_sheet.details 
AA1 ? 4 ? 
AA2 ? 6 ? 
# 
loop_
_struct_sheet_order.sheet_id 
_struct_sheet_order.range_id_1 
_struct_sheet_order.range_id_2 
_struct_sheet_order.offset 
_struct_sheet_order.sense 
AA1 1 2 ? anti-parallel 
AA1 2 3 ? anti-parallel 
AA1 3 4 ? anti-parallel 
AA2 1 2 ? anti-parallel 
AA2 2 3 ? anti-parallel 
AA2 3 4 ? anti-parallel 
AA2 4 5 ? anti-parallel 
AA2 5 6 ? anti-parallel 
# 
loop_
_struct_sheet_range.sheet_id 
_struct_sheet_range.id 
_struct_sheet_range.beg_label_comp_id 
_struct_sheet_range.beg_label_asym_id 
_struct_sheet_range.beg_label_seq_id 
_struct_sheet_range.pdbx_beg_PDB_ins_code 
_struct_sheet_range.end_label_comp_id 
_struct_sheet_range.end_label_asym_id 
_struct_sheet_range.end_label_seq_id 
_struct_sheet_range.pdbx_end_PDB_ins_code 
_struct_sheet_range.beg_auth_comp_id 
_struct_sheet_range.beg_auth_asym_id 
_struct_sheet_range.beg_auth_seq_id 
_struct_sheet_range.end_auth_comp_id 
_struct_sheet_range.end_auth_asym_id 
_struct_sheet_range.end_auth_seq_id 
AA1 1 SER A 2  ? GLU A 10 ? SER A 20  GLU A 28  
AA1 2 THR A 84 ? GLU A 92 ? THR A 102 GLU A 110 
AA1 3 LYS A 57 ? ALA A 61 ? LYS A 75  ALA A 79  
AA1 4 TYR A 64 ? SER A 65 ? TYR A 82  SER A 83  
AA2 1 SER A 2  ? GLU A 10 ? SER A 20  GLU A 28  
AA2 2 THR A 84 ? GLU A 92 ? THR A 102 GLU A 110 
AA2 3 LYS A 57 ? ALA A 61 ? LYS A 75  ALA A 79  
AA2 4 ILE A 37 ? VAL A 42 ? ILE A 55  VAL A 60  
AA2 5 PHE A 17 ? GLY A 21 ? PHE A 35  GLY A 39  
AA2 6 ARG B 5  ? TRP B 6  ? ARG B 0   TRP B 1   
# 
loop_
_pdbx_struct_sheet_hbond.sheet_id 
_pdbx_struct_sheet_hbond.range_id_1 
_pdbx_struct_sheet_hbond.range_id_2 
_pdbx_struct_sheet_hbond.range_1_label_atom_id 
_pdbx_struct_sheet_hbond.range_1_label_comp_id 
_pdbx_struct_sheet_hbond.range_1_label_asym_id 
_pdbx_struct_sheet_hbond.range_1_label_seq_id 
_pdbx_struct_sheet_hbond.range_1_PDB_ins_code 
_pdbx_struct_sheet_hbond.range_1_auth_atom_id 
_pdbx_struct_sheet_hbond.range_1_auth_comp_id 
_pdbx_struct_sheet_hbond.range_1_auth_asym_id 
_pdbx_struct_sheet_hbond.range_1_auth_seq_id 
_pdbx_struct_sheet_hbond.range_2_label_atom_id 
_pdbx_struct_sheet_hbond.range_2_label_comp_id 
_pdbx_struct_sheet_hbond.range_2_label_asym_id 
_pdbx_struct_sheet_hbond.range_2_label_seq_id 
_pdbx_struct_sheet_hbond.range_2_PDB_ins_code 
_pdbx_struct_sheet_hbond.range_2_auth_atom_id 
_pdbx_struct_sheet_hbond.range_2_auth_comp_id 
_pdbx_struct_sheet_hbond.range_2_auth_asym_id 
_pdbx_struct_sheet_hbond.range_2_auth_seq_id 
AA1 1 2 N VAL A 7  ? N VAL A 25  O LEU A 87 ? O LEU A 105 
AA1 2 3 O ILE A 88 ? O ILE A 106 N ILE A 59 ? N ILE A 77  
AA1 3 4 N ALA A 61 ? N ALA A 79  O TYR A 64 ? O TYR A 82  
AA2 1 2 N VAL A 7  ? N VAL A 25  O LEU A 87 ? O LEU A 105 
AA2 2 3 O ILE A 88 ? O ILE A 106 N ILE A 59 ? N ILE A 77  
AA2 3 4 O ILE A 58 ? O ILE A 76  N ILE A 37 ? N ILE A 55  
AA2 4 5 O PHE A 38 ? O PHE A 56  N SER A 20 ? N SER A 38  
AA2 5 6 N ILE A 19 ? N ILE A 37  O ARG B 5  ? O ARG B 0   
# 
loop_
_pdbx_validate_close_contact.id 
_pdbx_validate_close_contact.PDB_model_num 
_pdbx_validate_close_contact.auth_atom_id_1 
_pdbx_validate_close_contact.auth_asym_id_1 
_pdbx_validate_close_contact.auth_comp_id_1 
_pdbx_validate_close_contact.auth_seq_id_1 
_pdbx_validate_close_contact.PDB_ins_code_1 
_pdbx_validate_close_contact.label_alt_id_1 
_pdbx_validate_close_contact.auth_atom_id_2 
_pdbx_validate_close_contact.auth_asym_id_2 
_pdbx_validate_close_contact.auth_comp_id_2 
_pdbx_validate_close_contact.auth_seq_id_2 
_pdbx_validate_close_contact.PDB_ins_code_2 
_pdbx_validate_close_contact.label_alt_id_2 
_pdbx_validate_close_contact.dist 
1 1 O A HOH 335 ? ? O A HOH 393 ? ? 2.02 
2 1 O A HOH 399 ? ? O A HOH 424 ? ? 2.18 
3 1 O A PRO 50  ? ? O A HOH 301 ? ? 2.19 
# 
loop_
_pdbx_validate_torsion.id 
_pdbx_validate_torsion.PDB_model_num 
_pdbx_validate_torsion.auth_comp_id 
_pdbx_validate_torsion.auth_asym_id 
_pdbx_validate_torsion.auth_seq_id 
_pdbx_validate_torsion.PDB_ins_code 
_pdbx_validate_torsion.label_alt_id 
_pdbx_validate_torsion.phi 
_pdbx_validate_torsion.psi 
1 1 ASP A 30  ? ? -162.62 62.89   
2 1 ASN A 101 ? ? 63.49   -118.28 
# 
_pdbx_struct_special_symmetry.id              1 
_pdbx_struct_special_symmetry.PDB_model_num   1 
_pdbx_struct_special_symmetry.auth_asym_id    A 
_pdbx_struct_special_symmetry.auth_comp_id    HOH 
_pdbx_struct_special_symmetry.auth_seq_id     397 
_pdbx_struct_special_symmetry.PDB_ins_code    ? 
_pdbx_struct_special_symmetry.label_asym_id   H 
_pdbx_struct_special_symmetry.label_comp_id   HOH 
_pdbx_struct_special_symmetry.label_seq_id    . 
# 
loop_
_space_group_symop.id 
_space_group_symop.operation_xyz 
1 x,y,z          
2 -y,x-y,z+2/3   
3 -x+y,-x,z+1/3  
4 x-y,-y,-z+1/3  
5 -x,-x+y,-z+2/3 
6 y,x,-z         
# 
_pdbx_entry_details.entry_id                 7LUL 
_pdbx_entry_details.nonpolymer_details       ? 
_pdbx_entry_details.sequence_details         ? 
_pdbx_entry_details.compound_details         ? 
_pdbx_entry_details.source_details           ? 
_pdbx_entry_details.has_ligand_of_interest   N 
# 
_pdbx_distant_solvent_atoms.id                                1 
_pdbx_distant_solvent_atoms.PDB_model_num                     1 
_pdbx_distant_solvent_atoms.auth_atom_id                      O 
_pdbx_distant_solvent_atoms.label_alt_id                      ? 
_pdbx_distant_solvent_atoms.auth_asym_id                      A 
_pdbx_distant_solvent_atoms.auth_comp_id                      HOH 
_pdbx_distant_solvent_atoms.auth_seq_id                       426 
_pdbx_distant_solvent_atoms.PDB_ins_code                      ? 
_pdbx_distant_solvent_atoms.neighbor_macromolecule_distance   6.80 
_pdbx_distant_solvent_atoms.neighbor_ligand_distance          . 
# 
_pdbx_unobs_or_zero_occ_residues.id               1 
_pdbx_unobs_or_zero_occ_residues.PDB_model_num    1 
_pdbx_unobs_or_zero_occ_residues.polymer_flag     Y 
_pdbx_unobs_or_zero_occ_residues.occupancy_flag   1 
_pdbx_unobs_or_zero_occ_residues.auth_asym_id     A 
_pdbx_unobs_or_zero_occ_residues.auth_comp_id     SER 
_pdbx_unobs_or_zero_occ_residues.auth_seq_id      113 
_pdbx_unobs_or_zero_occ_residues.PDB_ins_code     ? 
_pdbx_unobs_or_zero_occ_residues.label_asym_id    A 
_pdbx_unobs_or_zero_occ_residues.label_comp_id    SER 
_pdbx_unobs_or_zero_occ_residues.label_seq_id     95 
# 
loop_
_chem_comp_atom.comp_id 
_chem_comp_atom.atom_id 
_chem_comp_atom.type_symbol 
_chem_comp_atom.pdbx_aromatic_flag 
_chem_comp_atom.pdbx_stereo_config 
_chem_comp_atom.pdbx_ordinal 
ALA N    N  N N 1   
ALA CA   C  N S 2   
ALA C    C  N N 3   
ALA O    O  N N 4   
ALA CB   C  N N 5   
ALA OXT  O  N N 6   
ALA H    H  N N 7   
ALA H2   H  N N 8   
ALA HA   H  N N 9   
ALA HB1  H  N N 10  
ALA HB2  H  N N 11  
ALA HB3  H  N N 12  
ALA HXT  H  N N 13  
ARG N    N  N N 14  
ARG CA   C  N S 15  
ARG C    C  N N 16  
ARG O    O  N N 17  
ARG CB   C  N N 18  
ARG CG   C  N N 19  
ARG CD   C  N N 20  
ARG NE   N  N N 21  
ARG CZ   C  N N 22  
ARG NH1  N  N N 23  
ARG NH2  N  N N 24  
ARG OXT  O  N N 25  
ARG H    H  N N 26  
ARG H2   H  N N 27  
ARG HA   H  N N 28  
ARG HB2  H  N N 29  
ARG HB3  H  N N 30  
ARG HG2  H  N N 31  
ARG HG3  H  N N 32  
ARG HD2  H  N N 33  
ARG HD3  H  N N 34  
ARG HE   H  N N 35  
ARG HH11 H  N N 36  
ARG HH12 H  N N 37  
ARG HH21 H  N N 38  
ARG HH22 H  N N 39  
ARG HXT  H  N N 40  
ASN N    N  N N 41  
ASN CA   C  N S 42  
ASN C    C  N N 43  
ASN O    O  N N 44  
ASN CB   C  N N 45  
ASN CG   C  N N 46  
ASN OD1  O  N N 47  
ASN ND2  N  N N 48  
ASN OXT  O  N N 49  
ASN H    H  N N 50  
ASN H2   H  N N 51  
ASN HA   H  N N 52  
ASN HB2  H  N N 53  
ASN HB3  H  N N 54  
ASN HD21 H  N N 55  
ASN HD22 H  N N 56  
ASN HXT  H  N N 57  
ASP N    N  N N 58  
ASP CA   C  N S 59  
ASP C    C  N N 60  
ASP O    O  N N 61  
ASP CB   C  N N 62  
ASP CG   C  N N 63  
ASP OD1  O  N N 64  
ASP OD2  O  N N 65  
ASP OXT  O  N N 66  
ASP H    H  N N 67  
ASP H2   H  N N 68  
ASP HA   H  N N 69  
ASP HB2  H  N N 70  
ASP HB3  H  N N 71  
ASP HD2  H  N N 72  
ASP HXT  H  N N 73  
EDO C1   C  N N 74  
EDO O1   O  N N 75  
EDO C2   C  N N 76  
EDO O2   O  N N 77  
EDO H11  H  N N 78  
EDO H12  H  N N 79  
EDO HO1  H  N N 80  
EDO H21  H  N N 81  
EDO H22  H  N N 82  
EDO HO2  H  N N 83  
GLN N    N  N N 84  
GLN CA   C  N S 85  
GLN C    C  N N 86  
GLN O    O  N N 87  
GLN CB   C  N N 88  
GLN CG   C  N N 89  
GLN CD   C  N N 90  
GLN OE1  O  N N 91  
GLN NE2  N  N N 92  
GLN OXT  O  N N 93  
GLN H    H  N N 94  
GLN H2   H  N N 95  
GLN HA   H  N N 96  
GLN HB2  H  N N 97  
GLN HB3  H  N N 98  
GLN HG2  H  N N 99  
GLN HG3  H  N N 100 
GLN HE21 H  N N 101 
GLN HE22 H  N N 102 
GLN HXT  H  N N 103 
GLU N    N  N N 104 
GLU CA   C  N S 105 
GLU C    C  N N 106 
GLU O    O  N N 107 
GLU CB   C  N N 108 
GLU CG   C  N N 109 
GLU CD   C  N N 110 
GLU OE1  O  N N 111 
GLU OE2  O  N N 112 
GLU OXT  O  N N 113 
GLU H    H  N N 114 
GLU H2   H  N N 115 
GLU HA   H  N N 116 
GLU HB2  H  N N 117 
GLU HB3  H  N N 118 
GLU HG2  H  N N 119 
GLU HG3  H  N N 120 
GLU HE2  H  N N 121 
GLU HXT  H  N N 122 
GLY N    N  N N 123 
GLY CA   C  N N 124 
GLY C    C  N N 125 
GLY O    O  N N 126 
GLY OXT  O  N N 127 
GLY H    H  N N 128 
GLY H2   H  N N 129 
GLY HA2  H  N N 130 
GLY HA3  H  N N 131 
GLY HXT  H  N N 132 
HIS N    N  N N 133 
HIS CA   C  N S 134 
HIS C    C  N N 135 
HIS O    O  N N 136 
HIS CB   C  N N 137 
HIS CG   C  Y N 138 
HIS ND1  N  Y N 139 
HIS CD2  C  Y N 140 
HIS CE1  C  Y N 141 
HIS NE2  N  Y N 142 
HIS OXT  O  N N 143 
HIS H    H  N N 144 
HIS H2   H  N N 145 
HIS HA   H  N N 146 
HIS HB2  H  N N 147 
HIS HB3  H  N N 148 
HIS HD1  H  N N 149 
HIS HD2  H  N N 150 
HIS HE1  H  N N 151 
HIS HE2  H  N N 152 
HIS HXT  H  N N 153 
HOH O    O  N N 154 
HOH H1   H  N N 155 
HOH H2   H  N N 156 
ILE N    N  N N 157 
ILE CA   C  N S 158 
ILE C    C  N N 159 
ILE O    O  N N 160 
ILE CB   C  N S 161 
ILE CG1  C  N N 162 
ILE CG2  C  N N 163 
ILE CD1  C  N N 164 
ILE OXT  O  N N 165 
ILE H    H  N N 166 
ILE H2   H  N N 167 
ILE HA   H  N N 168 
ILE HB   H  N N 169 
ILE HG12 H  N N 170 
ILE HG13 H  N N 171 
ILE HG21 H  N N 172 
ILE HG22 H  N N 173 
ILE HG23 H  N N 174 
ILE HD11 H  N N 175 
ILE HD12 H  N N 176 
ILE HD13 H  N N 177 
ILE HXT  H  N N 178 
LEU N    N  N N 179 
LEU CA   C  N S 180 
LEU C    C  N N 181 
LEU O    O  N N 182 
LEU CB   C  N N 183 
LEU CG   C  N N 184 
LEU CD1  C  N N 185 
LEU CD2  C  N N 186 
LEU OXT  O  N N 187 
LEU H    H  N N 188 
LEU H2   H  N N 189 
LEU HA   H  N N 190 
LEU HB2  H  N N 191 
LEU HB3  H  N N 192 
LEU HG   H  N N 193 
LEU HD11 H  N N 194 
LEU HD12 H  N N 195 
LEU HD13 H  N N 196 
LEU HD21 H  N N 197 
LEU HD22 H  N N 198 
LEU HD23 H  N N 199 
LEU HXT  H  N N 200 
LYS N    N  N N 201 
LYS CA   C  N S 202 
LYS C    C  N N 203 
LYS O    O  N N 204 
LYS CB   C  N N 205 
LYS CG   C  N N 206 
LYS CD   C  N N 207 
LYS CE   C  N N 208 
LYS NZ   N  N N 209 
LYS OXT  O  N N 210 
LYS H    H  N N 211 
LYS H2   H  N N 212 
LYS HA   H  N N 213 
LYS HB2  H  N N 214 
LYS HB3  H  N N 215 
LYS HG2  H  N N 216 
LYS HG3  H  N N 217 
LYS HD2  H  N N 218 
LYS HD3  H  N N 219 
LYS HE2  H  N N 220 
LYS HE3  H  N N 221 
LYS HZ1  H  N N 222 
LYS HZ2  H  N N 223 
LYS HZ3  H  N N 224 
LYS HXT  H  N N 225 
MES O1   O  N N 226 
MES C2   C  N N 227 
MES C3   C  N N 228 
MES N4   N  N N 229 
MES C5   C  N N 230 
MES C6   C  N N 231 
MES C7   C  N N 232 
MES C8   C  N N 233 
MES S    S  N N 234 
MES O1S  O  N N 235 
MES O2S  O  N N 236 
MES O3S  O  N N 237 
MES H21  H  N N 238 
MES H22  H  N N 239 
MES H31  H  N N 240 
MES H32  H  N N 241 
MES HN4  H  N N 242 
MES H51  H  N N 243 
MES H52  H  N N 244 
MES H61  H  N N 245 
MES H62  H  N N 246 
MES H71  H  N N 247 
MES H72  H  N N 248 
MES H81  H  N N 249 
MES H82  H  N N 250 
MET N    N  N N 251 
MET CA   C  N S 252 
MET C    C  N N 253 
MET O    O  N N 254 
MET CB   C  N N 255 
MET CG   C  N N 256 
MET SD   S  N N 257 
MET CE   C  N N 258 
MET OXT  O  N N 259 
MET H    H  N N 260 
MET H2   H  N N 261 
MET HA   H  N N 262 
MET HB2  H  N N 263 
MET HB3  H  N N 264 
MET HG2  H  N N 265 
MET HG3  H  N N 266 
MET HE1  H  N N 267 
MET HE2  H  N N 268 
MET HE3  H  N N 269 
MET HXT  H  N N 270 
NA  NA   NA N N 271 
PEG C1   C  N N 272 
PEG O1   O  N N 273 
PEG C2   C  N N 274 
PEG O2   O  N N 275 
PEG C3   C  N N 276 
PEG C4   C  N N 277 
PEG O4   O  N N 278 
PEG H11  H  N N 279 
PEG H12  H  N N 280 
PEG HO1  H  N N 281 
PEG H21  H  N N 282 
PEG H22  H  N N 283 
PEG H31  H  N N 284 
PEG H32  H  N N 285 
PEG H41  H  N N 286 
PEG H42  H  N N 287 
PEG HO4  H  N N 288 
PHE N    N  N N 289 
PHE CA   C  N S 290 
PHE C    C  N N 291 
PHE O    O  N N 292 
PHE CB   C  N N 293 
PHE CG   C  Y N 294 
PHE CD1  C  Y N 295 
PHE CD2  C  Y N 296 
PHE CE1  C  Y N 297 
PHE CE2  C  Y N 298 
PHE CZ   C  Y N 299 
PHE OXT  O  N N 300 
PHE H    H  N N 301 
PHE H2   H  N N 302 
PHE HA   H  N N 303 
PHE HB2  H  N N 304 
PHE HB3  H  N N 305 
PHE HD1  H  N N 306 
PHE HD2  H  N N 307 
PHE HE1  H  N N 308 
PHE HE2  H  N N 309 
PHE HZ   H  N N 310 
PHE HXT  H  N N 311 
PRO N    N  N N 312 
PRO CA   C  N S 313 
PRO C    C  N N 314 
PRO O    O  N N 315 
PRO CB   C  N N 316 
PRO CG   C  N N 317 
PRO CD   C  N N 318 
PRO OXT  O  N N 319 
PRO H    H  N N 320 
PRO HA   H  N N 321 
PRO HB2  H  N N 322 
PRO HB3  H  N N 323 
PRO HG2  H  N N 324 
PRO HG3  H  N N 325 
PRO HD2  H  N N 326 
PRO HD3  H  N N 327 
PRO HXT  H  N N 328 
SER N    N  N N 329 
SER CA   C  N S 330 
SER C    C  N N 331 
SER O    O  N N 332 
SER CB   C  N N 333 
SER OG   O  N N 334 
SER OXT  O  N N 335 
SER H    H  N N 336 
SER H2   H  N N 337 
SER HA   H  N N 338 
SER HB2  H  N N 339 
SER HB3  H  N N 340 
SER HG   H  N N 341 
SER HXT  H  N N 342 
THR N    N  N N 343 
THR CA   C  N S 344 
THR C    C  N N 345 
THR O    O  N N 346 
THR CB   C  N R 347 
THR OG1  O  N N 348 
THR CG2  C  N N 349 
THR OXT  O  N N 350 
THR H    H  N N 351 
THR H2   H  N N 352 
THR HA   H  N N 353 
THR HB   H  N N 354 
THR HG1  H  N N 355 
THR HG21 H  N N 356 
THR HG22 H  N N 357 
THR HG23 H  N N 358 
THR HXT  H  N N 359 
TRP N    N  N N 360 
TRP CA   C  N S 361 
TRP C    C  N N 362 
TRP O    O  N N 363 
TRP CB   C  N N 364 
TRP CG   C  Y N 365 
TRP CD1  C  Y N 366 
TRP CD2  C  Y N 367 
TRP NE1  N  Y N 368 
TRP CE2  C  Y N 369 
TRP CE3  C  Y N 370 
TRP CZ2  C  Y N 371 
TRP CZ3  C  Y N 372 
TRP CH2  C  Y N 373 
TRP OXT  O  N N 374 
TRP H    H  N N 375 
TRP H2   H  N N 376 
TRP HA   H  N N 377 
TRP HB2  H  N N 378 
TRP HB3  H  N N 379 
TRP HD1  H  N N 380 
TRP HE1  H  N N 381 
TRP HE3  H  N N 382 
TRP HZ2  H  N N 383 
TRP HZ3  H  N N 384 
TRP HH2  H  N N 385 
TRP HXT  H  N N 386 
TYR N    N  N N 387 
TYR CA   C  N S 388 
TYR C    C  N N 389 
TYR O    O  N N 390 
TYR CB   C  N N 391 
TYR CG   C  Y N 392 
TYR CD1  C  Y N 393 
TYR CD2  C  Y N 394 
TYR CE1  C  Y N 395 
TYR CE2  C  Y N 396 
TYR CZ   C  Y N 397 
TYR OH   O  N N 398 
TYR OXT  O  N N 399 
TYR H    H  N N 400 
TYR H2   H  N N 401 
TYR HA   H  N N 402 
TYR HB2  H  N N 403 
TYR HB3  H  N N 404 
TYR HD1  H  N N 405 
TYR HD2  H  N N 406 
TYR HE1  H  N N 407 
TYR HE2  H  N N 408 
TYR HH   H  N N 409 
TYR HXT  H  N N 410 
VAL N    N  N N 411 
VAL CA   C  N S 412 
VAL C    C  N N 413 
VAL O    O  N N 414 
VAL CB   C  N N 415 
VAL CG1  C  N N 416 
VAL CG2  C  N N 417 
VAL OXT  O  N N 418 
VAL H    H  N N 419 
VAL H2   H  N N 420 
VAL HA   H  N N 421 
VAL HB   H  N N 422 
VAL HG11 H  N N 423 
VAL HG12 H  N N 424 
VAL HG13 H  N N 425 
VAL HG21 H  N N 426 
VAL HG22 H  N N 427 
VAL HG23 H  N N 428 
VAL HXT  H  N N 429 
# 
loop_
_chem_comp_bond.comp_id 
_chem_comp_bond.atom_id_1 
_chem_comp_bond.atom_id_2 
_chem_comp_bond.value_order 
_chem_comp_bond.pdbx_aromatic_flag 
_chem_comp_bond.pdbx_stereo_config 
_chem_comp_bond.pdbx_ordinal 
ALA N   CA   sing N N 1   
ALA N   H    sing N N 2   
ALA N   H2   sing N N 3   
ALA CA  C    sing N N 4   
ALA CA  CB   sing N N 5   
ALA CA  HA   sing N N 6   
ALA C   O    doub N N 7   
ALA C   OXT  sing N N 8   
ALA CB  HB1  sing N N 9   
ALA CB  HB2  sing N N 10  
ALA CB  HB3  sing N N 11  
ALA OXT HXT  sing N N 12  
ARG N   CA   sing N N 13  
ARG N   H    sing N N 14  
ARG N   H2   sing N N 15  
ARG CA  C    sing N N 16  
ARG CA  CB   sing N N 17  
ARG CA  HA   sing N N 18  
ARG C   O    doub N N 19  
ARG C   OXT  sing N N 20  
ARG CB  CG   sing N N 21  
ARG CB  HB2  sing N N 22  
ARG CB  HB3  sing N N 23  
ARG CG  CD   sing N N 24  
ARG CG  HG2  sing N N 25  
ARG CG  HG3  sing N N 26  
ARG CD  NE   sing N N 27  
ARG CD  HD2  sing N N 28  
ARG CD  HD3  sing N N 29  
ARG NE  CZ   sing N N 30  
ARG NE  HE   sing N N 31  
ARG CZ  NH1  sing N N 32  
ARG CZ  NH2  doub N N 33  
ARG NH1 HH11 sing N N 34  
ARG NH1 HH12 sing N N 35  
ARG NH2 HH21 sing N N 36  
ARG NH2 HH22 sing N N 37  
ARG OXT HXT  sing N N 38  
ASN N   CA   sing N N 39  
ASN N   H    sing N N 40  
ASN N   H2   sing N N 41  
ASN CA  C    sing N N 42  
ASN CA  CB   sing N N 43  
ASN CA  HA   sing N N 44  
ASN C   O    doub N N 45  
ASN C   OXT  sing N N 46  
ASN CB  CG   sing N N 47  
ASN CB  HB2  sing N N 48  
ASN CB  HB3  sing N N 49  
ASN CG  OD1  doub N N 50  
ASN CG  ND2  sing N N 51  
ASN ND2 HD21 sing N N 52  
ASN ND2 HD22 sing N N 53  
ASN OXT HXT  sing N N 54  
ASP N   CA   sing N N 55  
ASP N   H    sing N N 56  
ASP N   H2   sing N N 57  
ASP CA  C    sing N N 58  
ASP CA  CB   sing N N 59  
ASP CA  HA   sing N N 60  
ASP C   O    doub N N 61  
ASP C   OXT  sing N N 62  
ASP CB  CG   sing N N 63  
ASP CB  HB2  sing N N 64  
ASP CB  HB3  sing N N 65  
ASP CG  OD1  doub N N 66  
ASP CG  OD2  sing N N 67  
ASP OD2 HD2  sing N N 68  
ASP OXT HXT  sing N N 69  
EDO C1  O1   sing N N 70  
EDO C1  C2   sing N N 71  
EDO C1  H11  sing N N 72  
EDO C1  H12  sing N N 73  
EDO O1  HO1  sing N N 74  
EDO C2  O2   sing N N 75  
EDO C2  H21  sing N N 76  
EDO C2  H22  sing N N 77  
EDO O2  HO2  sing N N 78  
GLN N   CA   sing N N 79  
GLN N   H    sing N N 80  
GLN N   H2   sing N N 81  
GLN CA  C    sing N N 82  
GLN CA  CB   sing N N 83  
GLN CA  HA   sing N N 84  
GLN C   O    doub N N 85  
GLN C   OXT  sing N N 86  
GLN CB  CG   sing N N 87  
GLN CB  HB2  sing N N 88  
GLN CB  HB3  sing N N 89  
GLN CG  CD   sing N N 90  
GLN CG  HG2  sing N N 91  
GLN CG  HG3  sing N N 92  
GLN CD  OE1  doub N N 93  
GLN CD  NE2  sing N N 94  
GLN NE2 HE21 sing N N 95  
GLN NE2 HE22 sing N N 96  
GLN OXT HXT  sing N N 97  
GLU N   CA   sing N N 98  
GLU N   H    sing N N 99  
GLU N   H2   sing N N 100 
GLU CA  C    sing N N 101 
GLU CA  CB   sing N N 102 
GLU CA  HA   sing N N 103 
GLU C   O    doub N N 104 
GLU C   OXT  sing N N 105 
GLU CB  CG   sing N N 106 
GLU CB  HB2  sing N N 107 
GLU CB  HB3  sing N N 108 
GLU CG  CD   sing N N 109 
GLU CG  HG2  sing N N 110 
GLU CG  HG3  sing N N 111 
GLU CD  OE1  doub N N 112 
GLU CD  OE2  sing N N 113 
GLU OE2 HE2  sing N N 114 
GLU OXT HXT  sing N N 115 
GLY N   CA   sing N N 116 
GLY N   H    sing N N 117 
GLY N   H2   sing N N 118 
GLY CA  C    sing N N 119 
GLY CA  HA2  sing N N 120 
GLY CA  HA3  sing N N 121 
GLY C   O    doub N N 122 
GLY C   OXT  sing N N 123 
GLY OXT HXT  sing N N 124 
HIS N   CA   sing N N 125 
HIS N   H    sing N N 126 
HIS N   H2   sing N N 127 
HIS CA  C    sing N N 128 
HIS CA  CB   sing N N 129 
HIS CA  HA   sing N N 130 
HIS C   O    doub N N 131 
HIS C   OXT  sing N N 132 
HIS CB  CG   sing N N 133 
HIS CB  HB2  sing N N 134 
HIS CB  HB3  sing N N 135 
HIS CG  ND1  sing Y N 136 
HIS CG  CD2  doub Y N 137 
HIS ND1 CE1  doub Y N 138 
HIS ND1 HD1  sing N N 139 
HIS CD2 NE2  sing Y N 140 
HIS CD2 HD2  sing N N 141 
HIS CE1 NE2  sing Y N 142 
HIS CE1 HE1  sing N N 143 
HIS NE2 HE2  sing N N 144 
HIS OXT HXT  sing N N 145 
HOH O   H1   sing N N 146 
HOH O   H2   sing N N 147 
ILE N   CA   sing N N 148 
ILE N   H    sing N N 149 
ILE N   H2   sing N N 150 
ILE CA  C    sing N N 151 
ILE CA  CB   sing N N 152 
ILE CA  HA   sing N N 153 
ILE C   O    doub N N 154 
ILE C   OXT  sing N N 155 
ILE CB  CG1  sing N N 156 
ILE CB  CG2  sing N N 157 
ILE CB  HB   sing N N 158 
ILE CG1 CD1  sing N N 159 
ILE CG1 HG12 sing N N 160 
ILE CG1 HG13 sing N N 161 
ILE CG2 HG21 sing N N 162 
ILE CG2 HG22 sing N N 163 
ILE CG2 HG23 sing N N 164 
ILE CD1 HD11 sing N N 165 
ILE CD1 HD12 sing N N 166 
ILE CD1 HD13 sing N N 167 
ILE OXT HXT  sing N N 168 
LEU N   CA   sing N N 169 
LEU N   H    sing N N 170 
LEU N   H2   sing N N 171 
LEU CA  C    sing N N 172 
LEU CA  CB   sing N N 173 
LEU CA  HA   sing N N 174 
LEU C   O    doub N N 175 
LEU C   OXT  sing N N 176 
LEU CB  CG   sing N N 177 
LEU CB  HB2  sing N N 178 
LEU CB  HB3  sing N N 179 
LEU CG  CD1  sing N N 180 
LEU CG  CD2  sing N N 181 
LEU CG  HG   sing N N 182 
LEU CD1 HD11 sing N N 183 
LEU CD1 HD12 sing N N 184 
LEU CD1 HD13 sing N N 185 
LEU CD2 HD21 sing N N 186 
LEU CD2 HD22 sing N N 187 
LEU CD2 HD23 sing N N 188 
LEU OXT HXT  sing N N 189 
LYS N   CA   sing N N 190 
LYS N   H    sing N N 191 
LYS N   H2   sing N N 192 
LYS CA  C    sing N N 193 
LYS CA  CB   sing N N 194 
LYS CA  HA   sing N N 195 
LYS C   O    doub N N 196 
LYS C   OXT  sing N N 197 
LYS CB  CG   sing N N 198 
LYS CB  HB2  sing N N 199 
LYS CB  HB3  sing N N 200 
LYS CG  CD   sing N N 201 
LYS CG  HG2  sing N N 202 
LYS CG  HG3  sing N N 203 
LYS CD  CE   sing N N 204 
LYS CD  HD2  sing N N 205 
LYS CD  HD3  sing N N 206 
LYS CE  NZ   sing N N 207 
LYS CE  HE2  sing N N 208 
LYS CE  HE3  sing N N 209 
LYS NZ  HZ1  sing N N 210 
LYS NZ  HZ2  sing N N 211 
LYS NZ  HZ3  sing N N 212 
LYS OXT HXT  sing N N 213 
MES O1  C2   sing N N 214 
MES O1  C6   sing N N 215 
MES C2  C3   sing N N 216 
MES C2  H21  sing N N 217 
MES C2  H22  sing N N 218 
MES C3  N4   sing N N 219 
MES C3  H31  sing N N 220 
MES C3  H32  sing N N 221 
MES N4  C5   sing N N 222 
MES N4  C7   sing N N 223 
MES N4  HN4  sing N N 224 
MES C5  C6   sing N N 225 
MES C5  H51  sing N N 226 
MES C5  H52  sing N N 227 
MES C6  H61  sing N N 228 
MES C6  H62  sing N N 229 
MES C7  C8   sing N N 230 
MES C7  H71  sing N N 231 
MES C7  H72  sing N N 232 
MES C8  S    sing N N 233 
MES C8  H81  sing N N 234 
MES C8  H82  sing N N 235 
MES S   O1S  doub N N 236 
MES S   O2S  doub N N 237 
MES S   O3S  sing N N 238 
MET N   CA   sing N N 239 
MET N   H    sing N N 240 
MET N   H2   sing N N 241 
MET CA  C    sing N N 242 
MET CA  CB   sing N N 243 
MET CA  HA   sing N N 244 
MET C   O    doub N N 245 
MET C   OXT  sing N N 246 
MET CB  CG   sing N N 247 
MET CB  HB2  sing N N 248 
MET CB  HB3  sing N N 249 
MET CG  SD   sing N N 250 
MET CG  HG2  sing N N 251 
MET CG  HG3  sing N N 252 
MET SD  CE   sing N N 253 
MET CE  HE1  sing N N 254 
MET CE  HE2  sing N N 255 
MET CE  HE3  sing N N 256 
MET OXT HXT  sing N N 257 
PEG C1  O1   sing N N 258 
PEG C1  C2   sing N N 259 
PEG C1  H11  sing N N 260 
PEG C1  H12  sing N N 261 
PEG O1  HO1  sing N N 262 
PEG C2  O2   sing N N 263 
PEG C2  H21  sing N N 264 
PEG C2  H22  sing N N 265 
PEG O2  C3   sing N N 266 
PEG C3  C4   sing N N 267 
PEG C3  H31  sing N N 268 
PEG C3  H32  sing N N 269 
PEG C4  O4   sing N N 270 
PEG C4  H41  sing N N 271 
PEG C4  H42  sing N N 272 
PEG O4  HO4  sing N N 273 
PHE N   CA   sing N N 274 
PHE N   H    sing N N 275 
PHE N   H2   sing N N 276 
PHE CA  C    sing N N 277 
PHE CA  CB   sing N N 278 
PHE CA  HA   sing N N 279 
PHE C   O    doub N N 280 
PHE C   OXT  sing N N 281 
PHE CB  CG   sing N N 282 
PHE CB  HB2  sing N N 283 
PHE CB  HB3  sing N N 284 
PHE CG  CD1  doub Y N 285 
PHE CG  CD2  sing Y N 286 
PHE CD1 CE1  sing Y N 287 
PHE CD1 HD1  sing N N 288 
PHE CD2 CE2  doub Y N 289 
PHE CD2 HD2  sing N N 290 
PHE CE1 CZ   doub Y N 291 
PHE CE1 HE1  sing N N 292 
PHE CE2 CZ   sing Y N 293 
PHE CE2 HE2  sing N N 294 
PHE CZ  HZ   sing N N 295 
PHE OXT HXT  sing N N 296 
PRO N   CA   sing N N 297 
PRO N   CD   sing N N 298 
PRO N   H    sing N N 299 
PRO CA  C    sing N N 300 
PRO CA  CB   sing N N 301 
PRO CA  HA   sing N N 302 
PRO C   O    doub N N 303 
PRO C   OXT  sing N N 304 
PRO CB  CG   sing N N 305 
PRO CB  HB2  sing N N 306 
PRO CB  HB3  sing N N 307 
PRO CG  CD   sing N N 308 
PRO CG  HG2  sing N N 309 
PRO CG  HG3  sing N N 310 
PRO CD  HD2  sing N N 311 
PRO CD  HD3  sing N N 312 
PRO OXT HXT  sing N N 313 
SER N   CA   sing N N 314 
SER N   H    sing N N 315 
SER N   H2   sing N N 316 
SER CA  C    sing N N 317 
SER CA  CB   sing N N 318 
SER CA  HA   sing N N 319 
SER C   O    doub N N 320 
SER C   OXT  sing N N 321 
SER CB  OG   sing N N 322 
SER CB  HB2  sing N N 323 
SER CB  HB3  sing N N 324 
SER OG  HG   sing N N 325 
SER OXT HXT  sing N N 326 
THR N   CA   sing N N 327 
THR N   H    sing N N 328 
THR N   H2   sing N N 329 
THR CA  C    sing N N 330 
THR CA  CB   sing N N 331 
THR CA  HA   sing N N 332 
THR C   O    doub N N 333 
THR C   OXT  sing N N 334 
THR CB  OG1  sing N N 335 
THR CB  CG2  sing N N 336 
THR CB  HB   sing N N 337 
THR OG1 HG1  sing N N 338 
THR CG2 HG21 sing N N 339 
THR CG2 HG22 sing N N 340 
THR CG2 HG23 sing N N 341 
THR OXT HXT  sing N N 342 
TRP N   CA   sing N N 343 
TRP N   H    sing N N 344 
TRP N   H2   sing N N 345 
TRP CA  C    sing N N 346 
TRP CA  CB   sing N N 347 
TRP CA  HA   sing N N 348 
TRP C   O    doub N N 349 
TRP C   OXT  sing N N 350 
TRP CB  CG   sing N N 351 
TRP CB  HB2  sing N N 352 
TRP CB  HB3  sing N N 353 
TRP CG  CD1  doub Y N 354 
TRP CG  CD2  sing Y N 355 
TRP CD1 NE1  sing Y N 356 
TRP CD1 HD1  sing N N 357 
TRP CD2 CE2  doub Y N 358 
TRP CD2 CE3  sing Y N 359 
TRP NE1 CE2  sing Y N 360 
TRP NE1 HE1  sing N N 361 
TRP CE2 CZ2  sing Y N 362 
TRP CE3 CZ3  doub Y N 363 
TRP CE3 HE3  sing N N 364 
TRP CZ2 CH2  doub Y N 365 
TRP CZ2 HZ2  sing N N 366 
TRP CZ3 CH2  sing Y N 367 
TRP CZ3 HZ3  sing N N 368 
TRP CH2 HH2  sing N N 369 
TRP OXT HXT  sing N N 370 
TYR N   CA   sing N N 371 
TYR N   H    sing N N 372 
TYR N   H2   sing N N 373 
TYR CA  C    sing N N 374 
TYR CA  CB   sing N N 375 
TYR CA  HA   sing N N 376 
TYR C   O    doub N N 377 
TYR C   OXT  sing N N 378 
TYR CB  CG   sing N N 379 
TYR CB  HB2  sing N N 380 
TYR CB  HB3  sing N N 381 
TYR CG  CD1  doub Y N 382 
TYR CG  CD2  sing Y N 383 
TYR CD1 CE1  sing Y N 384 
TYR CD1 HD1  sing N N 385 
TYR CD2 CE2  doub Y N 386 
TYR CD2 HD2  sing N N 387 
TYR CE1 CZ   doub Y N 388 
TYR CE1 HE1  sing N N 389 
TYR CE2 CZ   sing Y N 390 
TYR CE2 HE2  sing N N 391 
TYR CZ  OH   sing N N 392 
TYR OH  HH   sing N N 393 
TYR OXT HXT  sing N N 394 
VAL N   CA   sing N N 395 
VAL N   H    sing N N 396 
VAL N   H2   sing N N 397 
VAL CA  C    sing N N 398 
VAL CA  CB   sing N N 399 
VAL CA  HA   sing N N 400 
VAL C   O    doub N N 401 
VAL C   OXT  sing N N 402 
VAL CB  CG1  sing N N 403 
VAL CB  CG2  sing N N 404 
VAL CB  HB   sing N N 405 
VAL CG1 HG11 sing N N 406 
VAL CG1 HG12 sing N N 407 
VAL CG1 HG13 sing N N 408 
VAL CG2 HG21 sing N N 409 
VAL CG2 HG22 sing N N 410 
VAL CG2 HG23 sing N N 411 
VAL OXT HXT  sing N N 412 
# 
_pdbx_audit_support.funding_organization   'Canadian Institutes of Health Research (CIHR)' 
_pdbx_audit_support.country                Canada 
_pdbx_audit_support.grant_number           MOP-93684 
_pdbx_audit_support.ordinal                1 
# 
_pdbx_initial_refinement_model.accession_code   ? 
_pdbx_initial_refinement_model.id               1 
_pdbx_initial_refinement_model.entity_id_list   ? 
_pdbx_initial_refinement_model.type             'in silico model' 
_pdbx_initial_refinement_model.source_name      SwissModel 
_pdbx_initial_refinement_model.details          'SWISS-MODELLER MODEL' 
# 
_space_group.name_H-M_alt     'P 32 2 1' 
_space_group.name_Hall        
;P 32 2"
;
_space_group.IT_number        154 
_space_group.crystal_system   trigonal 
_space_group.id               1 
# 
_atom_sites.entry_id                    7LUL 
_atom_sites.Cartn_transf_matrix[1][1]   ? 
_atom_sites.Cartn_transf_matrix[1][2]   ? 
_atom_sites.Cartn_transf_matrix[1][3]   ? 
_atom_sites.Cartn_transf_matrix[2][1]   ? 
_atom_sites.Cartn_transf_matrix[2][2]   ? 
_atom_sites.Cartn_transf_matrix[2][3]   ? 
_atom_sites.Cartn_transf_matrix[3][1]   ? 
_atom_sites.Cartn_transf_matrix[3][2]   ? 
_atom_sites.Cartn_transf_matrix[3][3]   ? 
_atom_sites.Cartn_transf_vector[1]      ? 
_atom_sites.Cartn_transf_vector[2]      ? 
_atom_sites.Cartn_transf_vector[3]      ? 
_atom_sites.fract_transf_matrix[1][1]   -0.00290775 
_atom_sites.fract_transf_matrix[1][2]   -0.01633770 
_atom_sites.fract_transf_matrix[1][3]   -0.00174971 
_atom_sites.fract_transf_matrix[2][1]   -0.01561580 
_atom_sites.fract_transf_matrix[2][2]   -0.00552675 
_atom_sites.fract_transf_matrix[2][3]   -0.00200608 
_atom_sites.fract_transf_matrix[3][1]   0.00194750 
_atom_sites.fract_transf_matrix[3][2]   0.00181140 
_atom_sites.fract_transf_matrix[3][3]   -0.02015023 
_atom_sites.fract_transf_vector[1]      -0.431624 
_atom_sites.fract_transf_vector[2]      -0.230830 
_atom_sites.fract_transf_vector[3]      0.151512 
_atom_sites.solution_primary            ? 
_atom_sites.solution_secondary          ? 
_atom_sites.solution_hydrogens          ? 
_atom_sites.special_details             ? 
# 
loop_
_atom_type.symbol 
_atom_type.scat_dispersion_real 
_atom_type.scat_dispersion_imag 
_atom_type.scat_Cromer_Mann_a1 
_atom_type.scat_Cromer_Mann_a2 
_atom_type.scat_Cromer_Mann_a3 
_atom_type.scat_Cromer_Mann_a4 
_atom_type.scat_Cromer_Mann_b1 
_atom_type.scat_Cromer_Mann_b2 
_atom_type.scat_Cromer_Mann_b3 
_atom_type.scat_Cromer_Mann_b4 
_atom_type.scat_Cromer_Mann_c 
_atom_type.scat_source 
_atom_type.scat_dispersion_source 
C  ? ? 3.54356 2.42580 ? ? 25.62398 1.50364  ? ? 0.0 
;2-Gaussian fit: Grosse-Kunstleve RW, Sauter NK, Adams PD: Newsletter of the IUCr Commission on Crystallographic Computing 2004, 3, 22-31.
;
? 
N  ? ? 4.01032 2.96436 ? ? 19.97189 1.75589  ? ? 0.0 
;2-Gaussian fit: Grosse-Kunstleve RW, Sauter NK, Adams PD: Newsletter of the IUCr Commission on Crystallographic Computing 2004, 3, 22-31.
;
? 
NA ? ? 9.38062 1.54875 ? ? 3.38349  72.32734 ? ? 0.0 
;2-Gaussian fit: Grosse-Kunstleve RW, Sauter NK, Adams PD: Newsletter of the IUCr Commission on Crystallographic Computing 2004, 3, 22-31.
;
? 
O  ? ? 4.49882 3.47563 ? ? 15.80542 1.70748  ? ? 0.0 
;2-Gaussian fit: Grosse-Kunstleve RW, Sauter NK, Adams PD: Newsletter of the IUCr Commission on Crystallographic Computing 2004, 3, 22-31.
;
? 
S  ? ? 9.55732 6.39887 ? ? 1.23737  29.19336 ? ? 0.0 
;2-Gaussian fit: Grosse-Kunstleve RW, Sauter NK, Adams PD: Newsletter of the IUCr Commission on Crystallographic Computing 2004, 3, 22-31.
;
? 
# 
loop_
_atom_site.group_PDB 
_atom_site.id 
_atom_site.type_symbol 
_atom_site.label_atom_id 
_atom_site.label_alt_id 
_atom_site.label_comp_id 
_atom_site.label_asym_id 
_atom_site.label_entity_id 
_atom_site.label_seq_id 
_atom_site.pdbx_PDB_ins_code 
_atom_site.Cartn_x 
_atom_site.Cartn_y 
_atom_site.Cartn_z 
_atom_site.occupancy 
_atom_site.B_iso_or_equiv 
_atom_site.pdbx_formal_charge 
_atom_site.auth_seq_id 
_atom_site.auth_comp_id 
_atom_site.auth_asym_id 
_atom_site.auth_atom_id 
_atom_site.pdbx_PDB_model_num 
ATOM   1    N  N   . SER A 1 1  ? 16.01888  -10.19218 -4.25356  1.000 45.32783 ? 19  SER A N   1 
ATOM   2    C  CA  . SER A 1 1  ? 15.92931  -10.59538 -2.85303  1.000 45.34533 ? 19  SER A CA  1 
ATOM   3    C  C   . SER A 1 1  ? 14.91324  -9.73421  -2.10723  1.000 41.44358 ? 19  SER A C   1 
ATOM   4    O  O   . SER A 1 1  ? 14.91345  -8.51016  -2.23724  1.000 34.47526 ? 19  SER A O   1 
ATOM   5    C  CB  . SER A 1 1  ? 17.29350  -10.50016 -2.17298  1.000 38.40727 ? 19  SER A CB  1 
ATOM   6    O  OG  . SER A 1 1  ? 17.15166  -10.55772 -0.76056  1.000 54.24314 ? 19  SER A OG  1 
ATOM   7    N  N   . SER A 1 2  ? 14.05198  -10.36218 -1.31692  1.000 29.06212 ? 20  SER A N   1 
ATOM   8    C  CA  . SER A 1 2  ? 12.92259  -9.62712  -0.76387  1.000 20.62616 ? 20  SER A CA  1 
ATOM   9    C  C   . SER A 1 2  ? 12.42393  -10.33980 0.48154   1.000 24.90639 ? 20  SER A C   1 
ATOM   10   O  O   . SER A 1 2  ? 12.77916  -11.49012 0.75239   1.000 25.19949 ? 20  SER A O   1 
ATOM   11   C  CB  . SER A 1 2  ? 11.80440  -9.47475  -1.79530  1.000 30.77926 ? 20  SER A CB  1 
ATOM   12   O  OG  . SER A 1 2  ? 11.03722  -10.65787 -1.88805  1.000 32.26100 ? 20  SER A OG  1 
ATOM   13   N  N   . MET A 1 3  ? 11.60266  -9.62745  1.24389   1.000 14.74316 ? 21  MET A N   1 
ATOM   14   C  CA  . MET A 1 3  ? 10.97580  -10.16351 2.44336   1.000 15.98047 ? 21  MET A CA  1 
ATOM   15   C  C   . MET A 1 3  ? 9.49177   -9.84193  2.43778   1.000 14.70209 ? 21  MET A C   1 
ATOM   16   O  O   . MET A 1 3  ? 9.05972   -8.81392  1.91248   1.000 17.42696 ? 21  MET A O   1 
ATOM   17   C  CB  . MET A 1 3  ? 11.63633  -9.61509  3.71749   1.000 21.66658 ? 21  MET A CB  1 
ATOM   18   C  CG  . MET A 1 3  ? 11.33994  -8.15979  4.03653   1.000 23.45188 ? 21  MET A CG  1 
ATOM   19   S  SD  . MET A 1 3  ? 12.57217  -7.45135  5.18562   1.000 26.34027 ? 21  MET A SD  1 
ATOM   20   C  CE  . MET A 1 3  ? 14.08767  -7.68480  4.27923   1.000 37.45547 ? 21  MET A CE  1 
ATOM   21   N  N   . GLU A 1 4  ? 8.70851   -10.72730 3.03899   1.000 11.75153 ? 22  GLU A N   1 
ATOM   22   C  CA  . GLU A 1 4  ? 7.26510   -10.54199 3.12595   1.000 11.52891 ? 22  GLU A CA  1 
ATOM   23   C  C   . GLU A 1 4  ? 6.92763   -10.17201 4.55891   1.000 15.54724 ? 22  GLU A C   1 
ATOM   24   O  O   . GLU A 1 4  ? 7.37291   -10.84706 5.48942   1.000 15.56392 ? 22  GLU A O   1 
ATOM   25   C  CB  . GLU A 1 4  ? 6.54777   -11.81887 2.70379   1.000 16.73613 ? 22  GLU A CB  1 
ATOM   26   C  CG  . GLU A 1 4  ? 5.07336   -11.66803 2.53652   1.000 16.99661 ? 22  GLU A CG  1 
ATOM   27   C  CD  . GLU A 1 4  ? 4.44482   -12.96014 2.06408   1.000 21.51872 ? 22  GLU A CD  1 
ATOM   28   O  OE1 . GLU A 1 4  ? 4.69933   -13.36005 0.90183   1.000 26.09466 ? 22  GLU A OE1 1 
ATOM   29   O  OE2 . GLU A 1 4  ? 3.71510   -13.57942 2.86283   1.000 28.38031 ? 22  GLU A OE2 1 
ATOM   30   N  N   . ILE A 1 5  ? 6.18100   -9.09019  4.74539   1.000 11.36997 ? 23  ILE A N   1 
ATOM   31   C  CA  . ILE A 1 5  ? 5.96238   -8.53661  6.07824   1.000 10.55182 ? 23  ILE A CA  1 
ATOM   32   C  C   . ILE A 1 5  ? 4.47108   -8.40206  6.32849   1.000 15.39344 ? 23  ILE A C   1 
ATOM   33   O  O   . ILE A 1 5  ? 3.75533   -7.81273  5.51039   1.000 13.74802 ? 23  ILE A O   1 
ATOM   34   C  CB  . ILE A 1 5  ? 6.64467   -7.16661  6.24212   1.000 10.90577 ? 23  ILE A CB  1 
ATOM   35   C  CG1 . ILE A 1 5  ? 8.12798   -7.26645  5.90848   1.000 14.03291 ? 23  ILE A CG1 1 
ATOM   36   C  CG2 . ILE A 1 5  ? 6.46536   -6.65125  7.65703   1.000 15.05284 ? 23  ILE A CG2 1 
ATOM   37   C  CD1 . ILE A 1 5  ? 8.89533   -5.96747  6.12161   1.000 16.28520 ? 23  ILE A CD1 1 
ATOM   38   N  N   A ARG A 1 6  ? 4.00372   -8.94644  7.44882   0.670 11.53072 ? 24  ARG A N   1 
ATOM   39   N  N   B ARG A 1 6  ? 4.01246   -8.91970  7.46518   0.330 11.69129 ? 24  ARG A N   1 
ATOM   40   C  CA  A ARG A 1 6  ? 2.61578   -8.81720  7.87401   0.670 11.93232 ? 24  ARG A CA  1 
ATOM   41   C  CA  B ARG A 1 6  ? 2.62665   -8.80425  7.90345   0.330 12.16159 ? 24  ARG A CA  1 
ATOM   42   C  C   A ARG A 1 6  ? 2.56820   -7.82157  9.02810   0.670 17.78092 ? 24  ARG A C   1 
ATOM   43   C  C   B ARG A 1 6  ? 2.56302   -7.77657  9.02761   0.330 17.66706 ? 24  ARG A C   1 
ATOM   44   O  O   A ARG A 1 6  ? 3.22464   -8.02973  10.05629  0.670 14.18765 ? 24  ARG A O   1 
ATOM   45   O  O   B ARG A 1 6  ? 3.19232   -7.96049  10.07553  0.330 14.21816 ? 24  ARG A O   1 
ATOM   46   C  CB  A ARG A 1 6  ? 2.04677   -10.17585 8.28594   0.670 16.44004 ? 24  ARG A CB  1 
ATOM   47   C  CB  B ARG A 1 6  ? 2.09432   -10.16094 8.36551   0.330 16.56585 ? 24  ARG A CB  1 
ATOM   48   C  CG  A ARG A 1 6  ? 0.56465   -10.13779 8.64743   0.670 18.89757 ? 24  ARG A CG  1 
ATOM   49   C  CG  B ARG A 1 6  ? 0.65001   -10.14996 8.84825   0.330 19.72288 ? 24  ARG A CG  1 
ATOM   50   C  CD  A ARG A 1 6  ? -0.05988  -11.52748 8.62050   0.670 32.22370 ? 24  ARG A CD  1 
ATOM   51   C  CD  B ARG A 1 6  ? 0.22759   -11.53666 9.31924   0.330 26.96358 ? 24  ARG A CD  1 
ATOM   52   N  NE  A ARG A 1 6  ? 0.52977   -12.43847 9.60125   0.670 27.57550 ? 24  ARG A NE  1 
ATOM   53   N  NE  B ARG A 1 6  ? 0.65846   -12.57858 8.38665   0.330 26.53724 ? 24  ARG A NE  1 
ATOM   54   C  CZ  A ARG A 1 6  ? 0.20994   -12.45879 10.89088  0.670 34.28501 ? 24  ARG A CZ  1 
ATOM   55   C  CZ  B ARG A 1 6  ? -0.16702  -13.28700 7.62285   0.330 24.15289 ? 24  ARG A CZ  1 
ATOM   56   N  NH1 A ARG A 1 6  ? -0.68667  -11.60779 11.36690  0.670 38.70625 ? 24  ARG A NH1 1 
ATOM   57   N  NH1 B ARG A 1 6  ? -1.47423  -13.07559 7.68396   0.330 24.39220 ? 24  ARG A NH1 1 
ATOM   58   N  NH2 A ARG A 1 6  ? 0.79077   -13.32778 11.70811  0.670 36.67071 ? 24  ARG A NH2 1 
ATOM   59   N  NH2 B ARG A 1 6  ? 0.31401   -14.21142 6.79947   0.330 22.61402 ? 24  ARG A NH2 1 
ATOM   60   N  N   A VAL A 1 7  ? 1.81749   -6.73058  8.84684   0.670 11.83126 ? 25  VAL A N   1 
ATOM   61   N  N   B VAL A 1 7  ? 1.81761   -6.69086  8.80302   0.330 11.89821 ? 25  VAL A N   1 
ATOM   62   C  CA  A VAL A 1 7  ? 1.76353   -5.63315  9.81178   0.670 12.76678 ? 25  VAL A CA  1 
ATOM   63   C  CA  B VAL A 1 7  ? 1.74913   -5.56570  9.72970   0.330 13.12280 ? 25  VAL A CA  1 
ATOM   64   C  C   A VAL A 1 7  ? 0.31672   -5.20754  9.97851   0.670 14.39354 ? 25  VAL A C   1 
ATOM   65   C  C   B VAL A 1 7  ? 0.28997   -5.21355  9.97034   0.330 14.47092 ? 25  VAL A C   1 
ATOM   66   O  O   A VAL A 1 7  ? -0.48227  -5.28795  9.04173   0.670 15.64013 ? 25  VAL A O   1 
ATOM   67   O  O   B VAL A 1 7  ? -0.55432  -5.36844  9.08402   0.330 15.77783 ? 25  VAL A O   1 
ATOM   68   C  CB  A VAL A 1 7  ? 2.58410   -4.38246  9.39427   0.670 17.28417 ? 25  VAL A CB  1 
ATOM   69   C  CB  B VAL A 1 7  ? 2.49138   -4.31263  9.19994   0.330 17.74407 ? 25  VAL A CB  1 
ATOM   70   C  CG1 A VAL A 1 7  ? 4.04932   -4.67257  9.28487   0.670 21.98840 ? 25  VAL A CG1 1 
ATOM   71   C  CG1 B VAL A 1 7  ? 2.89361   -3.40754  10.34600  0.330 18.27707 ? 25  VAL A CG1 1 
ATOM   72   C  CG2 A VAL A 1 7  ? 2.03982   -3.77722  8.09590   0.670 14.86442 ? 25  VAL A CG2 1 
ATOM   73   C  CG2 B VAL A 1 7  ? 3.68861   -4.68474  8.35826   0.330 21.28062 ? 25  VAL A CG2 1 
ATOM   74   N  N   . ARG A 1 8  ? -0.00336  -4.70833  11.16957  1.000 13.73286 ? 26  ARG A N   1 
ATOM   75   C  CA  . ARG A 1 8  ? -1.32287  -4.16512  11.48527  1.000 13.54661 ? 26  ARG A CA  1 
ATOM   76   C  C   . ARG A 1 8  ? -1.17569  -2.66282  11.67388  1.000 14.94890 ? 26  ARG A C   1 
ATOM   77   O  O   . ARG A 1 8  ? -0.37022  -2.21824  12.49675  1.000 19.53593 ? 26  ARG A O   1 
ATOM   78   C  CB  . ARG A 1 8  ? -1.91293  -4.81932  12.73215  1.000 14.57901 ? 26  ARG A CB  1 
ATOM   79   C  CG  . ARG A 1 8  ? -2.14106  -6.31380  12.52834  1.000 20.55294 ? 26  ARG A CG  1 
ATOM   80   C  CD  . ARG A 1 8  ? -2.47386  -7.03126  13.82668  1.000 29.65142 ? 26  ARG A CD  1 
ATOM   81   N  NE  . ARG A 1 8  ? -3.77110  -6.61826  14.35271  1.000 36.53783 ? 26  ARG A NE  1 
ATOM   82   C  CZ  . ARG A 1 8  ? -4.94631  -7.00031  13.85679  1.000 51.03319 ? 26  ARG A CZ  1 
ATOM   83   N  NH1 . ARG A 1 8  ? -5.00138  -7.81428  12.80997  1.000 42.87140 ? 26  ARG A NH1 1 
ATOM   84   N  NH2 . ARG A 1 8  ? -6.07133  -6.56505  14.41155  1.000 48.10666 ? 26  ARG A NH2 1 
ATOM   85   N  N   . VAL A 1 9  ? -1.93429  -1.88827  10.90360  1.000 11.84571 ? 27  VAL A N   1 
ATOM   86   C  CA  . VAL A 1 9  ? -1.92446  -0.43139  10.99718  1.000 11.12687 ? 27  VAL A CA  1 
ATOM   87   C  C   . VAL A 1 9  ? -3.27625  -0.00328  11.54855  1.000 14.23690 ? 27  VAL A C   1 
ATOM   88   O  O   . VAL A 1 9  ? -4.31681  -0.39524  11.01331  1.000 16.68504 ? 27  VAL A O   1 
ATOM   89   C  CB  . VAL A 1 9  ? -1.64514  0.21727   9.63101   1.000 12.42596 ? 27  VAL A CB  1 
ATOM   90   C  CG1 . VAL A 1 9  ? -1.62812  1.72739   9.77143   1.000 16.30276 ? 27  VAL A CG1 1 
ATOM   91   C  CG2 . VAL A 1 9  ? -0.31761  -0.29570  9.06967   1.000 16.66897 ? 27  VAL A CG2 1 
ATOM   92   N  N   A GLU A 1 10 ? -3.25882  0.77180   12.62959  0.440 15.47135 ? 28  GLU A N   1 
ATOM   93   N  N   B GLU A 1 10 ? -3.25974  0.77470   12.62876  0.560 15.42422 ? 28  GLU A N   1 
ATOM   94   C  CA  A GLU A 1 10 ? -4.48973  1.20047   13.28650  0.440 18.13084 ? 28  GLU A CA  1 
ATOM   95   C  CA  B GLU A 1 10 ? -4.49442  1.19558   13.28662  0.560 18.15226 ? 28  GLU A CA  1 
ATOM   96   C  C   A GLU A 1 10 ? -4.87628  2.56776   12.73659  0.440 18.66816 ? 28  GLU A C   1 
ATOM   97   C  C   B GLU A 1 10 ? -4.88201  2.56512   12.74690  0.560 18.64795 ? 28  GLU A C   1 
ATOM   98   O  O   A GLU A 1 10 ? -4.17795  3.55795   12.98186  0.440 21.29172 ? 28  GLU A O   1 
ATOM   99   O  O   B GLU A 1 10 ? -4.19094  3.55699   13.01078  0.560 21.34214 ? 28  GLU A O   1 
ATOM   100  C  CB  A GLU A 1 10 ? -4.30826  1.24861   14.80221  0.440 20.80711 ? 28  GLU A CB  1 
ATOM   101  C  CB  B GLU A 1 10 ? -4.31537  1.23216   14.80307  0.560 20.78118 ? 28  GLU A CB  1 
ATOM   102  N  N   . LYS A 1 11 ? -5.98386  2.61867   11.99361  1.000 12.68000 ? 29  LYS A N   1 
ATOM   103  C  CA  . LYS A 1 11 ? -6.42522  3.87131   11.38775  1.000 13.64661 ? 29  LYS A CA  1 
ATOM   104  C  C   . LYS A 1 11 ? -6.68204  4.91083   12.46102  1.000 21.20513 ? 29  LYS A C   1 
ATOM   105  O  O   . LYS A 1 11 ? -7.30519  4.62298   13.48849  1.000 21.76865 ? 29  LYS A O   1 
ATOM   106  C  CB  . LYS A 1 11 ? -7.70207  3.67713   10.58318  1.000 15.19893 ? 29  LYS A CB  1 
ATOM   107  C  CG  . LYS A 1 11 ? -7.53190  2.91948   9.27471   1.000 16.36025 ? 29  LYS A CG  1 
ATOM   108  C  CD  . LYS A 1 11 ? -8.84865  2.98620   8.53614   1.000 20.64281 ? 29  LYS A CD  1 
ATOM   109  C  CE  . LYS A 1 11 ? -8.67687  3.11242   7.05915   1.000 29.17391 ? 29  LYS A CE  1 
ATOM   110  N  NZ  . LYS A 1 11 ? -9.99659  3.39368   6.42632   1.000 19.59574 ? 29  LYS A NZ  1 
ATOM   111  N  N   . ASP A 1 12 ? -6.21108  6.12828   12.21150  1.000 13.78177 ? 30  ASP A N   1 
ATOM   112  C  CA  . ASP A 1 12 ? -6.30013  7.12736   13.26305  1.000 14.55633 ? 30  ASP A CA  1 
ATOM   113  C  C   . ASP A 1 12 ? -6.12436  8.52841   12.69285  1.000 12.50477 ? 30  ASP A C   1 
ATOM   114  O  O   . ASP A 1 12 ? -5.19926  9.23281   13.09977  1.000 15.06507 ? 30  ASP A O   1 
ATOM   115  C  CB  . ASP A 1 12 ? -5.23917  6.86990   14.33901  1.000 18.62162 ? 30  ASP A CB  1 
ATOM   116  C  CG  . ASP A 1 12 ? -5.55880  7.55260   15.66160  1.000 15.05187 ? 30  ASP A CG  1 
ATOM   117  O  OD1 . ASP A 1 12 ? -6.72774  7.95056   15.87086  1.000 16.18835 ? 30  ASP A OD1 1 
ATOM   118  O  OD2 . ASP A 1 12 ? -4.64155  7.70624   16.50746  1.000 18.97839 ? 30  ASP A OD2 1 
ATOM   119  N  N   . PRO A 1 13 ? -7.01343  8.99699   11.80983  1.000 12.71375 ? 31  PRO A N   1 
ATOM   120  C  CA  . PRO A 1 13 ? -8.23450  8.33230   11.35165  1.000 15.85619 ? 31  PRO A CA  1 
ATOM   121  C  C   . PRO A 1 13 ? -8.04566  7.61006   10.02497  1.000 14.47694 ? 31  PRO A C   1 
ATOM   122  O  O   . PRO A 1 13 ? -8.91951  6.83589   9.63590   1.000 14.98008 ? 31  PRO A O   1 
ATOM   123  C  CB  . PRO A 1 13 ? -9.21284  9.49702   11.20041  1.000 15.43774 ? 31  PRO A CB  1 
ATOM   124  C  CG  . PRO A 1 13 ? -8.31342  10.61328  10.70582  1.000 14.25759 ? 31  PRO A CG  1 
ATOM   125  C  CD  . PRO A 1 13 ? -7.00730  10.42885  11.44388  1.000 14.79558 ? 31  PRO A CD  1 
ATOM   126  N  N   . GLU A 1 14 ? -6.93772  7.88510   9.33471   1.000 12.63132 ? 32  GLU A N   1 
ATOM   127  C  CA  . GLU A 1 14 ? -6.55883  7.18841   8.11342   1.000 13.02448 ? 32  GLU A CA  1 
ATOM   128  C  C   . GLU A 1 14 ? -5.33021  6.32746   8.39080   1.000 11.30905 ? 32  GLU A C   1 
ATOM   129  O  O   . GLU A 1 14 ? -4.76508  6.33050   9.48967   1.000 14.33933 ? 32  GLU A O   1 
ATOM   130  C  CB  . GLU A 1 14 ? -6.32208  8.19327   6.97890   1.000 12.72215 ? 32  GLU A CB  1 
ATOM   131  C  CG  . GLU A 1 14 ? -7.60582  8.94699   6.64419   1.000 14.64014 ? 32  GLU A CG  1 
ATOM   132  C  CD  . GLU A 1 14 ? -7.55295  9.75646   5.35834   1.000 19.22383 ? 32  GLU A CD  1 
ATOM   133  O  OE1 . GLU A 1 14 ? -6.46356  10.22151  4.96277   1.000 17.23399 ? 32  GLU A OE1 1 
ATOM   134  O  OE2 . GLU A 1 14 ? -8.62684  9.95256   4.75170   1.000 25.25563 ? 32  GLU A OE2 1 
ATOM   135  N  N   . LEU A 1 15 ? -4.92148  5.55632   7.38358   1.000 11.77602 ? 33  LEU A N   1 
ATOM   136  C  CA  . LEU A 1 15 ? -3.74342  4.71528   7.56708   1.000 12.94563 ? 33  LEU A CA  1 
ATOM   137  C  C   . LEU A 1 15 ? -2.46548  5.53730   7.58999   1.000 13.39145 ? 33  LEU A C   1 
ATOM   138  O  O   . LEU A 1 15 ? -1.46218  5.10440   8.16751   1.000 13.15031 ? 33  LEU A O   1 
ATOM   139  C  CB  . LEU A 1 15 ? -3.67631  3.66431   6.46335   1.000 11.71528 ? 33  LEU A CB  1 
ATOM   140  C  CG  . LEU A 1 15 ? -4.82133  2.66091   6.54592   1.000 13.16413 ? 33  LEU A CG  1 
ATOM   141  C  CD1 . LEU A 1 15 ? -5.02280  1.93720   5.20055   1.000 13.73741 ? 33  LEU A CD1 1 
ATOM   142  C  CD2 . LEU A 1 15 ? -4.58589  1.65543   7.67458   1.000 14.65696 ? 33  LEU A CD2 1 
ATOM   143  N  N   . GLY A 1 16 ? -2.46386  6.69968   6.94519   1.000 12.33342 ? 34  GLY A N   1 
ATOM   144  C  CA  . GLY A 1 16 ? -1.29550  7.55345   6.96843   1.000 12.29978 ? 34  GLY A CA  1 
ATOM   145  C  C   . GLY A 1 16 ? -0.22178  7.21792   5.94763   1.000 13.45632 ? 34  GLY A C   1 
ATOM   146  O  O   . GLY A 1 16 ? 0.96357   7.42202   6.22276   1.000 14.62921 ? 34  GLY A O   1 
ATOM   147  N  N   . PHE A 1 17 ? -0.59782  6.70890   4.77919   1.000 10.26633 ? 35  PHE A N   1 
ATOM   148  C  CA  . PHE A 1 17 ? 0.36168   6.51083   3.70322   1.000 10.58057 ? 35  PHE A CA  1 
ATOM   149  C  C   . PHE A 1 17 ? -0.37692  6.65855   2.38326   1.000 12.69838 ? 35  PHE A C   1 
ATOM   150  O  O   . PHE A 1 17 ? -1.60626  6.61853   2.33953   1.000 11.35988 ? 35  PHE A O   1 
ATOM   151  C  CB  . PHE A 1 17 ? 1.08360   5.15126   3.81721   1.000 11.94724 ? 35  PHE A CB  1 
ATOM   152  C  CG  . PHE A 1 17 ? 0.19760   3.93776   3.65174   1.000 11.79824 ? 35  PHE A CG  1 
ATOM   153  C  CD1 . PHE A 1 17 ? -0.07273  3.41330   2.39327   1.000 13.14779 ? 35  PHE A CD1 1 
ATOM   154  C  CD2 . PHE A 1 17 ? -0.31087  3.26832   4.76291   1.000 12.95071 ? 35  PHE A CD2 1 
ATOM   155  C  CE1 . PHE A 1 17 ? -0.87138  2.27945   2.24341   1.000 11.45162 ? 35  PHE A CE1 1 
ATOM   156  C  CE2 . PHE A 1 17 ? -1.10678  2.14202   4.62912   1.000 10.87401 ? 35  PHE A CE2 1 
ATOM   157  C  CZ  . PHE A 1 17 ? -1.39470  1.63671   3.37169   1.000 11.53089 ? 35  PHE A CZ  1 
ATOM   158  N  N   . SER A 1 18 ? 0.38081   6.87820   1.31122   1.000 10.09781 ? 36  SER A N   1 
ATOM   159  C  CA  . SER A 1 18 ? -0.20348  6.97028   -0.01698  1.000 9.81871  ? 36  SER A CA  1 
ATOM   160  C  C   . SER A 1 18 ? 0.16094   5.74072   -0.83870  1.000 9.85792  ? 36  SER A C   1 
ATOM   161  O  O   . SER A 1 18 ? 1.15566   5.05770   -0.56995  1.000 10.11737 ? 36  SER A O   1 
ATOM   162  C  CB  . SER A 1 18 ? 0.26646   8.22987   -0.74898  1.000 11.36224 ? 36  SER A CB  1 
ATOM   163  O  OG  . SER A 1 18 ? 1.66448   8.20132   -0.96443  1.000 12.37892 ? 36  SER A OG  1 
ATOM   164  N  N   . ILE A 1 19 ? -0.64762  5.47552   -1.86564  1.000 11.15941 ? 37  ILE A N   1 
ATOM   165  C  CA  . ILE A 1 19 ? -0.40055  4.34451   -2.75239  1.000 10.55537 ? 37  ILE A CA  1 
ATOM   166  C  C   . ILE A 1 19 ? -0.35527  4.82322   -4.19076  1.000 11.69298 ? 37  ILE A C   1 
ATOM   167  O  O   . ILE A 1 19 ? -0.99589  5.81435   -4.56301  1.000 11.36270 ? 37  ILE A O   1 
ATOM   168  C  CB  . ILE A 1 19 ? -1.45433  3.22764   -2.60161  1.000 10.30245 ? 37  ILE A CB  1 
ATOM   169  C  CG1 . ILE A 1 19 ? -2.86424  3.77196   -2.84125  1.000 12.18009 ? 37  ILE A CG1 1 
ATOM   170  C  CG2 . ILE A 1 19 ? -1.32344  2.56686   -1.22613  1.000 11.38710 ? 37  ILE A CG2 1 
ATOM   171  C  CD1 . ILE A 1 19 ? -3.91877  2.67953   -2.98489  1.000 14.21714 ? 37  ILE A CD1 1 
ATOM   172  N  N   A SER A 1 20 ? 0.40834   4.10377   -5.00874  0.050 10.86338 ? 38  SER A N   1 
ATOM   173  N  N   B SER A 1 20 ? 0.43722   4.12681   -5.00590  0.950 10.39613 ? 38  SER A N   1 
ATOM   174  C  CA  A SER A 1 20 ? 0.47985   4.34562   -6.43964  0.050 11.03056 ? 38  SER A CA  1 
ATOM   175  C  CA  B SER A 1 20 ? 0.46178   4.34998   -6.44402  0.950 10.76763 ? 38  SER A CA  1 
ATOM   176  C  C   A SER A 1 20 ? 0.50417   3.00547   -7.15389  0.050 12.64591 ? 38  SER A C   1 
ATOM   177  C  C   B SER A 1 20 ? 0.44269   2.99839   -7.13828  0.950 12.62780 ? 38  SER A C   1 
ATOM   178  O  O   A SER A 1 20 ? 0.87188   1.98205   -6.57287  0.050 12.45488 ? 38  SER A O   1 
ATOM   179  O  O   B SER A 1 20 ? 0.70137   1.96763   -6.52004  0.950 12.38656 ? 38  SER A O   1 
ATOM   180  C  CB  A SER A 1 20 ? 1.72070   5.16857   -6.81261  0.050 11.80053 ? 38  SER A CB  1 
ATOM   181  C  CB  B SER A 1 20 ? 1.69473   5.15165   -6.88826  0.950 11.48814 ? 38  SER A CB  1 
ATOM   182  O  OG  A SER A 1 20 ? 2.91152   4.44041   -6.56528  0.050 12.92017 ? 38  SER A OG  1 
ATOM   183  O  OG  B SER A 1 20 ? 2.89683   4.50326   -6.50759  0.950 12.92705 ? 38  SER A OG  1 
ATOM   184  N  N   . GLY A 1 21 ? 0.09854   3.00989   -8.42530  1.000 12.08457 ? 39  GLY A N   1 
ATOM   185  C  CA  . GLY A 1 21 ? 0.18133   1.81487   -9.24592  1.000 13.83946 ? 39  GLY A CA  1 
ATOM   186  C  C   . GLY A 1 21 ? -1.16173  1.29922   -9.73074  1.000 12.21328 ? 39  GLY A C   1 
ATOM   187  O  O   . GLY A 1 21 ? -2.06265  2.08867   -10.04137 1.000 14.85874 ? 39  GLY A O   1 
ATOM   188  N  N   . GLY A 1 22 ? -1.28356  -0.01671  -9.83155  1.000 11.58438 ? 40  GLY A N   1 
ATOM   189  C  CA  . GLY A 1 22 ? -2.54600  -0.65516  -10.14814 1.000 12.61135 ? 40  GLY A CA  1 
ATOM   190  C  C   . GLY A 1 22 ? -2.59112  -1.17138  -11.56869 1.000 16.15086 ? 40  GLY A C   1 
ATOM   191  O  O   . GLY A 1 22 ? -1.90859  -0.66325  -12.47580 1.000 16.30020 ? 40  GLY A O   1 
ATOM   192  N  N   A VAL A 1 23 ? -3.42101  -2.19000  -11.79291 0.860 16.68909 ? 41  VAL A N   1 
ATOM   193  N  N   B VAL A 1 23 ? -3.39126  -2.21649  -11.79343 0.140 16.77907 ? 41  VAL A N   1 
ATOM   194  C  CA  A VAL A 1 23 ? -3.60661  -2.76318  -13.11918 0.860 17.05910 ? 41  VAL A CA  1 
ATOM   195  C  CA  B VAL A 1 23 ? -3.53458  -2.75866  -13.13502 0.140 17.26827 ? 41  VAL A CA  1 
ATOM   196  C  C   A VAL A 1 23 ? -4.25387  -1.72991  -14.02995 0.860 18.14458 ? 41  VAL A C   1 
ATOM   197  C  C   B VAL A 1 23 ? -4.21967  -1.72773  -14.01939 0.140 18.32653 ? 41  VAL A C   1 
ATOM   198  O  O   A VAL A 1 23 ? -5.25390  -1.09977  -13.66245 0.860 18.83211 ? 41  VAL A O   1 
ATOM   199  O  O   B VAL A 1 23 ? -5.19315  -1.07724  -13.61522 0.140 19.21170 ? 41  VAL A O   1 
ATOM   200  C  CB  A VAL A 1 23 ? -4.46068  -4.03505  -13.03969 0.860 20.87166 ? 41  VAL A CB  1 
ATOM   201  C  CB  B VAL A 1 23 ? -4.30365  -4.09064  -13.12735 0.140 21.09702 ? 41  VAL A CB  1 
ATOM   202  C  CG1 A VAL A 1 23 ? -4.88725  -4.47448  -14.43069 0.860 21.89494 ? 41  VAL A CG1 1 
ATOM   203  C  CG1 B VAL A 1 23 ? -3.48284  -5.15679  -12.45393 0.140 22.94906 ? 41  VAL A CG1 1 
ATOM   204  C  CG2 A VAL A 1 23 ? -3.69171  -5.11635  -12.35347 0.860 23.36232 ? 41  VAL A CG2 1 
ATOM   205  C  CG2 B VAL A 1 23 ? -5.65787  -3.93713  -12.45767 0.140 18.35129 ? 41  VAL A CG2 1 
ATOM   206  N  N   . GLY A 1 24 ? -3.69724  -1.55986  -15.22978 1.000 20.34308 ? 42  GLY A N   1 
ATOM   207  C  CA  . GLY A 1 24 ? -4.19352  -0.52584  -16.11176 1.000 24.53765 ? 42  GLY A CA  1 
ATOM   208  C  C   . GLY A 1 24 ? -3.90565  0.87626   -15.63613 1.000 23.82891 ? 42  GLY A C   1 
ATOM   209  O  O   . GLY A 1 24 ? -4.45283  1.83161   -16.19623 1.000 24.93020 ? 42  GLY A O   1 
ATOM   210  N  N   . GLY A 1 25 ? -3.04904  1.02464   -14.62816 1.000 18.94476 ? 43  GLY A N   1 
ATOM   211  C  CA  . GLY A 1 25 ? -2.75522  2.31077   -14.03730 1.000 16.82019 ? 43  GLY A CA  1 
ATOM   212  C  C   . GLY A 1 25 ? -1.58387  3.01157   -14.69728 1.000 17.57909 ? 43  GLY A C   1 
ATOM   213  O  O   . GLY A 1 25 ? -1.15451  2.67184   -15.80595 1.000 20.88543 ? 43  GLY A O   1 
ATOM   214  N  N   . ARG A 1 26 ? -1.05392  4.00895   -13.98449 1.000 17.58941 ? 44  ARG A N   1 
ATOM   215  C  CA  . ARG A 1 26 ? -0.01700  4.89023   -14.51112 1.000 13.28011 ? 44  ARG A CA  1 
ATOM   216  C  C   . ARG A 1 26 ? 1.36512   4.56192   -13.96828 1.000 19.68120 ? 44  ARG A C   1 
ATOM   217  O  O   . ARG A 1 26 ? 2.28591   5.37350   -14.10590 1.000 20.85083 ? 44  ARG A O   1 
ATOM   218  C  CB  . ARG A 1 26 ? -0.37729  6.35162   -14.21889 1.000 18.03068 ? 44  ARG A CB  1 
ATOM   219  C  CG  . ARG A 1 26 ? -1.78313  6.68459   -14.73132 1.000 27.61190 ? 44  ARG A CG  1 
ATOM   220  C  CD  . ARG A 1 26 ? -1.83190  7.98099   -15.51116 1.000 39.07268 ? 44  ARG A CD  1 
ATOM   221  N  NE  . ARG A 1 26 ? -1.23061  9.08346   -14.76992 1.000 38.45752 ? 44  ARG A NE  1 
ATOM   222  C  CZ  . ARG A 1 26 ? -1.89466  10.15321  -14.34455 1.000 46.55228 ? 44  ARG A CZ  1 
ATOM   223  N  NH1 . ARG A 1 26 ? -3.19514  10.27328  -14.59159 1.000 48.51503 ? 44  ARG A NH1 1 
ATOM   224  N  NH2 . ARG A 1 26 ? -1.25382  11.10483  -13.67861 1.000 32.16235 ? 44  ARG A NH2 1 
ATOM   225  N  N   . GLY A 1 27 ? 1.53227   3.39228   -13.36128 1.000 17.67838 ? 45  GLY A N   1 
ATOM   226  C  CA  . GLY A 1 27 ? 2.84120   2.96917   -12.91070 1.000 15.73570 ? 45  GLY A CA  1 
ATOM   227  C  C   . GLY A 1 27 ? 3.14840   3.41873   -11.50007 1.000 12.13072 ? 45  GLY A C   1 
ATOM   228  O  O   . GLY A 1 27 ? 2.28477   3.86135   -10.73782 1.000 13.54635 ? 45  GLY A O   1 
ATOM   229  N  N   . ASN A 1 28 ? 4.42606   3.29214   -11.14891 1.000 16.28038 ? 46  ASN A N   1 
ATOM   230  C  CA  . ASN A 1 28 ? 4.89659   3.61921   -9.80713  1.000 15.04898 ? 46  ASN A CA  1 
ATOM   231  C  C   . ASN A 1 28 ? 6.37489   3.96524   -9.89944  1.000 13.02742 ? 46  ASN A C   1 
ATOM   232  O  O   . ASN A 1 28 ? 7.05364   3.55205   -10.84234 1.000 15.93413 ? 46  ASN A O   1 
ATOM   233  C  CB  . ASN A 1 28 ? 4.68533   2.44258   -8.84698  1.000 14.36920 ? 46  ASN A CB  1 
ATOM   234  C  CG  . ASN A 1 28 ? 5.62916   1.30878   -9.13608  1.000 12.88215 ? 46  ASN A CG  1 
ATOM   235  O  OD1 . ASN A 1 28 ? 6.75006   1.28336   -8.63362  1.000 13.88380 ? 46  ASN A OD1 1 
ATOM   236  N  ND2 . ASN A 1 28 ? 5.19962   0.37847   -9.98343  1.000 14.69916 ? 46  ASN A ND2 1 
ATOM   237  N  N   . PRO A 1 29 ? 6.90229   4.71727   -8.92349  1.000 14.97900 ? 47  PRO A N   1 
ATOM   238  C  CA  . PRO A 1 29 ? 8.29187   5.18913   -9.02113  1.000 14.76110 ? 47  PRO A CA  1 
ATOM   239  C  C   . PRO A 1 29 ? 9.34553   4.17703   -8.59571  1.000 20.37999 ? 47  PRO A C   1 
ATOM   240  O  O   . PRO A 1 29 ? 10.53651  4.50378   -8.63582  1.000 21.50336 ? 47  PRO A O   1 
ATOM   241  C  CB  . PRO A 1 29 ? 8.29813   6.40982   -8.08267  1.000 15.79397 ? 47  PRO A CB  1 
ATOM   242  C  CG  . PRO A 1 29 ? 7.22732   6.10918   -7.07036  1.000 15.01702 ? 47  PRO A CG  1 
ATOM   243  C  CD  . PRO A 1 29 ? 6.16316   5.34079   -7.80715  1.000 12.78858 ? 47  PRO A CD  1 
ATOM   244  N  N   . PHE A 1 30 ? 8.95770   2.96309   -8.21277  1.000 12.77727 ? 48  PHE A N   1 
ATOM   245  C  CA  . PHE A 1 30 ? 9.87547   1.99790   -7.61572  1.000 11.84920 ? 48  PHE A CA  1 
ATOM   246  C  C   . PHE A 1 30 ? 10.24765  0.86496   -8.55611  1.000 24.25901 ? 48  PHE A C   1 
ATOM   247  O  O   . PHE A 1 30 ? 11.43156  0.51778   -8.68068  1.000 23.58905 ? 48  PHE A O   1 
ATOM   248  C  CB  . PHE A 1 30 ? 9.23435   1.41992   -6.34776  1.000 13.13242 ? 48  PHE A CB  1 
ATOM   249  C  CG  . PHE A 1 30 ? 8.77505   2.46930   -5.38900  1.000 11.88516 ? 48  PHE A CG  1 
ATOM   250  C  CD1 . PHE A 1 30 ? 9.69935   3.18436   -4.63926  1.000 13.30988 ? 48  PHE A CD1 1 
ATOM   251  C  CD2 . PHE A 1 30 ? 7.42603   2.76336   -5.24683  1.000 13.02681 ? 48  PHE A CD2 1 
ATOM   252  C  CE1 . PHE A 1 30 ? 9.28510   4.16557   -3.75187  1.000 13.81584 ? 48  PHE A CE1 1 
ATOM   253  C  CE2 . PHE A 1 30 ? 7.00936   3.74393   -4.36377  1.000 9.11287  ? 48  PHE A CE2 1 
ATOM   254  C  CZ  . PHE A 1 30 ? 7.95292   4.45126   -3.61791  1.000 11.06615 ? 48  PHE A CZ  1 
ATOM   255  N  N   . ARG A 1 31 ? 9.25257   0.24362   -9.17112  1.000 20.17227 ? 49  ARG A N   1 
ATOM   256  C  CA  . ARG A 1 31 ? 9.42511   -0.86502  -10.12157 1.000 20.55087 ? 49  ARG A CA  1 
ATOM   257  C  C   . ARG A 1 31 ? 8.60885   -0.54074  -11.34843 1.000 23.34625 ? 49  ARG A C   1 
ATOM   258  O  O   . ARG A 1 31 ? 7.50287   -0.87419  -11.40258 1.000 23.77019 ? 49  ARG A O   1 
ATOM   259  C  CB  . ARG A 1 31 ? 8.95506   -2.15425  -9.49007  1.000 22.43693 ? 49  ARG A CB  1 
ATOM   260  C  CG  . ARG A 1 31 ? 9.76928   -2.51016  -8.30156  1.000 23.49403 ? 49  ARG A CG  1 
ATOM   261  C  CD  . ARG A 1 31 ? 9.46901   -3.89527  -7.81257  1.000 50.88698 ? 49  ARG A CD  1 
ATOM   262  N  NE  . ARG A 1 31 ? 10.18047  -4.90572  -8.57904  1.000 61.28208 ? 49  ARG A NE  1 
ATOM   263  C  CZ  . ARG A 1 31 ? 11.46638  -5.21666  -8.44135  1.000 66.87850 ? 49  ARG A CZ  1 
ATOM   264  N  NH1 . ARG A 1 31 ? 12.24521  -4.60028  -7.56829  1.000 54.98901 ? 49  ARG A NH1 1 
ATOM   265  N  NH2 . ARG A 1 31 ? 11.98362  -6.13382  -9.21720  1.000 52.06802 ? 49  ARG A NH2 1 
ATOM   266  N  N   . PRO A 1 32 ? 9.21404   0.08427   -12.33320 1.000 32.77947 ? 50  PRO A N   1 
ATOM   267  C  CA  . PRO A 1 32 ? 8.42799   0.60785   -13.46257 1.000 42.13859 ? 50  PRO A CA  1 
ATOM   268  C  C   . PRO A 1 32 ? 7.54191   -0.41769  -14.16189 1.000 35.39752 ? 50  PRO A C   1 
ATOM   269  O  O   . PRO A 1 32 ? 6.40469   -0.08263  -14.51704 1.000 34.96077 ? 50  PRO A O   1 
ATOM   270  C  CB  . PRO A 1 32 ? 9.50858   1.16444   -14.39948 1.000 48.74766 ? 50  PRO A CB  1 
ATOM   271  C  CG  . PRO A 1 32 ? 10.61750  1.56084   -13.47697 1.000 54.84657 ? 50  PRO A CG  1 
ATOM   272  C  CD  . PRO A 1 32 ? 10.62311  0.51098   -12.39166 1.000 45.63419 ? 50  PRO A CD  1 
ATOM   273  N  N   . ASP A 1 33 ? 8.00773   -1.65358  -14.35808 1.000 28.16736 ? 51  ASP A N   1 
ATOM   274  C  CA  . ASP A 1 33 ? 7.26792   -2.63739  -15.14643 1.000 34.37421 ? 51  ASP A CA  1 
ATOM   275  C  C   . ASP A 1 33 ? 6.41458   -3.56330  -14.28733 1.000 31.79238 ? 51  ASP A C   1 
ATOM   276  O  O   . ASP A 1 33 ? 6.15785   -4.71220  -14.67162 1.000 29.14476 ? 51  ASP A O   1 
ATOM   277  C  CB  . ASP A 1 33 ? 8.23115   -3.44707  -16.01375 1.000 41.45952 ? 51  ASP A CB  1 
ATOM   278  C  CG  . ASP A 1 33 ? 8.95488   -2.59091  -17.03589 1.000 47.21907 ? 51  ASP A CG  1 
ATOM   279  O  OD1 . ASP A 1 33 ? 8.37838   -1.57501  -17.47638 1.000 55.13872 ? 51  ASP A OD1 1 
ATOM   280  O  OD2 . ASP A 1 33 ? 10.09382  -2.93858  -17.40795 1.000 54.39690 ? 51  ASP A OD2 1 
ATOM   281  N  N   . ASP A 1 34 ? 5.97530   -3.08605  -13.13094 1.000 24.96217 ? 52  ASP A N   1 
ATOM   282  C  CA  . ASP A 1 34 ? 5.19411   -3.85096  -12.17071 1.000 21.23059 ? 52  ASP A CA  1 
ATOM   283  C  C   . ASP A 1 34 ? 3.89766   -3.08907  -11.96324 1.000 20.47509 ? 52  ASP A C   1 
ATOM   284  O  O   . ASP A 1 34 ? 3.93302   -1.92082  -11.56431 1.000 22.66838 ? 52  ASP A O   1 
ATOM   285  C  CB  . ASP A 1 34 ? 5.97777   -3.98731  -10.85848 1.000 22.83613 ? 52  ASP A CB  1 
ATOM   286  C  CG  . ASP A 1 34 ? 5.29703   -4.87236  -9.84185  1.000 23.34533 ? 52  ASP A CG  1 
ATOM   287  O  OD1 . ASP A 1 34 ? 4.05680   -4.87396  -9.76517  1.000 23.42917 ? 52  ASP A OD1 1 
ATOM   288  O  OD2 . ASP A 1 34 ? 6.01482   -5.57479  -9.10231  1.000 29.56062 ? 52  ASP A OD2 1 
ATOM   289  N  N   . ASP A 1 35 ? 2.75139   -3.72737  -12.23631 1.000 15.74821 ? 53  ASP A N   1 
ATOM   290  C  CA  . ASP A 1 35 ? 1.48899   -3.00821  -12.09295 1.000 16.59015 ? 53  ASP A CA  1 
ATOM   291  C  C   . ASP A 1 35 ? 0.89776   -3.12550  -10.68595 1.000 15.18082 ? 53  ASP A C   1 
ATOM   292  O  O   . ASP A 1 35 ? -0.28215  -2.81925  -10.48801 1.000 15.45295 ? 53  ASP A O   1 
ATOM   293  C  CB  . ASP A 1 35 ? 0.47397   -3.46201  -13.15579 1.000 22.99469 ? 53  ASP A CB  1 
ATOM   294  C  CG  . ASP A 1 35 ? 0.06540   -4.91552  -13.02434 1.000 32.64876 ? 53  ASP A CG  1 
ATOM   295  O  OD1 . ASP A 1 35 ? 0.45485   -5.59724  -12.04839 1.000 26.27826 ? 53  ASP A OD1 1 
ATOM   296  O  OD2 . ASP A 1 35 ? -0.66859  -5.37560  -13.92845 1.000 39.47952 ? 53  ASP A OD2 1 
ATOM   297  N  N   . GLY A 1 36 ? 1.69933   -3.53379  -9.71216  1.000 14.67372 ? 54  GLY A N   1 
ATOM   298  C  CA  . GLY A 1 36 ? 1.23276   -3.66363  -8.34266  1.000 15.77218 ? 54  GLY A CA  1 
ATOM   299  C  C   . GLY A 1 36 ? 0.97251   -2.33144  -7.65798  1.000 14.01764 ? 54  GLY A C   1 
ATOM   300  O  O   . GLY A 1 36 ? 1.16724   -1.24190  -8.20795  1.000 14.00037 ? 54  GLY A O   1 
ATOM   301  N  N   . ILE A 1 37 ? 0.51024   -2.44455  -6.40962  1.000 9.59548  ? 55  ILE A N   1 
ATOM   302  C  CA  . ILE A 1 37 ? 0.16347   -1.31058  -5.55343  1.000 10.94848 ? 55  ILE A CA  1 
ATOM   303  C  C   . ILE A 1 37 ? 1.33914   -1.06093  -4.62151  1.000 10.08454 ? 55  ILE A C   1 
ATOM   304  O  O   . ILE A 1 37 ? 1.72331   -1.95606  -3.86497  1.000 11.31916 ? 55  ILE A O   1 
ATOM   305  C  CB  . ILE A 1 37 ? -1.10037  -1.59617  -4.72687  1.000 9.54097  ? 55  ILE A CB  1 
ATOM   306  C  CG1 . ILE A 1 37 ? -2.28724  -1.92124  -5.63840  1.000 13.78181 ? 55  ILE A CG1 1 
ATOM   307  C  CG2 . ILE A 1 37 ? -1.41365  -0.41572  -3.76037  1.000 11.78863 ? 55  ILE A CG2 1 
ATOM   308  C  CD1 . ILE A 1 37 ? -2.66980  -0.75729  -6.54916  1.000 16.81959 ? 55  ILE A CD1 1 
ATOM   309  N  N   . PHE A 1 38 ? 1.87108   0.16272   -4.62250  1.000 10.15228 ? 56  PHE A N   1 
ATOM   310  C  CA  . PHE A 1 38 ? 3.08554   0.48119   -3.87432  1.000 10.85234 ? 56  PHE A CA  1 
ATOM   311  C  C   . PHE A 1 38 ? 2.84759   1.59594   -2.86408  1.000 11.33348 ? 56  PHE A C   1 
ATOM   312  O  O   . PHE A 1 38 ? 2.33409   2.66100   -3.22345  1.000 10.36138 ? 56  PHE A O   1 
ATOM   313  C  CB  . PHE A 1 38 ? 4.20216   0.90139   -4.82404  1.000 11.05559 ? 56  PHE A CB  1 
ATOM   314  C  CG  . PHE A 1 38 ? 4.74760   -0.23808  -5.63127  1.000 10.95829 ? 56  PHE A CG  1 
ATOM   315  C  CD1 . PHE A 1 38 ? 4.12135   -0.62623  -6.80698  1.000 12.78634 ? 56  PHE A CD1 1 
ATOM   316  C  CD2 . PHE A 1 38 ? 5.84230   -0.96162  -5.18906  1.000 14.03424 ? 56  PHE A CD2 1 
ATOM   317  C  CE1 . PHE A 1 38 ? 4.60446   -1.70013  -7.55079  1.000 12.92277 ? 56  PHE A CE1 1 
ATOM   318  C  CE2 . PHE A 1 38 ? 6.33157   -2.04772  -5.92228  1.000 15.32599 ? 56  PHE A CE2 1 
ATOM   319  C  CZ  . PHE A 1 38 ? 5.70700   -2.41873  -7.10839  1.000 14.42698 ? 56  PHE A CZ  1 
ATOM   320  N  N   . VAL A 1 39 ? 3.26914   1.35585   -1.61636  1.000 9.22887  ? 57  VAL A N   1 
ATOM   321  C  CA  . VAL A 1 39 ? 3.35887   2.42379   -0.62405  1.000 10.05904 ? 57  VAL A CA  1 
ATOM   322  C  C   . VAL A 1 39 ? 4.33215   3.46491   -1.14549  1.000 10.34569 ? 57  VAL A C   1 
ATOM   323  O  O   . VAL A 1 39 ? 5.47628   3.14625   -1.48821  1.000 12.79775 ? 57  VAL A O   1 
ATOM   324  C  CB  . VAL A 1 39 ? 3.82120   1.85837   0.72849   1.000 12.57419 ? 57  VAL A CB  1 
ATOM   325  C  CG1 . VAL A 1 39 ? 4.00399   2.98904   1.77174   1.000 11.85714 ? 57  VAL A CG1 1 
ATOM   326  C  CG2 . VAL A 1 39 ? 2.84318   0.80514   1.24536   1.000 13.76387 ? 57  VAL A CG2 1 
ATOM   327  N  N   . THR A 1 40 ? 3.89057   4.71475   -1.21804  1.000 7.67704  ? 58  THR A N   1 
ATOM   328  C  CA  . THR A 1 40 ? 4.68206   5.72798   -1.90278  1.000 8.91210  ? 58  THR A CA  1 
ATOM   329  C  C   . THR A 1 40 ? 5.22805   6.78859   -0.95681  1.000 11.45422 ? 58  THR A C   1 
ATOM   330  O  O   . THR A 1 40 ? 6.44564   6.97500   -0.88390  1.000 12.68962 ? 58  THR A O   1 
ATOM   331  C  CB  . THR A 1 40 ? 3.82973   6.34017   -3.02656  1.000 11.66838 ? 58  THR A CB  1 
ATOM   332  O  OG1 . THR A 1 40 ? 3.45879   5.27598   -3.91962  1.000 11.89958 ? 58  THR A OG1 1 
ATOM   333  C  CG2 . THR A 1 40 ? 4.62227   7.37017   -3.81561  1.000 14.35014 ? 58  THR A CG2 1 
ATOM   334  N  N   . ARG A 1 41 ? 4.36962   7.45389   -0.18312  1.000 11.34064 ? 59  ARG A N   1 
ATOM   335  C  CA  . ARG A 1 41 ? 4.81966   8.24910   0.95163   1.000 12.46708 ? 59  ARG A CA  1 
ATOM   336  C  C   . ARG A 1 41 ? 4.19537   7.71595   2.23130   1.000 12.97074 ? 59  ARG A C   1 
ATOM   337  O  O   . ARG A 1 41 ? 3.10336   7.15001   2.21812   1.000 10.68481 ? 59  ARG A O   1 
ATOM   338  C  CB  . ARG A 1 41 ? 4.46109   9.72613   0.79658   1.000 12.39833 ? 59  ARG A CB  1 
ATOM   339  C  CG  . ARG A 1 41 ? 5.40570   10.46519  -0.15019  1.000 12.99412 ? 59  ARG A CG  1 
ATOM   340  C  CD  . ARG A 1 41 ? 5.17433   11.97050  -0.10078  1.000 16.12974 ? 59  ARG A CD  1 
ATOM   341  N  NE  . ARG A 1 41 ? 4.06659   12.38586  -0.94819  1.000 16.42437 ? 59  ARG A NE  1 
ATOM   342  C  CZ  . ARG A 1 41 ? 3.78811   13.65617  -1.23210  1.000 17.76099 ? 59  ARG A CZ  1 
ATOM   343  N  NH1 . ARG A 1 41 ? 4.54286   14.63508  -0.72115  1.000 21.27321 ? 59  ARG A NH1 1 
ATOM   344  N  NH2 . ARG A 1 41 ? 2.76073   13.95370  -2.02282  1.000 20.52036 ? 59  ARG A NH2 1 
ATOM   345  N  N   . VAL A 1 42 ? 4.90297   7.90516   3.33849   1.000 13.01362 ? 60  VAL A N   1 
ATOM   346  C  CA  . VAL A 1 42 ? 4.40306   7.55715   4.66195   1.000 12.58146 ? 60  VAL A CA  1 
ATOM   347  C  C   . VAL A 1 42 ? 4.41209   8.82164   5.49971   1.000 13.40349 ? 60  VAL A C   1 
ATOM   348  O  O   . VAL A 1 42 ? 5.43981   9.50364   5.59378   1.000 17.56000 ? 60  VAL A O   1 
ATOM   349  C  CB  . VAL A 1 42 ? 5.25598   6.46044   5.32766   1.000 12.97432 ? 60  VAL A CB  1 
ATOM   350  C  CG1 . VAL A 1 42 ? 4.69535   6.11751   6.70220   1.000 17.64507 ? 60  VAL A CG1 1 
ATOM   351  C  CG2 . VAL A 1 42 ? 5.31644   5.22983   4.44620   1.000 16.83258 ? 60  VAL A CG2 1 
ATOM   352  N  N   . GLN A 1 43 ? 3.28536   9.12971   6.11046   1.000 14.84332 ? 61  GLN A N   1 
ATOM   353  C  CA  . GLN A 1 43 ? 3.21972   10.32022  6.95150   1.000 16.90657 ? 61  GLN A CA  1 
ATOM   354  C  C   . GLN A 1 43 ? 4.10914   10.15307  8.18241   1.000 18.04347 ? 61  GLN A C   1 
ATOM   355  O  O   . GLN A 1 43 ? 4.01020   9.13987   8.88266   1.000 16.59895 ? 61  GLN A O   1 
ATOM   356  C  CB  . GLN A 1 43 ? 1.78370   10.59044  7.36252   1.000 20.12681 ? 61  GLN A CB  1 
ATOM   357  C  CG  . GLN A 1 43 ? 0.94022   11.25312  6.28853   1.000 31.15794 ? 61  GLN A CG  1 
ATOM   358  C  CD  . GLN A 1 43 ? 1.23818   12.74011  6.11914   1.000 37.67224 ? 61  GLN A CD  1 
ATOM   359  O  OE1 . GLN A 1 43 ? 1.76435   13.38925  7.02218   1.000 35.78973 ? 61  GLN A OE1 1 
ATOM   360  N  NE2 . GLN A 1 43 ? 0.89082   13.28215  4.95919   1.000 29.07410 ? 61  GLN A NE2 1 
ATOM   361  N  N   . PRO A 1 44 ? 4.97150   11.13087  8.49084   1.000 26.50283 ? 62  PRO A N   1 
ATOM   362  C  CA  . PRO A 1 44 ? 6.06854   10.89169  9.45190   1.000 29.85082 ? 62  PRO A CA  1 
ATOM   363  C  C   . PRO A 1 44 ? 5.63299   10.59768  10.87420  1.000 35.06155 ? 62  PRO A C   1 
ATOM   364  O  O   . PRO A 1 44 ? 6.34237   9.87849   11.59225  1.000 41.70787 ? 62  PRO A O   1 
ATOM   365  C  CB  . PRO A 1 44 ? 6.86938   12.20194  9.38988   1.000 29.24113 ? 62  PRO A CB  1 
ATOM   366  C  CG  . PRO A 1 44 ? 6.58999   12.73848  8.04032   1.000 30.81186 ? 62  PRO A CG  1 
ATOM   367  C  CD  . PRO A 1 44 ? 5.15943   12.38237  7.73892   1.000 32.73623 ? 62  PRO A CD  1 
ATOM   368  N  N   . GLU A 1 45 ? 4.53463   11.16180  11.33217  1.000 23.38388 ? 63  GLU A N   1 
ATOM   369  C  CA  . GLU A 1 45 ? 4.07878   10.91058  12.69482  1.000 28.15759 ? 63  GLU A CA  1 
ATOM   370  C  C   . GLU A 1 45 ? 2.69673   10.28377  12.67839  1.000 28.13709 ? 63  GLU A C   1 
ATOM   371  O  O   . GLU A 1 45 ? 1.83616   10.58178  13.51569  1.000 19.18753 ? 63  GLU A O   1 
ATOM   372  C  CB  . GLU A 1 45 ? 4.09986   12.18947  13.52394  1.000 35.70880 ? 63  GLU A CB  1 
ATOM   373  C  CG  . GLU A 1 45 ? 5.38619   12.33709  14.30810  1.000 41.79121 ? 63  GLU A CG  1 
ATOM   374  C  CD  . GLU A 1 45 ? 5.89908   13.76092  14.33638  1.000 66.32259 ? 63  GLU A CD  1 
ATOM   375  O  OE1 . GLU A 1 45 ? 5.17584   14.66874  13.87199  1.000 62.52132 ? 63  GLU A OE1 1 
ATOM   376  O  OE2 . GLU A 1 45 ? 7.02945   13.96949  14.82750  1.000 66.19490 ? 63  GLU A OE2 1 
ATOM   377  N  N   . GLY A 1 46 ? 2.48690   9.39780   11.71201  1.000 26.18989 ? 64  GLY A N   1 
ATOM   378  C  CA  . GLY A 1 46 ? 1.20495   8.78601   11.49882  1.000 20.29217 ? 64  GLY A CA  1 
ATOM   379  C  C   . GLY A 1 46 ? 1.18339   7.31780   11.84387  1.000 22.43798 ? 64  GLY A C   1 
ATOM   380  O  O   . GLY A 1 46 ? 2.18052   6.72693   12.27244  1.000 19.38969 ? 64  GLY A O   1 
ATOM   381  N  N   . PRO A 1 47 ? 0.01798   6.70060   11.66163  1.000 15.30822 ? 65  PRO A N   1 
ATOM   382  C  CA  . PRO A 1 47 ? -0.16014  5.31387   12.11084  1.000 14.13301 ? 65  PRO A CA  1 
ATOM   383  C  C   . PRO A 1 47 ? 0.76701   4.32337   11.44871  1.000 15.06451 ? 65  PRO A C   1 
ATOM   384  O  O   . PRO A 1 47 ? 0.97981   3.23894   12.00625  1.000 17.01270 ? 65  PRO A O   1 
ATOM   385  C  CB  . PRO A 1 47 ? -1.62055  5.01963   11.74655  1.000 18.40241 ? 65  PRO A CB  1 
ATOM   386  C  CG  . PRO A 1 47 ? -2.27775  6.36241   11.72406  1.000 16.15425 ? 65  PRO A CG  1 
ATOM   387  C  CD  . PRO A 1 47 ? -1.23911  7.29563   11.17402  1.000 19.44455 ? 65  PRO A CD  1 
ATOM   388  N  N   . ALA A 1 48 ? 1.30006   4.63189   10.26712  1.000 14.36204 ? 66  ALA A N   1 
ATOM   389  C  CA  . ALA A 1 48 ? 2.13873   3.68989   9.53624   1.000 14.40846 ? 66  ALA A CA  1 
ATOM   390  C  C   . ALA A 1 48 ? 3.62742   3.95004   9.69948   1.000 14.82697 ? 66  ALA A C   1 
ATOM   391  O  O   . ALA A 1 48 ? 4.43369   3.16980   9.18275   1.000 15.52324 ? 66  ALA A O   1 
ATOM   392  C  CB  . ALA A 1 48 ? 1.79082   3.71388   8.03615   1.000 15.03342 ? 66  ALA A CB  1 
ATOM   393  N  N   A SER A 1 49 ? 4.01092   5.00854   10.41067  0.620 15.52868 ? 67  SER A N   1 
ATOM   394  N  N   B SER A 1 49 ? 4.01584   5.02566   10.38344  0.380 15.70268 ? 67  SER A N   1 
ATOM   395  C  CA  A SER A 1 49 ? 5.42456   5.30186   10.60090  0.620 16.62620 ? 67  SER A CA  1 
ATOM   396  C  CA  B SER A 1 49 ? 5.43301   5.32188   10.56317  0.380 16.65296 ? 67  SER A CA  1 
ATOM   397  C  C   A SER A 1 49 ? 6.11367   4.16110   11.34063  0.620 18.54874 ? 67  SER A C   1 
ATOM   398  C  C   B SER A 1 49 ? 6.11620   4.19856   11.33415  0.380 18.68086 ? 67  SER A C   1 
ATOM   399  O  O   A SER A 1 49 ? 5.54827   3.55548   12.25332  0.620 21.24023 ? 67  SER A O   1 
ATOM   400  O  O   B SER A 1 49 ? 5.54631   3.63374   12.26925  0.380 21.44110 ? 67  SER A O   1 
ATOM   401  C  CB  A SER A 1 49 ? 5.59079   6.60872   11.37092  0.620 19.10730 ? 67  SER A CB  1 
ATOM   402  C  CB  B SER A 1 49 ? 5.60141   6.64940   11.30096  0.380 19.22435 ? 67  SER A CB  1 
ATOM   403  O  OG  A SER A 1 49 ? 4.70330   7.59305   10.87636  0.620 20.89440 ? 67  SER A OG  1 
ATOM   404  O  OG  B SER A 1 49 ? 4.96697   6.61152   12.56769  0.380 19.39958 ? 67  SER A OG  1 
ATOM   405  N  N   . LYS A 1 50 ? 7.34318   3.86419   10.93045  1.000 25.06643 ? 68  LYS A N   1 
ATOM   406  C  CA  . LYS A 1 50 ? 8.13710   2.76952   11.50086  1.000 27.25961 ? 68  LYS A CA  1 
ATOM   407  C  C   . LYS A 1 50 ? 7.52188   1.38457   11.25538  1.000 25.42649 ? 68  LYS A C   1 
ATOM   408  O  O   . LYS A 1 50 ? 8.05276   0.37987   11.75399  1.000 23.82091 ? 68  LYS A O   1 
ATOM   409  C  CB  . LYS A 1 50 ? 8.38359   2.95774   13.00620  1.000 35.75719 ? 68  LYS A CB  1 
ATOM   410  C  CG  . LYS A 1 50 ? 8.88375   4.34192   13.40088  1.000 39.31499 ? 68  LYS A CG  1 
ATOM   411  N  N   . LEU A 1 51 ? 6.42375   1.29788   10.50195  1.000 15.52670 ? 69  LEU A N   1 
ATOM   412  C  CA  . LEU A 1 51 ? 5.87746   0.01260   10.07741  1.000 16.51473 ? 69  LEU A CA  1 
ATOM   413  C  C   . LEU A 1 51 ? 6.08330   -0.20901  8.58656   1.000 18.16741 ? 69  LEU A C   1 
ATOM   414  O  O   . LEU A 1 51 ? 6.69138   -1.20316  8.18074   1.000 19.10408 ? 69  LEU A O   1 
ATOM   415  C  CB  . LEU A 1 51 ? 4.38465   -0.09111  10.43016  1.000 18.48654 ? 69  LEU A CB  1 
ATOM   416  C  CG  . LEU A 1 51 ? 4.07855   -0.15551  11.93402  1.000 21.31866 ? 69  LEU A CG  1 
ATOM   417  C  CD1 . LEU A 1 51 ? 2.56985   -0.22092  12.16361  1.000 22.66110 ? 69  LEU A CD1 1 
ATOM   418  C  CD2 . LEU A 1 51 ? 4.77708   -1.35683  12.55927  1.000 26.68946 ? 69  LEU A CD2 1 
ATOM   419  N  N   . LEU A 1 52 ? 5.61357   0.71043   7.75535   1.000 11.25089 ? 70  LEU A N   1 
ATOM   420  C  CA  . LEU A 1 52 ? 5.74326   0.62057   6.31135   1.000 12.30298 ? 70  LEU A CA  1 
ATOM   421  C  C   . LEU A 1 52 ? 6.83815   1.55494   5.81930   1.000 14.42536 ? 70  LEU A C   1 
ATOM   422  O  O   . LEU A 1 52 ? 7.17288   2.55601   6.46111   1.000 14.88984 ? 70  LEU A O   1 
ATOM   423  C  CB  . LEU A 1 52 ? 4.42905   0.99295   5.62572   1.000 11.68482 ? 70  LEU A CB  1 
ATOM   424  C  CG  . LEU A 1 52 ? 3.26322   0.08252   5.97185   1.000 14.16967 ? 70  LEU A CG  1 
ATOM   425  C  CD1 . LEU A 1 52 ? 1.98873   0.65605   5.35453   1.000 14.32054 ? 70  LEU A CD1 1 
ATOM   426  C  CD2 . LEU A 1 52 ? 3.54964   -1.32395  5.45449   1.000 14.81885 ? 70  LEU A CD2 1 
ATOM   427  N  N   . GLN A 1 53 ? 7.37641   1.22923   4.64777   1.000 12.63250 ? 71  GLN A N   1 
ATOM   428  C  CA  . GLN A 1 53 ? 8.40085   2.05056   4.02578   1.000 13.49724 ? 71  GLN A CA  1 
ATOM   429  C  C   . GLN A 1 53 ? 8.01869   2.31597   2.57636   1.000 12.51373 ? 71  GLN A C   1 
ATOM   430  O  O   . GLN A 1 53 ? 7.43056   1.44857   1.92510   1.000 11.50940 ? 71  GLN A O   1 
ATOM   431  C  CB  . GLN A 1 53 ? 9.77041   1.34897   4.07289   1.000 15.00027 ? 71  GLN A CB  1 
ATOM   432  C  CG  . GLN A 1 53 ? 10.30780  1.13969   5.48185   1.000 13.52167 ? 71  GLN A CG  1 
ATOM   433  C  CD  . GLN A 1 53 ? 11.64604  0.42802   5.52603   1.000 20.44138 ? 71  GLN A CD  1 
ATOM   434  O  OE1 . GLN A 1 53 ? 12.23717  0.11696   4.49307   1.000 24.20109 ? 71  GLN A OE1 1 
ATOM   435  N  NE2 . GLN A 1 53 ? 12.14443  0.18115   6.74325   1.000 21.89308 ? 71  GLN A NE2 1 
ATOM   436  N  N   . PRO A 1 54 ? 8.34788   3.49754   2.04867   1.000 12.89320 ? 72  PRO A N   1 
ATOM   437  C  CA  . PRO A 1 54 ? 8.21146   3.72268   0.60222   1.000 12.42043 ? 72  PRO A CA  1 
ATOM   438  C  C   . PRO A 1 54 ? 8.78320   2.55584   -0.19282  1.000 12.70992 ? 72  PRO A C   1 
ATOM   439  O  O   . PRO A 1 54 ? 9.86051   2.03296   0.10637   1.000 12.56708 ? 72  PRO A O   1 
ATOM   440  C  CB  . PRO A 1 54 ? 9.01290   5.00968   0.36669   1.000 13.94995 ? 72  PRO A CB  1 
ATOM   441  C  CG  . PRO A 1 54 ? 8.88781   5.76583   1.66929   1.000 14.17532 ? 72  PRO A CG  1 
ATOM   442  C  CD  . PRO A 1 54 ? 8.95557   4.65900   2.72724   1.000 12.91089 ? 72  PRO A CD  1 
ATOM   443  N  N   . GLY A 1 55 ? 8.04402   2.13378   -1.20295  1.000 12.17086 ? 73  GLY A N   1 
ATOM   444  C  CA  . GLY A 1 55 ? 8.46889   1.03181   -2.03158  1.000 11.60913 ? 73  GLY A CA  1 
ATOM   445  C  C   . GLY A 1 55 ? 7.86295   -0.29716  -1.64677  1.000 10.15078 ? 73  GLY A C   1 
ATOM   446  O  O   . GLY A 1 55 ? 7.95138   -1.24168  -2.43626  1.000 12.33557 ? 73  GLY A O   1 
ATOM   447  N  N   . ASP A 1 56 ? 7.26392   -0.40105  -0.45719  1.000 11.86339 ? 74  ASP A N   1 
ATOM   448  C  CA  . ASP A 1 56 ? 6.59703   -1.63969  -0.06310  1.000 10.93872 ? 74  ASP A CA  1 
ATOM   449  C  C   . ASP A 1 56 ? 5.45517   -1.92746  -1.02845  1.000 12.12896 ? 74  ASP A C   1 
ATOM   450  O  O   . ASP A 1 56 ? 4.63174   -1.04834  -1.29933  1.000 14.21450 ? 74  ASP A O   1 
ATOM   451  C  CB  . ASP A 1 56 ? 6.03714   -1.52706  1.35650   1.000 11.03340 ? 74  ASP A CB  1 
ATOM   452  C  CG  . ASP A 1 56 ? 7.10565   -1.59189  2.42530   1.000 11.29899 ? 74  ASP A CG  1 
ATOM   453  O  OD1 . ASP A 1 56 ? 8.27859   -1.87253  2.10290   1.000 13.10665 ? 74  ASP A OD1 1 
ATOM   454  O  OD2 . ASP A 1 56 ? 6.75340   -1.36227  3.60314   1.000 12.96411 ? 74  ASP A OD2 1 
ATOM   455  N  N   . LYS A 1 57 ? 5.38741   -3.16231  -1.53233  1.000 12.20556 ? 75  LYS A N   1 
ATOM   456  C  CA  . LYS A 1 57 ? 4.30787   -3.57373  -2.43419  1.000 10.97840 ? 75  LYS A CA  1 
ATOM   457  C  C   . LYS A 1 57 ? 3.21583   -4.25737  -1.62379  1.000 13.54510 ? 75  LYS A C   1 
ATOM   458  O  O   . LYS A 1 57 ? 3.47773   -5.26562  -0.96791  1.000 12.92732 ? 75  LYS A O   1 
ATOM   459  C  CB  . LYS A 1 57 ? 4.82582   -4.53730  -3.50364  1.000 11.86967 ? 75  LYS A CB  1 
ATOM   460  C  CG  . LYS A 1 57 ? 3.72743   -4.98519  -4.46607  1.000 13.65325 ? 75  LYS A CG  1 
ATOM   461  C  CD  . LYS A 1 57 ? 4.32100   -5.63470  -5.71684  1.000 22.38073 ? 75  LYS A CD  1 
ATOM   462  C  CE  . LYS A 1 57 ? 4.98581   -6.95685  -5.41941  1.000 33.91532 ? 75  LYS A CE  1 
ATOM   463  N  NZ  . LYS A 1 57 ? 5.26809   -7.68317  -6.69708  1.000 39.68781 ? 75  LYS A NZ  1 
ATOM   464  N  N   . ILE A 1 58 ? 1.99290   -3.73498  -1.66981  1.000 10.36900 ? 76  ILE A N   1 
ATOM   465  C  CA  . ILE A 1 58 ? 0.92062   -4.33884  -0.88361  1.000 10.76780 ? 76  ILE A CA  1 
ATOM   466  C  C   . ILE A 1 58 ? 0.37269   -5.51789  -1.66289  1.000 11.75455 ? 76  ILE A C   1 
ATOM   467  O  O   . ILE A 1 58 ? -0.11500  -5.34675  -2.78804  1.000 14.03164 ? 76  ILE A O   1 
ATOM   468  C  CB  . ILE A 1 58 ? -0.19323  -3.33096  -0.56275  1.000 11.83943 ? 76  ILE A CB  1 
ATOM   469  C  CG1 . ILE A 1 58 ? 0.36436   -2.12842  0.20142   1.000 14.87292 ? 76  ILE A CG1 1 
ATOM   470  C  CG2 . ILE A 1 58 ? -1.32860  -4.03888  0.21102   1.000 12.44633 ? 76  ILE A CG2 1 
ATOM   471  C  CD1 . ILE A 1 58 ? -0.66429  -1.00400  0.39473   1.000 14.16979 ? 76  ILE A CD1 1 
ATOM   472  N  N   . ILE A 1 59 ? 0.45903   -6.71793  -1.09165  1.000 10.53677 ? 77  ILE A N   1 
ATOM   473  C  CA  . ILE A 1 59 ? -0.09566  -7.89057  -1.76107  1.000 11.30820 ? 77  ILE A CA  1 
ATOM   474  C  C   . ILE A 1 59 ? -1.35650  -8.42093  -1.09038  1.000 13.80380 ? 77  ILE A C   1 
ATOM   475  O  O   . ILE A 1 59 ? -2.07508  -9.22436  -1.70916  1.000 15.50552 ? 77  ILE A O   1 
ATOM   476  C  CB  . ILE A 1 59 ? 0.95836   -9.00829  -1.92913  1.000 13.28446 ? 77  ILE A CB  1 
ATOM   477  C  CG1 . ILE A 1 59 ? 1.43241   -9.56031  -0.58838  1.000 14.70500 ? 77  ILE A CG1 1 
ATOM   478  C  CG2 . ILE A 1 59 ? 2.14253   -8.49048  -2.75865  1.000 14.84807 ? 77  ILE A CG2 1 
ATOM   479  C  CD1 . ILE A 1 59 ? 2.21159   -10.88621 -0.73010  1.000 16.45556 ? 77  ILE A CD1 1 
ATOM   480  N  N   . GLN A 1 60 ? -1.68371  -7.96132  0.11560   1.000 12.83538 ? 78  GLN A N   1 
ATOM   481  C  CA  . GLN A 1 60 ? -2.92505  -8.38060  0.75277   1.000 13.17885 ? 78  GLN A CA  1 
ATOM   482  C  C   . GLN A 1 60 ? -3.30738  -7.33288  1.78236   1.000 14.18406 ? 78  GLN A C   1 
ATOM   483  O  O   . GLN A 1 60 ? -2.43853  -6.76065  2.44229   1.000 12.63960 ? 78  GLN A O   1 
ATOM   484  C  CB  . GLN A 1 60 ? -2.77286  -9.74795  1.43032   1.000 10.83734 ? 78  GLN A CB  1 
ATOM   485  C  CG  . GLN A 1 60 ? -4.08404  -10.37481 1.86052   1.000 16.69720 ? 78  GLN A CG  1 
ATOM   486  C  CD  . GLN A 1 60 ? -3.87156  -11.68926 2.57185   1.000 17.42958 ? 78  GLN A CD  1 
ATOM   487  O  OE1 . GLN A 1 60 ? -3.94104  -11.75934 3.79647   1.000 24.18239 ? 78  GLN A OE1 1 
ATOM   488  N  NE2 . GLN A 1 60 ? -3.61560  -12.73984 1.81019   1.000 22.02423 ? 78  GLN A NE2 1 
ATOM   489  N  N   . ALA A 1 61 ? -4.60683  -7.08991  1.92070   1.000 13.72753 ? 79  ALA A N   1 
ATOM   490  C  CA  . ALA A 1 61 ? -5.09871  -6.14709  2.91918   1.000 10.99830 ? 79  ALA A CA  1 
ATOM   491  C  C   . ALA A 1 61 ? -6.40468  -6.69300  3.46004   1.000 13.83066 ? 79  ALA A C   1 
ATOM   492  O  O   . ALA A 1 61 ? -7.34276  -6.90828  2.68833   1.000 14.45139 ? 79  ALA A O   1 
ATOM   493  C  CB  . ALA A 1 61 ? -5.31138  -4.75868  2.31333   1.000 11.95507 ? 79  ALA A CB  1 
ATOM   494  N  N   . ASN A 1 62 ? -6.46319  -6.92903  4.77369   1.000 11.82326 ? 80  ASN A N   1 
ATOM   495  C  CA  . ASN A 1 62 ? -7.64239  -7.53428  5.40620   1.000 13.25182 ? 80  ASN A CA  1 
ATOM   496  C  C   . ASN A 1 62 ? -8.13749  -8.74689  4.61590   1.000 16.38135 ? 80  ASN A C   1 
ATOM   497  O  O   . ASN A 1 62 ? -9.34129  -8.94037  4.41357   1.000 18.94814 ? 80  ASN A O   1 
ATOM   498  C  CB  . ASN A 1 62 ? -8.76498  -6.51837  5.58169   1.000 12.79612 ? 80  ASN A CB  1 
ATOM   499  C  CG  . ASN A 1 62 ? -8.58314  -5.65610  6.81456   1.000 15.01032 ? 80  ASN A CG  1 
ATOM   500  O  OD1 . ASN A 1 62 ? -7.54820  -5.71710  7.47699   1.000 16.90720 ? 80  ASN A OD1 1 
ATOM   501  N  ND2 . ASN A 1 62 ? -9.59895  -4.85679  7.13824   1.000 18.92672 ? 80  ASN A ND2 1 
ATOM   502  N  N   . GLY A 1 63 ? -7.19821  -9.56044  4.14535   1.000 16.99707 ? 81  GLY A N   1 
ATOM   503  C  CA  . GLY A 1 63 ? -7.56139  -10.78552 3.46048   1.000 21.28224 ? 81  GLY A CA  1 
ATOM   504  C  C   . GLY A 1 63 ? -7.91587  -10.64330 1.99357   1.000 19.95012 ? 81  GLY A C   1 
ATOM   505  O  O   . GLY A 1 63 ? -8.09376  -11.67112 1.31913   1.000 22.29106 ? 81  GLY A O   1 
ATOM   506  N  N   . TYR A 1 64 ? -8.04336  -9.41965  1.47798   1.000 15.29928 ? 82  TYR A N   1 
ATOM   507  C  CA  . TYR A 1 64 ? -8.21170  -9.20569  0.04459   1.000 16.04955 ? 82  TYR A CA  1 
ATOM   508  C  C   . TYR A 1 64 ? -6.85903  -9.29955  -0.63602  1.000 22.20878 ? 82  TYR A C   1 
ATOM   509  O  O   . TYR A 1 64 ? -5.90611  -8.64350  -0.21260  1.000 16.70215 ? 82  TYR A O   1 
ATOM   510  C  CB  . TYR A 1 64 ? -8.78777  -7.82394  -0.25101  1.000 16.42422 ? 82  TYR A CB  1 
ATOM   511  C  CG  . TYR A 1 64 ? -10.21678 -7.61045  0.15358   1.000 13.25791 ? 82  TYR A CG  1 
ATOM   512  C  CD1 . TYR A 1 64 ? -10.53992 -7.26764  1.45838   1.000 15.88171 ? 82  TYR A CD1 1 
ATOM   513  C  CD2 . TYR A 1 64 ? -11.24491 -7.71651  -0.77538  1.000 20.22638 ? 82  TYR A CD2 1 
ATOM   514  C  CE1 . TYR A 1 64 ? -11.85110 -7.05245  1.83113   1.000 18.60784 ? 82  TYR A CE1 1 
ATOM   515  C  CE2 . TYR A 1 64 ? -12.55231 -7.50461  -0.41467  1.000 14.69866 ? 82  TYR A CE2 1 
ATOM   516  C  CZ  . TYR A 1 64 ? -12.85400 -7.17630  0.88789   1.000 18.73442 ? 82  TYR A CZ  1 
ATOM   517  O  OH  . TYR A 1 64 ? -14.15752 -6.96420  1.25101   1.000 20.75382 ? 82  TYR A OH  1 
ATOM   518  N  N   . SER A 1 65 ? -6.78006  -10.07418 -1.71174  1.000 15.39139 ? 83  SER A N   1 
ATOM   519  C  CA  . SER A 1 65 ? -5.57161  -10.04909 -2.52067  1.000 17.80040 ? 83  SER A CA  1 
ATOM   520  C  C   . SER A 1 65 ? -5.48223  -8.72587  -3.26860  1.000 18.66676 ? 83  SER A C   1 
ATOM   521  O  O   . SER A 1 65 ? -6.45257  -8.29533  -3.89661  1.000 15.46480 ? 83  SER A O   1 
ATOM   522  C  CB  . SER A 1 65 ? -5.55735  -11.20629 -3.51095  1.000 20.85298 ? 83  SER A CB  1 
ATOM   523  O  OG  . SER A 1 65 ? -4.54084  -10.97524 -4.46617  1.000 19.60538 ? 83  SER A OG  1 
ATOM   524  N  N   . PHE A 1 66 ? -4.32552  -8.06781  -3.18944  1.000 15.02218 ? 84  PHE A N   1 
ATOM   525  C  CA  . PHE A 1 66 ? -4.06471  -6.87317  -3.97776  1.000 13.71816 ? 84  PHE A CA  1 
ATOM   526  C  C   . PHE A 1 66 ? -3.20241  -7.17936  -5.19691  1.000 19.52391 ? 84  PHE A C   1 
ATOM   527  O  O   . PHE A 1 66 ? -2.70413  -6.25771  -5.85065  1.000 19.22347 ? 84  PHE A O   1 
ATOM   528  C  CB  . PHE A 1 66 ? -3.41624  -5.78605  -3.11230  1.000 14.06762 ? 84  PHE A CB  1 
ATOM   529  C  CG  . PHE A 1 66 ? -4.40650  -4.93030  -2.36953  1.000 11.93617 ? 84  PHE A CG  1 
ATOM   530  C  CD1 . PHE A 1 66 ? -5.62131  -5.45104  -1.95881  1.000 15.79361 ? 84  PHE A CD1 1 
ATOM   531  C  CD2 . PHE A 1 66 ? -4.12676  -3.60344  -2.08906  1.000 15.25608 ? 84  PHE A CD2 1 
ATOM   532  C  CE1 . PHE A 1 66 ? -6.53318  -4.67050  -1.26969  1.000 17.86894 ? 84  PHE A CE1 1 
ATOM   533  C  CE2 . PHE A 1 66 ? -5.03911  -2.81510  -1.40938  1.000 16.83386 ? 84  PHE A CE2 1 
ATOM   534  C  CZ  . PHE A 1 66 ? -6.24520  -3.35193  -0.99725  1.000 17.09635 ? 84  PHE A CZ  1 
ATOM   535  N  N   . ILE A 1 67 ? -3.02713  -8.45272  -5.51534  1.000 17.84825 ? 85  ILE A N   1 
ATOM   536  C  CA  . ILE A 1 67 ? -2.37652  -8.84486  -6.75460  1.000 17.39582 ? 85  ILE A CA  1 
ATOM   537  C  C   . ILE A 1 67 ? -3.37952  -8.65937  -7.88389  1.000 18.25506 ? 85  ILE A C   1 
ATOM   538  O  O   . ILE A 1 67 ? -4.51443  -9.15085  -7.80980  1.000 20.23786 ? 85  ILE A O   1 
ATOM   539  C  CB  . ILE A 1 67 ? -1.86722  -10.29323 -6.65402  1.000 22.22804 ? 85  ILE A CB  1 
ATOM   540  C  CG1 . ILE A 1 67 ? -0.82480  -10.38857 -5.53098  1.000 25.13511 ? 85  ILE A CG1 1 
ATOM   541  C  CG2 . ILE A 1 67 ? -1.24564  -10.74742 -7.96219  1.000 26.18126 ? 85  ILE A CG2 1 
ATOM   542  C  CD1 . ILE A 1 67 ? -0.46005  -11.79900 -5.13331  1.000 34.35875 ? 85  ILE A CD1 1 
ATOM   543  N  N   A ASN A 1 68 ? -2.97385  -7.92251  -8.92127  0.590 20.48093 ? 86  ASN A N   1 
ATOM   544  N  N   B ASN A 1 68 ? -2.97652  -7.91102  -8.91545  0.410 20.54088 ? 86  ASN A N   1 
ATOM   545  C  CA  A ASN A 1 68 ? -3.79171  -7.67443  -10.10873 0.590 21.60273 ? 86  ASN A CA  1 
ATOM   546  C  CA  B ASN A 1 68 ? -3.78416  -7.66724  -10.11240 0.410 21.60402 ? 86  ASN A CA  1 
ATOM   547  C  C   A ASN A 1 68 ? -5.03664  -6.84396  -9.78422  0.590 19.55916 ? 86  ASN A C   1 
ATOM   548  C  C   B ASN A 1 68 ? -5.02699  -6.82639  -9.80793  0.410 19.59804 ? 86  ASN A C   1 
ATOM   549  O  O   A ASN A 1 68 ? -6.10688  -7.06173  -10.35206 0.590 20.65529 ? 86  ASN A O   1 
ATOM   550  O  O   B ASN A 1 68 ? -6.08444  -7.02405  -10.40601 0.410 20.58998 ? 86  ASN A O   1 
ATOM   551  C  CB  A ASN A 1 68 ? -4.17372  -8.98006  -10.80771 0.590 26.24928 ? 86  ASN A CB  1 
ATOM   552  C  CB  B ASN A 1 68 ? -4.16765  -8.97818  -10.80191 0.410 26.23531 ? 86  ASN A CB  1 
ATOM   553  C  CG  A ASN A 1 68 ? -3.01102  -9.59081  -11.56323 0.590 36.72607 ? 86  ASN A CG  1 
ATOM   554  C  CG  B ASN A 1 68 ? -3.01009  -9.59048  -11.56311 0.410 36.62312 ? 86  ASN A CG  1 
ATOM   555  O  OD1 . ASN A 1 68 ? -2.18970  -8.87812  -12.14300 1.000 43.91485 ? 86  ASN A OD1 1 
ATOM   556  N  ND2 . ASN A 1 68 ? -2.92871  -10.91685 -11.55344 1.000 45.23425 ? 86  ASN A ND2 1 
ATOM   557  N  N   . ILE A 1 69 ? -4.88773  -5.85382  -8.90515  1.000 18.58462 ? 87  ILE A N   1 
ATOM   558  C  CA  . ILE A 1 69 ? -5.99658  -4.99092  -8.48992  1.000 14.96498 ? 87  ILE A CA  1 
ATOM   559  C  C   . ILE A 1 69 ? -5.86233  -3.61262  -9.13174  1.000 15.87895 ? 87  ILE A C   1 
ATOM   560  O  O   . ILE A 1 69 ? -4.75200  -3.11097  -9.35859  1.000 17.65073 ? 87  ILE A O   1 
ATOM   561  C  CB  . ILE A 1 69 ? -6.06402  -4.87769  -6.94602  1.000 12.90602 ? 87  ILE A CB  1 
ATOM   562  C  CG1 . ILE A 1 69 ? -7.38742  -4.27935  -6.47747  1.000 16.26826 ? 87  ILE A CG1 1 
ATOM   563  C  CG2 . ILE A 1 69 ? -4.92352  -4.02658  -6.39918  1.000 15.59483 ? 87  ILE A CG2 1 
ATOM   564  C  CD1 . ILE A 1 69 ? -7.55352  -4.35336  -4.96396  1.000 16.54867 ? 87  ILE A CD1 1 
ATOM   565  N  N   . ARG A 1 70 ? -7.01199  -2.99458  -9.42938  1.000 12.68902 ? 88  ARG A N   1 
ATOM   566  C  CA  . ARG A 1 70 ? -7.05475  -1.62225  -9.92443  1.000 12.95368 ? 88  ARG A CA  1 
ATOM   567  C  C   . ARG A 1 70 ? -6.79956  -0.64315  -8.78593  1.000 15.03986 ? 88  ARG A C   1 
ATOM   568  O  O   . ARG A 1 70 ? -7.22208  -0.86787  -7.64765  1.000 14.00181 ? 88  ARG A O   1 
ATOM   569  C  CB  . ARG A 1 70 ? -8.42108  -1.30077  -10.52990 1.000 18.36813 ? 88  ARG A CB  1 
ATOM   570  C  CG  . ARG A 1 70 ? -8.72670  -1.92874  -11.86059 1.000 31.53048 ? 88  ARG A CG  1 
ATOM   571  C  CD  . ARG A 1 70 ? -10.16018 -1.57736  -12.30848 1.000 28.68715 ? 88  ARG A CD  1 
ATOM   572  N  NE  . ARG A 1 70 ? -10.41819 -0.13457  -12.30358 1.000 33.54275 ? 88  ARG A NE  1 
ATOM   573  C  CZ  . ARG A 1 70 ? -11.47674 0.45411   -11.74070 1.000 51.29695 ? 88  ARG A CZ  1 
ATOM   574  N  NH1 . ARG A 1 70 ? -12.42067 -0.25934  -11.11939 1.000 29.05429 ? 88  ARG A NH1 1 
ATOM   575  N  NH2 . ARG A 1 70 ? -11.59704 1.77482   -11.80609 1.000 36.99109 ? 88  ARG A NH2 1 
ATOM   576  N  N   . LEU A 1 71 ? -6.14514  0.48179   -9.11076  1.000 12.45717 ? 89  LEU A N   1 
ATOM   577  C  CA  . LEU A 1 71 ? -5.81629  1.45780   -8.07133  1.000 15.08151 ? 89  LEU A CA  1 
ATOM   578  C  C   . LEU A 1 71 ? -7.06775  1.92920   -7.33893  1.000 15.88821 ? 89  LEU A C   1 
ATOM   579  O  O   . LEU A 1 71 ? -7.08311  2.00806   -6.10577  1.000 14.30151 ? 89  LEU A O   1 
ATOM   580  C  CB  . LEU A 1 71 ? -5.07966  2.65443   -8.67630  1.000 13.56312 ? 89  LEU A CB  1 
ATOM   581  C  CG  . LEU A 1 71 ? -4.64613  3.66616   -7.61850  1.000 17.12380 ? 89  LEU A CG  1 
ATOM   582  C  CD1 . LEU A 1 71 ? -3.57828  3.08512   -6.71116  1.000 19.35243 ? 89  LEU A CD1 1 
ATOM   583  C  CD2 . LEU A 1 71 ? -4.15956  4.91716   -8.29823  1.000 23.69171 ? 89  LEU A CD2 1 
ATOM   584  N  N   . GLU A 1 72 ? -8.12399  2.25780   -8.09031  1.000 13.75669 ? 90  GLU A N   1 
ATOM   585  C  CA  . GLU A 1 72 ? -9.34424  2.78489   -7.48808  1.000 19.77275 ? 90  GLU A CA  1 
ATOM   586  C  C   . GLU A 1 72 ? -9.95553  1.79214   -6.51577  1.000 14.36450 ? 90  GLU A C   1 
ATOM   587  O  O   . GLU A 1 72 ? -10.54806 2.18682   -5.50266  1.000 13.95776 ? 90  GLU A O   1 
ATOM   588  C  CB  . GLU A 1 72 ? -10.36056 3.12821   -8.57420  1.000 17.84492 ? 90  GLU A CB  1 
ATOM   589  C  CG  . GLU A 1 72 ? -9.95148  4.27078   -9.47492  1.000 23.40134 ? 90  GLU A CG  1 
ATOM   590  C  CD  . GLU A 1 72 ? -9.08616  3.82675   -10.64565 1.000 36.17377 ? 90  GLU A CD  1 
ATOM   591  O  OE1 . GLU A 1 72 ? -8.72718  2.62873   -10.72168 1.000 32.15318 ? 90  GLU A OE1 1 
ATOM   592  O  OE2 . GLU A 1 72 ? -8.76185  4.68763   -11.49112 1.000 41.88901 ? 90  GLU A OE2 1 
ATOM   593  N  N   . GLU A 1 73 ? -9.85466  0.50077   -6.82081  1.000 12.38799 ? 91  GLU A N   1 
ATOM   594  C  CA  . GLU A 1 73 ? -10.42303 -0.49584  -5.92237  1.000 13.39483 ? 91  GLU A CA  1 
ATOM   595  C  C   . GLU A 1 73 ? -9.55848  -0.65974  -4.68146  1.000 11.83884 ? 91  GLU A C   1 
ATOM   596  O  O   . GLU A 1 73 ? -10.07583 -0.77290  -3.56149  1.000 13.07752 ? 91  GLU A O   1 
ATOM   597  C  CB  . GLU A 1 73 ? -10.59949 -1.81830  -6.66956  1.000 16.57503 ? 91  GLU A CB  1 
ATOM   598  C  CG  . GLU A 1 73 ? -11.67465 -1.68851  -7.72408  1.000 18.11135 ? 91  GLU A CG  1 
ATOM   599  C  CD  . GLU A 1 73 ? -11.67176 -2.82025  -8.72931  1.000 21.69410 ? 91  GLU A CD  1 
ATOM   600  O  OE1 . GLU A 1 73 ? -11.17559 -3.91465  -8.39543  1.000 20.31715 ? 91  GLU A OE1 1 
ATOM   601  O  OE2 . GLU A 1 73 ? -12.17203 -2.61240  -9.84935  1.000 17.34201 ? 91  GLU A OE2 1 
ATOM   602  N  N   . ALA A 1 74 ? -8.23844  -0.65158  -4.85676  1.000 12.54733 ? 92  ALA A N   1 
ATOM   603  C  CA  . ALA A 1 74 ? -7.34262  -0.69274  -3.70670  1.000 11.72865 ? 92  ALA A CA  1 
ATOM   604  C  C   . ALA A 1 74 ? -7.58432  0.49790   -2.78482  1.000 13.72815 ? 92  ALA A C   1 
ATOM   605  O  O   . ALA A 1 74 ? -7.67561  0.34952   -1.55724  1.000 12.43213 ? 92  ALA A O   1 
ATOM   606  C  CB  . ALA A 1 74 ? -5.88982  -0.71554  -4.18969  1.000 12.24294 ? 92  ALA A CB  1 
ATOM   607  N  N   . GLU A 1 75 ? -7.69553  1.69259   -3.36399  1.000 13.95048 ? 93  GLU A N   1 
ATOM   608  C  CA  . GLU A 1 75 ? -7.91241  2.89106   -2.55702  1.000 12.41743 ? 93  GLU A CA  1 
ATOM   609  C  C   . GLU A 1 75 ? -9.24538  2.81992   -1.82479  1.000 13.57812 ? 93  GLU A C   1 
ATOM   610  O  O   . GLU A 1 75 ? -9.31808  3.07846   -0.61531  1.000 12.73804 ? 93  GLU A O   1 
ATOM   611  C  CB  . GLU A 1 75 ? -7.86349  4.13305   -3.44831  1.000 13.52348 ? 93  GLU A CB  1 
ATOM   612  C  CG  . GLU A 1 75 ? -8.23006  5.43104   -2.72352  1.000 12.85187 ? 93  GLU A CG  1 
ATOM   613  C  CD  . GLU A 1 75 ? -8.38269  6.61082   -3.67115  1.000 25.25123 ? 93  GLU A CD  1 
ATOM   614  O  OE1 . GLU A 1 75 ? -8.36341  6.39263   -4.90032  1.000 25.16946 ? 93  GLU A OE1 1 
ATOM   615  O  OE2 . GLU A 1 75 ? -8.53841  7.75003   -3.18537  1.000 22.43088 ? 93  GLU A OE2 1 
ATOM   616  N  N   A ARG A 1 76 ? -10.31100 2.45417   -2.53661  0.510 14.35796 ? 94  ARG A N   1 
ATOM   617  N  N   B ARG A 1 76 ? -10.31046 2.46757   -2.54443  0.490 14.35539 ? 94  ARG A N   1 
ATOM   618  C  CA  A ARG A 1 76 ? -11.63006 2.47514   -1.91680  0.510 14.89862 ? 94  ARG A CA  1 
ATOM   619  C  CA  B ARG A 1 76 ? -11.63563 2.44651   -1.93605  0.490 14.91873 ? 94  ARG A CA  1 
ATOM   620  C  C   A ARG A 1 76 ? -11.77424 1.39875   -0.84836  0.510 13.65834 ? 94  ARG A C   1 
ATOM   621  C  C   B ARG A 1 76 ? -11.71679 1.41893   -0.81880  0.490 13.74887 ? 94  ARG A C   1 
ATOM   622  O  O   A ARG A 1 76 ? -12.46065 1.62495   0.15365   0.510 15.38436 ? 94  ARG A O   1 
ATOM   623  O  O   B ARG A 1 76 ? -12.30271 1.68913   0.23621   0.490 14.13699 ? 94  ARG A O   1 
ATOM   624  C  CB  A ARG A 1 76 ? -12.70770 2.34429   -2.99096  0.510 16.40264 ? 94  ARG A CB  1 
ATOM   625  C  CB  B ARG A 1 76 ? -12.69527 2.17686   -3.00077  0.490 16.35247 ? 94  ARG A CB  1 
ATOM   626  C  CG  A ARG A 1 76 ? -12.75136 3.55517   -3.92425  0.510 25.12495 ? 94  ARG A CG  1 
ATOM   627  C  CG  B ARG A 1 76 ? -12.92156 3.36153   -3.92079  0.490 26.52477 ? 94  ARG A CG  1 
ATOM   628  C  CD  A ARG A 1 76 ? -14.17668 4.01568   -4.21226  0.510 27.19891 ? 94  ARG A CD  1 
ATOM   629  C  CD  B ARG A 1 76 ? -12.93852 4.66747   -3.13628  0.490 25.51742 ? 94  ARG A CD  1 
ATOM   630  N  NE  A ARG A 1 76 ? -14.32518 4.53810   -5.56859  0.510 32.73786 ? 94  ARG A NE  1 
ATOM   631  N  NE  B ARG A 1 76 ? -14.08395 4.75371   -2.23459  0.490 21.54195 ? 94  ARG A NE  1 
ATOM   632  C  CZ  A ARG A 1 76 ? -15.48514 4.61167   -6.21574  0.510 28.54142 ? 94  ARG A CZ  1 
ATOM   633  C  CZ  B ARG A 1 76 ? -14.16408 5.60217   -1.21186  0.490 30.37604 ? 94  ARG A CZ  1 
ATOM   634  N  NH1 A ARG A 1 76 ? -16.59953 4.19307   -5.62878  0.510 26.41654 ? 94  ARG A NH1 1 
ATOM   635  N  NH1 B ARG A 1 76 ? -13.15913 6.42890   -0.95669  0.490 33.86010 ? 94  ARG A NH1 1 
ATOM   636  N  NH2 A ARG A 1 76 ? -15.53422 5.09825   -7.44868  0.510 37.72434 ? 94  ARG A NH2 1 
ATOM   637  N  NH2 B ARG A 1 76 ? -15.24222 5.62083   -0.43986  0.490 32.84412 ? 94  ARG A NH2 1 
ATOM   638  N  N   . LEU A 1 77 ? -11.12854 0.23829   -1.02241  1.000 14.20897 ? 95  LEU A N   1 
ATOM   639  C  CA  . LEU A 1 77 ? -11.13280 -0.76914  0.03953   1.000 14.09682 ? 95  LEU A CA  1 
ATOM   640  C  C   . LEU A 1 77 ? -10.39211 -0.25918  1.26146   1.000 14.04845 ? 95  LEU A C   1 
ATOM   641  O  O   . LEU A 1 77 ? -10.91365 -0.29721  2.38173   1.000 13.72975 ? 95  LEU A O   1 
ATOM   642  C  CB  . LEU A 1 77 ? -10.49712 -2.07196  -0.43777  1.000 14.34826 ? 95  LEU A CB  1 
ATOM   643  C  CG  . LEU A 1 77 ? -11.39973 -2.98311  -1.27365  1.000 16.63567 ? 95  LEU A CG  1 
ATOM   644  C  CD1 . LEU A 1 77 ? -10.56945 -4.10814  -1.86746  1.000 19.27776 ? 95  LEU A CD1 1 
ATOM   645  C  CD2 . LEU A 1 77 ? -12.56210 -3.53819  -0.43629  1.000 16.61781 ? 95  LEU A CD2 1 
ATOM   646  N  N   . LEU A 1 78 ? -9.17449  0.24800   1.05758   1.000 13.78729 ? 96  LEU A N   1 
ATOM   647  C  CA  . LEU A 1 78 ? -8.38716  0.71259   2.19117   1.000 12.27399 ? 96  LEU A CA  1 
ATOM   648  C  C   . LEU A 1 78 ? -9.11988  1.81063   2.94833   1.000 16.30039 ? 96  LEU A C   1 
ATOM   649  O  O   . LEU A 1 78 ? -9.07282  1.86089   4.18193   1.000 17.45502 ? 96  LEU A O   1 
ATOM   650  C  CB  . LEU A 1 78 ? -7.01681  1.19444   1.70827   1.000 13.66643 ? 96  LEU A CB  1 
ATOM   651  C  CG  . LEU A 1 78 ? -6.08192  0.04394   1.33510   1.000 11.49238 ? 96  LEU A CG  1 
ATOM   652  C  CD1 . LEU A 1 78 ? -4.81636  0.58532   0.63056   1.000 13.77897 ? 96  LEU A CD1 1 
ATOM   653  C  CD2 . LEU A 1 78 ? -5.70104  -0.75436  2.57411   1.000 11.33659 ? 96  LEU A CD2 1 
ATOM   654  N  N   . LYS A 1 79 ? -9.82816  2.68670   2.23037   1.000 14.12697 ? 97  LYS A N   1 
ATOM   655  C  CA  . LYS A 1 79 ? -10.56650 3.75337   2.90146   1.000 15.63451 ? 97  LYS A CA  1 
ATOM   656  C  C   . LYS A 1 79 ? -11.82397 3.24674   3.58873   1.000 15.45043 ? 97  LYS A C   1 
ATOM   657  O  O   . LYS A 1 79 ? -12.29511 3.88041   4.53721   1.000 17.71961 ? 97  LYS A O   1 
ATOM   658  C  CB  . LYS A 1 79 ? -10.93275 4.85849   1.90932   1.000 16.30035 ? 97  LYS A CB  1 
ATOM   659  C  CG  . LYS A 1 79 ? -9.70693  5.50002   1.27147   1.000 23.52743 ? 97  LYS A CG  1 
ATOM   660  C  CD  . LYS A 1 79 ? -10.05506 6.74769   0.47748   1.000 33.47232 ? 97  LYS A CD  1 
ATOM   661  C  CE  . LYS A 1 79 ? -9.34856  7.95610   1.04777   1.000 49.69516 ? 97  LYS A CE  1 
ATOM   662  N  NZ  . LYS A 1 79 ? -10.22969 9.14546   1.08668   1.000 47.26857 ? 97  LYS A NZ  1 
ATOM   663  N  N   . THR A 1 80 ? -12.37194 2.12348   3.13017   1.000 14.99487 ? 98  THR A N   1 
ATOM   664  C  CA  . THR A 1 80 ? -13.60941 1.60479   3.70330   1.000 13.58311 ? 98  THR A CA  1 
ATOM   665  C  C   . THR A 1 80 ? -13.36722 0.76930   4.95985   1.000 17.68989 ? 98  THR A C   1 
ATOM   666  O  O   . THR A 1 80 ? -14.24250 0.71379   5.83758   1.000 19.70524 ? 98  THR A O   1 
ATOM   667  C  CB  . THR A 1 80 ? -14.35576 0.77351   2.65368   1.000 15.77462 ? 98  THR A CB  1 
ATOM   668  O  OG1 . THR A 1 80 ? -14.63014 1.59343   1.50760   1.000 16.03151 ? 98  THR A OG1 1 
ATOM   669  C  CG2 . THR A 1 80 ? -15.68448 0.26149   3.20346   1.000 16.85117 ? 98  THR A CG2 1 
ATOM   670  N  N   . PHE A 1 81 ? -12.20984 0.11654   5.06851   1.000 14.27397 ? 99  PHE A N   1 
ATOM   671  C  CA  . PHE A 1 81 ? -11.89879 -0.64248  6.27706   1.000 15.07126 ? 99  PHE A CA  1 
ATOM   672  C  C   . PHE A 1 81 ? -11.97824 0.25423   7.51097   1.000 15.68552 ? 99  PHE A C   1 
ATOM   673  O  O   . PHE A 1 81 ? -11.64977 1.43898   7.46262   1.000 18.91312 ? 99  PHE A O   1 
ATOM   674  C  CB  . PHE A 1 81 ? -10.48964 -1.22471  6.19448   1.000 15.19674 ? 99  PHE A CB  1 
ATOM   675  C  CG  . PHE A 1 81 ? -10.25884 -2.15669  5.02750   1.000 14.97027 ? 99  PHE A CG  1 
ATOM   676  C  CD1 . PHE A 1 81 ? -11.27951 -2.95533  4.52622   1.000 15.08652 ? 99  PHE A CD1 1 
ATOM   677  C  CD2 . PHE A 1 81 ? -8.99491  -2.25840  4.46874   1.000 12.89349 ? 99  PHE A CD2 1 
ATOM   678  C  CE1 . PHE A 1 81 ? -11.04148 -3.82365  3.46854   1.000 15.76715 ? 99  PHE A CE1 1 
ATOM   679  C  CE2 . PHE A 1 81 ? -8.74710  -3.11908  3.41371   1.000 14.06246 ? 99  PHE A CE2 1 
ATOM   680  C  CZ  . PHE A 1 81 ? -9.77464  -3.90170  2.90513   1.000 12.79580 ? 99  PHE A CZ  1 
ATOM   681  N  N   . GLN A 1 82 ? -12.36767 -0.32246  8.64602   1.000 23.87449 ? 100 GLN A N   1 
ATOM   682  C  CA  . GLN A 1 82 ? -12.41117 0.44118   9.88355   1.000 24.66168 ? 100 GLN A CA  1 
ATOM   683  C  C   . GLN A 1 82 ? -11.38656 -0.09222  10.87976  1.000 17.11572 ? 100 GLN A C   1 
ATOM   684  O  O   . GLN A 1 82 ? -11.05709 -1.27824  10.87559  1.000 25.74620 ? 100 GLN A O   1 
ATOM   685  C  CB  . GLN A 1 82 ? -13.81744 0.41506   10.49675  1.000 27.29274 ? 100 GLN A CB  1 
ATOM   686  C  CG  . GLN A 1 82 ? -14.85009 1.24356   9.71492   1.000 36.12562 ? 100 GLN A CG  1 
ATOM   687  C  CD  . GLN A 1 82 ? -14.36517 2.65368   9.38320   1.000 50.97482 ? 100 GLN A CD  1 
ATOM   688  O  OE1 . GLN A 1 82 ? -14.13076 2.98883   8.21549   1.000 44.77825 ? 100 GLN A OE1 1 
ATOM   689  N  NE2 . GLN A 1 82 ? -14.24426 3.49472   10.40856  1.000 54.12099 ? 100 GLN A NE2 1 
ATOM   690  N  N   . ASN A 1 83 ? -10.86038 0.81457   11.70509  1.000 20.62347 ? 101 ASN A N   1 
ATOM   691  C  CA  . ASN A 1 83 ? -9.98698  0.49139   12.84175  1.000 20.42239 ? 101 ASN A CA  1 
ATOM   692  C  C   . ASN A 1 83 ? -8.69757  -0.14799  12.33496  1.000 21.27528 ? 101 ASN A C   1 
ATOM   693  O  O   . ASN A 1 83 ? -7.93388  0.50944   11.60747  1.000 23.31013 ? 101 ASN A O   1 
ATOM   694  C  CB  . ASN A 1 83 ? -10.78805 -0.34877  13.83969  1.000 19.13181 ? 101 ASN A CB  1 
ATOM   695  C  CG  . ASN A 1 83 ? -12.09998 0.30465   14.23361  1.000 34.40014 ? 101 ASN A CG  1 
ATOM   696  O  OD1 . ASN A 1 83 ? -13.17368 -0.25285  14.01315  1.000 36.05723 ? 101 ASN A OD1 1 
ATOM   697  N  ND2 . ASN A 1 83 ? -12.01630 1.49050   14.82338  1.000 37.84787 ? 101 ASN A ND2 1 
ATOM   698  N  N   . THR A 1 84 ? -8.38622  -1.38833  12.69635  1.000 20.63266 ? 102 THR A N   1 
ATOM   699  C  CA  . THR A 1 84 ? -7.07492  -1.95028  12.39634  1.000 18.07533 ? 102 THR A CA  1 
ATOM   700  C  C   . THR A 1 84 ? -7.11193  -2.71858  11.08303  1.000 18.26076 ? 102 THR A C   1 
ATOM   701  O  O   . THR A 1 84 ? -7.99149  -3.55757  10.86712  1.000 22.18922 ? 102 THR A O   1 
ATOM   702  C  CB  . THR A 1 84 ? -6.59720  -2.85089  13.53766  1.000 33.67293 ? 102 THR A CB  1 
ATOM   703  O  OG1 . THR A 1 84 ? -6.55123  -2.09235  14.75817  1.000 30.49744 ? 102 THR A OG1 1 
ATOM   704  C  CG2 . THR A 1 84 ? -5.22192  -3.40559  13.23541  1.000 29.07861 ? 102 THR A CG2 1 
ATOM   705  N  N   . VAL A 1 85 ? -6.16131  -2.41451  10.20668  1.000 13.07065 ? 103 VAL A N   1 
ATOM   706  C  CA  . VAL A 1 85 ? -6.04580  -3.03730  8.89396   1.000 11.48706 ? 103 VAL A CA  1 
ATOM   707  C  C   . VAL A 1 85 ? -4.79876  -3.90654  8.90104   1.000 16.09372 ? 103 VAL A C   1 
ATOM   708  O  O   . VAL A 1 85 ? -3.72284  -3.43998  9.27997   1.000 14.89187 ? 103 VAL A O   1 
ATOM   709  C  CB  . VAL A 1 85 ? -5.96696  -1.97066  7.78705   1.000 13.28472 ? 103 VAL A CB  1 
ATOM   710  C  CG1 . VAL A 1 85 ? -5.72037  -2.60524  6.42642   1.000 15.44076 ? 103 VAL A CG1 1 
ATOM   711  C  CG2 . VAL A 1 85 ? -7.25386  -1.12946  7.77662   1.000 13.29330 ? 103 VAL A CG2 1 
ATOM   712  N  N   . GLU A 1 86 ? -4.94064  -5.16651  8.50273   1.000 12.53774 ? 104 GLU A N   1 
ATOM   713  C  CA  . GLU A 1 86 ? -3.80503  -6.07790  8.42868   1.000 12.44169 ? 104 GLU A CA  1 
ATOM   714  C  C   . GLU A 1 86 ? -3.30268  -6.10921  6.99166   1.000 12.02402 ? 104 GLU A C   1 
ATOM   715  O  O   . GLU A 1 86 ? -4.05250  -6.45481  6.07009   1.000 13.91930 ? 104 GLU A O   1 
ATOM   716  C  CB  . GLU A 1 86 ? -4.18344  -7.48197  8.90438   1.000 14.68590 ? 104 GLU A CB  1 
ATOM   717  C  CG  . GLU A 1 86 ? -2.97561  -8.41234  8.95261   1.000 19.05585 ? 104 GLU A CG  1 
ATOM   718  C  CD  . GLU A 1 86 ? -3.15246  -9.56921  9.91483   1.000 35.48850 ? 104 GLU A CD  1 
ATOM   719  O  OE1 . GLU A 1 86 ? -3.12730  -9.35240  11.15120  1.000 46.05234 ? 104 GLU A OE1 1 
ATOM   720  O  OE2 . GLU A 1 86 ? -3.31380  -10.69924 9.42646   1.000 31.45318 ? 104 GLU A OE2 1 
ATOM   721  N  N   . LEU A 1 87 ? -2.04264  -5.72371  6.80112   1.000 9.69896  ? 105 LEU A N   1 
ATOM   722  C  CA  . LEU A 1 87 ? -1.42900  -5.66089  5.48621   1.000 12.53557 ? 105 LEU A CA  1 
ATOM   723  C  C   . LEU A 1 87 ? -0.35108  -6.72328  5.37889   1.000 13.40871 ? 105 LEU A C   1 
ATOM   724  O  O   . LEU A 1 87 ? 0.34514   -7.00487  6.35792   1.000 15.32562 ? 105 LEU A O   1 
ATOM   725  C  CB  . LEU A 1 87 ? -0.79148  -4.28704  5.24768   1.000 11.22673 ? 105 LEU A CB  1 
ATOM   726  C  CG  . LEU A 1 87 ? -1.70359  -3.07717  5.32982   1.000 14.22282 ? 105 LEU A CG  1 
ATOM   727  C  CD1 . LEU A 1 87 ? -0.85546  -1.81439  5.22169   1.000 17.51715 ? 105 LEU A CD1 1 
ATOM   728  C  CD2 . LEU A 1 87 ? -2.69318  -3.13040  4.19651   1.000 17.57061 ? 105 LEU A CD2 1 
ATOM   729  N  N   . ILE A 1 88 ? -0.22336  -7.32222  4.19658   1.000 9.82973  ? 106 ILE A N   1 
ATOM   730  C  CA  . ILE A 1 88 ? 0.95327   -8.10913  3.85122   1.000 10.35988 ? 106 ILE A CA  1 
ATOM   731  C  C   . ILE A 1 88 ? 1.64375   -7.36766  2.72175   1.000 12.75006 ? 106 ILE A C   1 
ATOM   732  O  O   . ILE A 1 88 ? 1.02190   -7.08404  1.69058   1.000 11.66191 ? 106 ILE A O   1 
ATOM   733  C  CB  . ILE A 1 88 ? 0.60980   -9.54153  3.42600   1.000 12.68548 ? 106 ILE A CB  1 
ATOM   734  C  CG1 . ILE A 1 88 ? -0.18891  -10.24102 4.53365   1.000 18.42610 ? 106 ILE A CG1 1 
ATOM   735  C  CG2 . ILE A 1 88 ? 1.89477   -10.29865 3.15330   1.000 16.61433 ? 106 ILE A CG2 1 
ATOM   736  C  CD1 . ILE A 1 88 ? -0.41875  -11.71524 4.27905   1.000 23.45807 ? 106 ILE A CD1 1 
ATOM   737  N  N   . ILE A 1 89 ? 2.91867   -7.04259  2.91454   1.000 11.43843 ? 107 ILE A N   1 
ATOM   738  C  CA  . ILE A 1 89 ? 3.65162   -6.30794  1.89750   1.000 12.86897 ? 107 ILE A CA  1 
ATOM   739  C  C   . ILE A 1 89 ? 4.89581   -7.09682  1.54740   1.000 13.33871 ? 107 ILE A C   1 
ATOM   740  O  O   . ILE A 1 89 ? 5.32698   -7.98898  2.28756   1.000 12.74052 ? 107 ILE A O   1 
ATOM   741  C  CB  . ILE A 1 89 ? 4.01540   -4.86279  2.32079   1.000 10.89480 ? 107 ILE A CB  1 
ATOM   742  C  CG1 . ILE A 1 89 ? 5.01004   -4.83551  3.49462   1.000 11.65149 ? 107 ILE A CG1 1 
ATOM   743  C  CG2 . ILE A 1 89 ? 2.72922   -4.10430  2.71554   1.000 13.57087 ? 107 ILE A CG2 1 
ATOM   744  C  CD1 . ILE A 1 89 ? 6.51369   -4.88280  3.13236   1.000 11.21287 ? 107 ILE A CD1 1 
ATOM   745  N  N   . VAL A 1 90 ? 5.46891   -6.74880  0.39441   1.000 11.46005 ? 108 VAL A N   1 
ATOM   746  C  CA  . VAL A 1 90 ? 6.73773   -7.29927  -0.06401  1.000 12.45490 ? 108 VAL A CA  1 
ATOM   747  C  C   . VAL A 1 90 ? 7.74666   -6.16153  -0.11438  1.000 14.53878 ? 108 VAL A C   1 
ATOM   748  O  O   . VAL A 1 90 ? 7.49540   -5.11923  -0.73893  1.000 13.09541 ? 108 VAL A O   1 
ATOM   749  C  CB  . VAL A 1 90 ? 6.60152   -7.97977  -1.43752  1.000 14.96714 ? 108 VAL A CB  1 
ATOM   750  C  CG1 . VAL A 1 90 ? 7.95709   -8.43323  -1.94844  1.000 17.63537 ? 108 VAL A CG1 1 
ATOM   751  C  CG2 . VAL A 1 90 ? 5.62806   -9.15824  -1.34301  1.000 14.42135 ? 108 VAL A CG2 1 
ATOM   752  N  N   . ARG A 1 91 ? 8.87755   -6.35633  0.55236   1.000 13.51651 ? 109 ARG A N   1 
ATOM   753  C  CA  . ARG A 1 91 ? 9.91339   -5.33749  0.65328   1.000 12.87996 ? 109 ARG A CA  1 
ATOM   754  C  C   . ARG A 1 91 ? 11.18843  -5.85314  0.00895   1.000 17.73661 ? 109 ARG A C   1 
ATOM   755  O  O   . ARG A 1 91 ? 11.70566  -6.90560  0.39604   1.000 15.94119 ? 109 ARG A O   1 
ATOM   756  C  CB  . ARG A 1 91 ? 10.16347  -4.95925  2.11451   1.000 11.30055 ? 109 ARG A CB  1 
ATOM   757  C  CG  . ARG A 1 91 ? 11.20719  -3.87203  2.28185   1.000 13.88630 ? 109 ARG A CG  1 
ATOM   758  C  CD  . ARG A 1 91 ? 11.29019  -3.45233  3.73168   1.000 15.09959 ? 109 ARG A CD  1 
ATOM   759  N  NE  . ARG A 1 91 ? 10.02687  -2.86738  4.16045   1.000 13.51976 ? 109 ARG A NE  1 
ATOM   760  C  CZ  . ARG A 1 91 ? 9.71484   -2.60329  5.42093   1.000 15.01238 ? 109 ARG A CZ  1 
ATOM   761  N  NH1 . ARG A 1 91 ? 10.58061  -2.88783  6.38582   1.000 15.80849 ? 109 ARG A NH1 1 
ATOM   762  N  NH2 . ARG A 1 91 ? 8.53301   -2.06216  5.71040   1.000 14.90043 ? 109 ARG A NH2 1 
ATOM   763  N  N   . GLU A 1 92 ? 11.70043  -5.11129  -0.96323  1.000 16.05002 ? 110 GLU A N   1 
ATOM   764  C  CA  . GLU A 1 92 ? 12.94494  -5.49205  -1.60847  1.000 18.46039 ? 110 GLU A CA  1 
ATOM   765  C  C   . GLU A 1 92 ? 14.14685  -5.04819  -0.78365  1.000 17.36592 ? 110 GLU A C   1 
ATOM   766  O  O   . GLU A 1 92 ? 14.10189  -4.04556  -0.06846  1.000 24.02860 ? 110 GLU A O   1 
ATOM   767  C  CB  . GLU A 1 92 ? 13.02259  -4.87508  -3.00606  1.000 24.22219 ? 110 GLU A CB  1 
ATOM   768  C  CG  . GLU A 1 92 ? 11.96218  -5.40274  -3.95283  1.000 34.24911 ? 110 GLU A CG  1 
ATOM   769  C  CD  . GLU A 1 92 ? 12.26194  -6.81924  -4.41331  1.000 42.76225 ? 110 GLU A CD  1 
ATOM   770  O  OE1 . GLU A 1 92 ? 13.45839  -7.16965  -4.49359  1.000 51.35460 ? 110 GLU A OE1 1 
ATOM   771  O  OE2 . GLU A 1 92 ? 11.30565  -7.57858  -4.68394  1.000 46.22870 ? 110 GLU A OE2 1 
ATOM   772  N  N   . VAL A 1 93 ? 15.23762  -5.80197  -0.90133  1.000 23.84935 ? 111 VAL A N   1 
ATOM   773  C  CA  . VAL A 1 93 ? 16.51469  -5.40457  -0.32559  1.000 21.46650 ? 111 VAL A CA  1 
ATOM   774  C  C   . VAL A 1 93 ? 17.58445  -5.48184  -1.40324  1.000 25.10086 ? 111 VAL A C   1 
ATOM   775  O  O   . VAL A 1 93 ? 17.52450  -6.32131  -2.30859  1.000 40.61925 ? 111 VAL A O   1 
ATOM   776  C  CB  . VAL A 1 93 ? 16.90126  -6.26638  0.88606   1.000 35.99085 ? 111 VAL A CB  1 
ATOM   777  C  CG1 . VAL A 1 93 ? 16.12581  -5.80881  2.11006   1.000 37.29940 ? 111 VAL A CG1 1 
ATOM   778  C  CG2 . VAL A 1 93 ? 16.63210  -7.72710  0.59256   1.000 45.14892 ? 111 VAL A CG2 1 
ATOM   779  N  N   . SER A 1 94 ? 18.44432  -4.51491  -1.31996  1.000 51.93861 ? 112 SER A N   1 
ATOM   780  C  CA  . SER A 1 94 ? 19.55810  -4.35768  -2.23006  1.000 52.99206 ? 112 SER A CA  1 
ATOM   781  C  C   . SER A 1 94 ? 20.29546  -5.64447  -2.37029  1.000 51.69905 ? 112 SER A C   1 
ATOM   782  O  O   . SER A 1 94 ? 20.91661  -5.84972  -3.38781  1.000 68.48926 ? 112 SER A O   1 
ATOM   783  C  CB  . SER A 1 94 ? 20.49437  -3.32314  -1.65520  1.000 49.80400 ? 112 SER A CB  1 
ATOM   784  O  OG  . SER A 1 94 ? 21.14327  -3.86332  -0.54361  1.000 73.38374 ? 112 SER A OG  1 
ATOM   785  N  N   . ARG B 2 1  ? 2.60687   10.51632  -15.75096 1.000 22.04435 ? -4  ARG B N   1 
ATOM   786  C  CA  . ARG B 2 1  ? 3.43683   10.01093  -14.66413 1.000 16.64080 ? -4  ARG B CA  1 
ATOM   787  C  C   . ARG B 2 1  ? 2.56850   9.32278   -13.61968 1.000 16.73346 ? -4  ARG B C   1 
ATOM   788  O  O   . ARG B 2 1  ? 1.36196   9.59180   -13.51945 1.000 18.92537 ? -4  ARG B O   1 
ATOM   789  C  CB  . ARG B 2 1  ? 4.23118   11.15485  -14.00944 1.000 16.20797 ? -4  ARG B CB  1 
ATOM   790  C  CG  . ARG B 2 1  ? 5.48565   10.71375  -13.26011 1.000 16.80814 ? -4  ARG B CG  1 
ATOM   791  C  CD  . ARG B 2 1  ? 5.81272   11.65960  -12.09041 1.000 15.94306 ? -4  ARG B CD  1 
ATOM   792  N  NE  . ARG B 2 1  ? 4.75618   11.60135  -11.07511 1.000 14.53203 ? -4  ARG B NE  1 
ATOM   793  C  CZ  . ARG B 2 1  ? 4.78373   12.22707  -9.90262  1.000 15.69592 ? -4  ARG B CZ  1 
ATOM   794  N  NH1 . ARG B 2 1  ? 5.82553   12.98014  -9.55671  1.000 14.89463 ? -4  ARG B NH1 1 
ATOM   795  N  NH2 . ARG B 2 1  ? 3.75561   12.10529  -9.07487  1.000 15.35530 ? -4  ARG B NH2 1 
ATOM   796  N  N   . TRP B 2 2  ? 3.18116   8.42834   -12.84704 1.000 13.62258 ? -3  TRP B N   1 
ATOM   797  C  CA  . TRP B 2 2  ? 2.49994   7.84470   -11.70047 1.000 16.41368 ? -3  TRP B CA  1 
ATOM   798  C  C   . TRP B 2 2  ? 1.89738   8.93060   -10.81683 1.000 15.06036 ? -3  TRP B C   1 
ATOM   799  O  O   . TRP B 2 2  ? 2.36979   10.07194  -10.77650 1.000 14.88879 ? -3  TRP B O   1 
ATOM   800  C  CB  . TRP B 2 2  ? 3.47578   6.99947   -10.87117 1.000 15.60565 ? -3  TRP B CB  1 
ATOM   801  C  CG  . TRP B 2 2  ? 4.63440   7.79700   -10.33446 1.000 14.87447 ? -3  TRP B CG  1 
ATOM   802  C  CD1 . TRP B 2 2  ? 5.83926   8.00468   -10.94475 1.000 13.28469 ? -3  TRP B CD1 1 
ATOM   803  C  CD2 . TRP B 2 2  ? 4.68538   8.51127   -9.08921  1.000 12.01966 ? -3  TRP B CD2 1 
ATOM   804  N  NE1 . TRP B 2 2  ? 6.64139   8.80214   -10.15301 1.000 17.28030 ? -3  TRP B NE1 1 
ATOM   805  C  CE2 . TRP B 2 2  ? 5.95428   9.12674   -9.00909  1.000 14.59416 ? -3  TRP B CE2 1 
ATOM   806  C  CE3 . TRP B 2 2  ? 3.78442   8.68360   -8.03209  1.000 13.17879 ? -3  TRP B CE3 1 
ATOM   807  C  CZ2 . TRP B 2 2  ? 6.34332   9.90313   -7.91319  1.000 13.70996 ? -3  TRP B CZ2 1 
ATOM   808  C  CZ3 . TRP B 2 2  ? 4.17381   9.45638   -6.94556  1.000 13.70940 ? -3  TRP B CZ3 1 
ATOM   809  C  CH2 . TRP B 2 2  ? 5.43812   10.05577  -6.89356  1.000 15.29779 ? -3  TRP B CH2 1 
ATOM   810  N  N   . TYR B 2 3  ? 0.84571   8.56733   -10.08872 1.000 17.02688 ? -2  TYR B N   1 
ATOM   811  C  CA  . TYR B 2 3  ? 0.28636   9.48030   -9.10650  1.000 13.37904 ? -2  TYR B CA  1 
ATOM   812  C  C   . TYR B 2 3  ? -0.03162  8.69581   -7.84706  1.000 15.92461 ? -2  TYR B C   1 
ATOM   813  O  O   . TYR B 2 3  ? -0.11854  7.46888   -7.86589  1.000 16.19408 ? -2  TYR B O   1 
ATOM   814  C  CB  . TYR B 2 3  ? -0.95137  10.19650  -9.63784  1.000 19.57462 ? -2  TYR B CB  1 
ATOM   815  C  CG  . TYR B 2 3  ? -2.10957  9.28592   -9.91636  1.000 16.90263 ? -2  TYR B CG  1 
ATOM   816  C  CD1 . TYR B 2 3  ? -2.27565  8.69968   -11.16728 1.000 20.72761 ? -2  TYR B CD1 1 
ATOM   817  C  CD2 . TYR B 2 3  ? -3.05634  9.03216   -8.94232  1.000 19.54937 ? -2  TYR B CD2 1 
ATOM   818  C  CE1 . TYR B 2 3  ? -3.35555  7.86643   -11.42826 1.000 26.59861 ? -2  TYR B CE1 1 
ATOM   819  C  CE2 . TYR B 2 3  ? -4.13604  8.21343   -9.19491  1.000 21.96629 ? -2  TYR B CE2 1 
ATOM   820  C  CZ  . TYR B 2 3  ? -4.28095  7.63000   -10.43546 1.000 27.98765 ? -2  TYR B CZ  1 
ATOM   821  O  OH  . TYR B 2 3  ? -5.36771  6.81063   -10.66459 1.000 32.45042 ? -2  TYR B OH  1 
ATOM   822  N  N   . GLU B 2 4  ? -0.19089  9.40575   -6.74154  1.000 16.79464 ? -1  GLU B N   1 
ATOM   823  C  CA  . GLU B 2 4  ? -0.42914  8.72770   -5.48096  1.000 14.96765 ? -1  GLU B CA  1 
ATOM   824  C  C   . GLU B 2 4  ? -1.75701  9.17478   -4.88522  1.000 17.24138 ? -1  GLU B C   1 
ATOM   825  O  O   . GLU B 2 4  ? -2.25291  10.28375  -5.15321  1.000 15.26133 ? -1  GLU B O   1 
ATOM   826  C  CB  . GLU B 2 4  ? 0.72336   8.96801   -4.49261  1.000 19.31513 ? -1  GLU B CB  1 
ATOM   827  C  CG  . GLU B 2 4  ? 0.80200   10.36506  -3.96302  1.000 18.63535 ? -1  GLU B CG  1 
ATOM   828  C  CD  . GLU B 2 4  ? 2.17833   10.69516  -3.40896  1.000 21.08567 ? -1  GLU B CD  1 
ATOM   829  O  OE1 . GLU B 2 4  ? 2.46955   10.31942  -2.25360  1.000 15.32669 ? -1  GLU B OE1 1 
ATOM   830  O  OE2 . GLU B 2 4  ? 2.96212   11.35368  -4.12129  1.000 19.89546 ? -1  GLU B OE2 1 
ATOM   831  N  N   A ARG B 2 5  ? -2.34150  8.29150   -4.08204  0.490 14.09981 ? 0   ARG B N   1 
ATOM   832  N  N   B ARG B 2 5  ? -2.32372  8.29797   -4.06360  0.510 14.09636 ? 0   ARG B N   1 
ATOM   833  C  CA  A ARG B 2 5  ? -3.59708  8.55842   -3.39465  0.490 13.01905 ? 0   ARG B CA  1 
ATOM   834  C  CA  B ARG B 2 5  ? -3.58957  8.54497   -3.39110  0.510 13.02727 ? 0   ARG B CA  1 
ATOM   835  C  C   A ARG B 2 5  ? -3.42465  8.21084   -1.92446  0.490 13.24892 ? 0   ARG B C   1 
ATOM   836  C  C   B ARG B 2 5  ? -3.42644  8.20453   -1.91814  0.510 13.24742 ? 0   ARG B C   1 
ATOM   837  O  O   A ARG B 2 5  ? -2.92296  7.13250   -1.59466  0.490 12.61933 ? 0   ARG B O   1 
ATOM   838  O  O   B ARG B 2 5  ? -2.92993  7.12603   -1.58079  0.510 12.62504 ? 0   ARG B O   1 
ATOM   839  C  CB  A ARG B 2 5  ? -4.75233  7.75330   -4.00333  0.490 12.60344 ? 0   ARG B CB  1 
ATOM   840  C  CB  B ARG B 2 5  ? -4.71354  7.71478   -4.01616  0.510 12.60516 ? 0   ARG B CB  1 
ATOM   841  C  CG  A ARG B 2 5  ? -5.03819  8.09448   -5.46287  0.490 16.92702 ? 0   ARG B CG  1 
ATOM   842  C  CG  B ARG B 2 5  ? -4.97133  8.07431   -5.47032  0.510 16.88783 ? 0   ARG B CG  1 
ATOM   843  C  CD  A ARG B 2 5  ? -5.80308  9.42133   -5.59302  0.490 22.80364 ? 0   ARG B CD  1 
ATOM   844  C  CD  B ARG B 2 5  ? -5.66311  9.43068   -5.56050  0.510 22.95497 ? 0   ARG B CD  1 
ATOM   845  N  NE  A ARG B 2 5  ? -6.47864  9.53171   -6.88503  0.490 27.20884 ? 0   ARG B NE  1 
ATOM   846  N  NE  B ARG B 2 5  ? -6.99811  9.35768   -4.98195  0.510 16.77485 ? 0   ARG B NE  1 
ATOM   847  C  CZ  A ARG B 2 5  ? -6.29041  10.51854  -7.75856  0.490 29.24319 ? 0   ARG B CZ  1 
ATOM   848  C  CZ  B ARG B 2 5  ? -7.87693  10.35607  -4.95898  0.510 23.19490 ? 0   ARG B CZ  1 
ATOM   849  N  NH1 A ARG B 2 5  ? -5.44488  11.50419  -7.49039  0.490 29.68976 ? 0   ARG B NH1 1 
ATOM   850  N  NH1 B ARG B 2 5  ? -7.56921  11.53131  -5.49335  0.510 26.50097 ? 0   ARG B NH1 1 
ATOM   851  N  NH2 A ARG B 2 5  ? -6.95425  10.51991  -8.90793  0.490 30.00282 ? 0   ARG B NH2 1 
ATOM   852  N  NH2 B ARG B 2 5  ? -9.07157  10.17131  -4.40818  0.510 17.55200 ? 0   ARG B NH2 1 
ATOM   853  N  N   . TRP B 2 6  ? -3.83465  9.12720   -1.04956  1.000 12.62911 ? 1   TRP B N   1 
ATOM   854  C  CA  . TRP B 2 6  ? -3.66318  8.94948   0.38436   1.000 11.01276 ? 1   TRP B CA  1 
ATOM   855  C  C   . TRP B 2 6  ? -4.78354  8.10521   0.96779   1.000 14.19877 ? 1   TRP B C   1 
ATOM   856  O  O   . TRP B 2 6  ? -5.96114  8.30157   0.64366   1.000 14.02605 ? 1   TRP B O   1 
ATOM   857  C  CB  . TRP B 2 6  ? -3.62805  10.31651  1.07752   1.000 15.12922 ? 1   TRP B CB  1 
ATOM   858  C  CG  . TRP B 2 6  ? -2.33911  11.00886  0.83968   1.000 16.49574 ? 1   TRP B CG  1 
ATOM   859  C  CD1 . TRP B 2 6  ? -2.04967  11.90744  -0.14598  1.000 18.41456 ? 1   TRP B CD1 1 
ATOM   860  C  CD2 . TRP B 2 6  ? -1.13525  10.80887  1.57655   1.000 11.72135 ? 1   TRP B CD2 1 
ATOM   861  N  NE1 . TRP B 2 6  ? -0.72467  12.29730  -0.04742  1.000 15.68821 ? 1   TRP B NE1 1 
ATOM   862  C  CE2 . TRP B 2 6  ? -0.14785  11.63218  1.00462   1.000 16.87666 ? 1   TRP B CE2 1 
ATOM   863  C  CE3 . TRP B 2 6  ? -0.80152  10.01807  2.67953   1.000 15.41466 ? 1   TRP B CE3 1 
ATOM   864  C  CZ2 . TRP B 2 6  ? 1.15626   11.68725  1.49772   1.000 16.79447 ? 1   TRP B CZ2 1 
ATOM   865  C  CZ3 . TRP B 2 6  ? 0.49040   10.07328  3.16744   1.000 16.55692 ? 1   TRP B CZ3 1 
ATOM   866  C  CH2 . TRP B 2 6  ? 1.45373   10.90167  2.57750   1.000 17.42309 ? 1   TRP B CH2 1 
ATOM   867  N  N   . VAL B 2 7  ? -4.40783  7.17086   1.84002   1.000 11.48711 ? 2   VAL B N   1 
ATOM   868  C  CA  . VAL B 2 7  ? -5.36727  6.31006   2.52223   1.000 12.75446 ? 2   VAL B CA  1 
ATOM   869  C  C   . VAL B 2 7  ? -5.06501  6.27075   4.02058   1.000 13.00149 ? 2   VAL B C   1 
ATOM   870  O  O   . VAL B 2 7  ? -5.81146  5.64007   4.78139   1.000 13.41208 ? 2   VAL B O   1 
ATOM   871  C  CB  . VAL B 2 7  ? -5.35799  4.88588   1.94019   1.000 12.08249 ? 2   VAL B CB  1 
ATOM   872  C  CG1 . VAL B 2 7  ? -5.80180  4.88839   0.47227   1.000 15.94697 ? 2   VAL B CG1 1 
ATOM   873  C  CG2 . VAL B 2 7  ? -3.96198  4.26651   2.07895   1.000 11.60715 ? 2   VAL B CG2 1 
ATOM   874  O  OXT . VAL B 2 7  ? -4.06843  6.84298   4.49313   1.000 13.51952 ? 2   VAL B OXT 1 
HETATM 875  O  O1  . MES C 3 .  ? -13.23411 -10.24668 3.33083   0.570 24.80063 ? 201 MES A O1  1 
HETATM 876  C  C2  . MES C 3 .  ? -11.90643 -10.78575 3.26444   0.570 24.20507 ? 201 MES A C2  1 
HETATM 877  C  C3  . MES C 3 .  ? -11.72185 -11.84772 2.18318   0.570 24.86281 ? 201 MES A C3  1 
HETATM 878  N  N4  . MES C 3 .  ? -12.27844 -11.26986 0.97294   0.570 22.68981 ? 201 MES A N4  1 
HETATM 879  C  C5  . MES C 3 .  ? -13.60160 -10.64721 0.98173   0.570 22.67098 ? 201 MES A C5  1 
HETATM 880  C  C6  . MES C 3 .  ? -14.14879 -10.81482 2.39249   0.570 28.54098 ? 201 MES A C6  1 
HETATM 881  C  C7  . MES C 3 .  ? -11.40068 -11.05506 -0.17165  0.570 28.35157 ? 201 MES A C7  1 
HETATM 882  C  C8  . MES C 3 .  ? -11.41807 -12.29002 -1.05901  0.570 31.99465 ? 201 MES A C8  1 
HETATM 883  S  S   . MES C 3 .  ? -10.60983 -11.94781 -2.47928  0.570 31.18488 ? 201 MES A S   1 
HETATM 884  O  O1S . MES C 3 .  ? -9.18533  -11.67508 -2.19201  0.570 25.66911 ? 201 MES A O1S 1 
HETATM 885  O  O2S . MES C 3 .  ? -11.21005 -10.75001 -3.11148  0.570 26.78880 ? 201 MES A O2S 1 
HETATM 886  O  O3S . MES C 3 .  ? -10.73020 -13.10567 -3.39286  0.570 38.59340 ? 201 MES A O3S 1 
HETATM 887  C  C1  . EDO D 4 .  ? 4.62534   -12.69494 6.09164   0.450 24.77181 ? 202 EDO A C1  1 
HETATM 888  O  O1  . EDO D 4 .  ? 3.27766   -12.97338 5.69629   0.450 26.22438 ? 202 EDO A O1  1 
HETATM 889  C  C2  . EDO D 4 .  ? 4.81016   -13.07365 7.55115   0.450 24.81126 ? 202 EDO A C2  1 
HETATM 890  O  O2  . EDO D 4 .  ? 4.44468   -14.44543 7.73748   0.450 28.31702 ? 202 EDO A O2  1 
HETATM 891  C  C1  . EDO E 4 .  ? -8.87942  0.22048   -15.39508 1.000 47.80633 ? 203 EDO A C1  1 
HETATM 892  O  O1  . EDO E 4 .  ? -8.89174  0.96737   -14.17117 1.000 45.57261 ? 203 EDO A O1  1 
HETATM 893  C  C2  . EDO E 4 .  ? -7.94359  -0.97726  -15.27109 1.000 35.89163 ? 203 EDO A C2  1 
HETATM 894  O  O2  . EDO E 4 .  ? -8.69139  -2.18347  -15.06850 1.000 43.61952 ? 203 EDO A O2  1 
HETATM 895  NA NA  . NA  F 5 .  ? -2.00021  7.54621   16.04228  1.000 34.83907 ? 204 NA  A NA  1 
HETATM 896  C  C1  . PEG G 6 .  ? 1.44161   12.08193  -6.95948  1.000 29.12486 ? 101 PEG B C1  1 
HETATM 897  O  O1  . PEG G 6 .  ? 0.10849   12.31326  -7.33382  1.000 32.68930 ? 101 PEG B O1  1 
HETATM 898  C  C2  . PEG G 6 .  ? 2.08633   13.38744  -6.50848  1.000 47.96540 ? 101 PEG B C2  1 
HETATM 899  O  O2  . PEG G 6 .  ? 3.43029   13.13877  -6.21232  1.000 30.05596 ? 101 PEG B O2  1 
HETATM 900  C  C3  . PEG G 6 .  ? 3.98673   14.13581  -5.39714  1.000 40.01145 ? 101 PEG B C3  1 
HETATM 901  C  C4  . PEG G 6 .  ? 5.17170   14.81182  -6.07820  1.000 44.77520 ? 101 PEG B C4  1 
HETATM 902  O  O4  . PEG G 6 .  ? 5.85328   13.97127  -6.95535  1.000 18.56897 ? 101 PEG B O4  1 
HETATM 903  O  O   . HOH H 7 .  ? 4.26243   -0.49958  -14.72526 1.000 39.79246 ? 301 HOH A O   1 
HETATM 904  O  O   . HOH H 7 .  ? -14.46648 3.82927   12.68062  1.000 40.28137 ? 302 HOH A O   1 
HETATM 905  O  O   . HOH H 7 .  ? -8.63040  6.62876   -7.19055  1.000 38.02647 ? 303 HOH A O   1 
HETATM 906  O  O   . HOH H 7 .  ? 1.47671   15.25749  3.83975   1.000 44.86801 ? 304 HOH A O   1 
HETATM 907  O  O   . HOH H 7 .  ? 15.73869  -6.48669  -4.88661  1.000 47.86487 ? 305 HOH A O   1 
HETATM 908  O  O   . HOH H 7 .  ? 14.55445  -2.47793  1.73008   1.000 24.11304 ? 306 HOH A O   1 
HETATM 909  O  O   . HOH H 7 .  ? 5.72800   1.76940   -13.08754 1.000 33.45808 ? 307 HOH A O   1 
HETATM 910  O  O   . HOH H 7 .  ? -10.03028 -3.31750  9.51554   1.000 28.93406 ? 308 HOH A O   1 
HETATM 911  O  O   . HOH H 7 .  ? -5.35361  9.52665   -15.57036 1.000 49.01087 ? 309 HOH A O   1 
HETATM 912  O  O   . HOH H 7 .  ? 14.54036  -12.83758 2.00886   1.000 27.51522 ? 310 HOH A O   1 
HETATM 913  O  O   . HOH H 7 .  ? 12.60516  -0.42246  2.02503   1.000 22.40456 ? 311 HOH A O   1 
HETATM 914  O  O   . HOH H 7 .  ? 2.32029   -0.17921  -10.61244 1.000 14.45609 ? 312 HOH A O   1 
HETATM 915  O  O   . HOH H 7 .  ? -9.19758  -4.83250  -9.75237  1.000 23.16993 ? 313 HOH A O   1 
HETATM 916  O  O   . HOH H 7 .  ? 3.34511   3.26214   13.55931  1.000 28.67593 ? 314 HOH A O   1 
HETATM 917  O  O   . HOH H 7 .  ? -12.35141 4.80720   7.79543   1.000 37.73829 ? 315 HOH A O   1 
HETATM 918  O  O   . HOH H 7 .  ? 3.05881   -14.83442 -0.44030  1.000 45.29422 ? 316 HOH A O   1 
HETATM 919  O  O   . HOH H 7 .  ? 3.61959   -7.15399  -8.61436  1.000 44.90686 ? 317 HOH A O   1 
HETATM 920  O  O   . HOH H 7 .  ? 9.67650   -2.12172  -4.16627  1.000 28.04016 ? 318 HOH A O   1 
HETATM 921  O  O   . HOH H 7 .  ? 7.74641   9.29613   6.77546   1.000 26.40182 ? 319 HOH A O   1 
HETATM 922  O  O   . HOH H 7 .  ? -11.24872 5.78126   10.13603  1.000 41.49197 ? 320 HOH A O   1 
HETATM 923  O  O   . HOH H 7 .  ? -7.51446  9.27384   -1.33050  1.000 18.98900 ? 321 HOH A O   1 
HETATM 924  O  O   . HOH H 7 .  ? -6.32235  1.70916   -18.03307 1.000 49.22237 ? 322 HOH A O   1 
HETATM 925  O  O   . HOH H 7 .  ? 2.50372   6.82731   -16.28823 1.000 37.34925 ? 323 HOH A O   1 
HETATM 926  O  O   . HOH H 7 .  ? -16.71744 1.27869   6.59530   1.000 37.30728 ? 324 HOH A O   1 
HETATM 927  O  O   . HOH H 7 .  ? -2.38988  4.35177   -11.39165 1.000 17.15562 ? 325 HOH A O   1 
HETATM 928  O  O   . HOH H 7 .  ? 10.47079  0.26578   12.85901  1.000 34.66615 ? 326 HOH A O   1 
HETATM 929  O  O   . HOH H 7 .  ? 9.46366   -11.92804 -0.15513  1.000 28.03018 ? 327 HOH A O   1 
HETATM 930  O  O   . HOH H 7 .  ? -1.58172  0.84200   -17.70328 1.000 31.68709 ? 328 HOH A O   1 
HETATM 931  O  O   . HOH H 7 .  ? -5.18249  0.79966   -11.70752 1.000 17.75075 ? 329 HOH A O   1 
HETATM 932  O  O   . HOH H 7 .  ? -3.88885  9.55941   4.65280   1.000 16.87619 ? 330 HOH A O   1 
HETATM 933  O  O   . HOH H 7 .  ? -4.76850  8.75356   18.96880  1.000 22.64943 ? 331 HOH A O   1 
HETATM 934  O  O   . HOH H 7 .  ? -9.67608  7.22181   -11.30628 1.000 50.07803 ? 332 HOH A O   1 
HETATM 935  O  O   . HOH H 7 .  ? -12.72168 -4.86485  -11.23467 1.000 23.97171 ? 333 HOH A O   1 
HETATM 936  O  O   . HOH H 7 .  ? 1.84392   7.18029   8.76947   1.000 14.18782 ? 334 HOH A O   1 
HETATM 937  O  O   . HOH H 7 .  ? 3.29504   7.19024   14.70545  1.000 40.19352 ? 335 HOH A O   1 
HETATM 938  O  O   . HOH H 7 .  ? -7.15673  -13.76128 -0.15000  1.000 43.24966 ? 336 HOH A O   1 
HETATM 939  O  O   . HOH H 7 .  ? 8.92779   2.81605   8.52821   1.000 28.18948 ? 337 HOH A O   1 
HETATM 940  O  O   . HOH H 7 .  ? 6.05797   7.30150   14.98349  1.000 37.94828 ? 338 HOH A O   1 
HETATM 941  O  O   . HOH H 7 .  ? -8.66815  9.38053   14.55103  1.000 14.72045 ? 339 HOH A O   1 
HETATM 942  O  O   . HOH H 7 .  ? -7.22926  -7.75826  -12.79670 1.000 38.51863 ? 340 HOH A O   1 
HETATM 943  O  O   . HOH H 7 .  ? -3.73157  4.42734   -16.75156 1.000 40.02412 ? 341 HOH A O   1 
HETATM 944  O  O   . HOH H 7 .  ? -0.13190  -5.16756  -5.53733  1.000 14.23458 ? 342 HOH A O   1 
HETATM 945  O  O   . HOH H 7 .  ? -7.13908  10.58657  2.31178   1.000 35.93272 ? 343 HOH A O   1 
HETATM 946  O  O   . HOH H 7 .  ? 10.29571  -0.65594  0.55832   1.000 14.19391 ? 344 HOH A O   1 
HETATM 947  O  O   . HOH H 7 .  ? -0.71562  1.84885   13.68736  1.000 17.53413 ? 345 HOH A O   1 
HETATM 948  O  O   . HOH H 7 .  ? -2.07980  -4.19080  -8.88572  1.000 19.14912 ? 346 HOH A O   1 
HETATM 949  O  O   . HOH H 7 .  ? -2.06630  -11.95239 -2.22185  1.000 33.27816 ? 347 HOH A O   1 
HETATM 950  O  O   . HOH H 7 .  ? 12.08177  3.22268   1.28034   1.000 27.50083 ? 348 HOH A O   1 
HETATM 951  O  O   . HOH H 7 .  ? -7.91179  0.11391   15.76912  1.000 42.26750 ? 349 HOH A O   1 
HETATM 952  O  O   . HOH H 7 .  ? 13.34395  -1.14862  -9.82681  1.000 47.44474 ? 350 HOH A O   1 
HETATM 953  O  O   . HOH H 7 .  ? -0.65168  -6.47255  -9.47429  1.000 26.18821 ? 351 HOH A O   1 
HETATM 954  O  O   . HOH H 7 .  ? -3.37374  10.90949  11.80397  1.000 17.30317 ? 352 HOH A O   1 
HETATM 955  O  O   . HOH H 7 .  ? -11.45926 3.54545   11.85437  1.000 30.54873 ? 353 HOH A O   1 
HETATM 956  O  O   . HOH H 7 .  ? -10.02119 5.20318   13.87629  1.000 41.59958 ? 354 HOH A O   1 
HETATM 957  O  O   . HOH H 7 .  ? -8.12938  5.77894   16.98561  1.000 43.12847 ? 355 HOH A O   1 
HETATM 958  O  O   . HOH H 7 .  ? -12.04226 -8.64515  5.31987   1.000 31.67679 ? 356 HOH A O   1 
HETATM 959  O  O   . HOH H 7 .  ? -4.43029  -9.35026  5.19331   1.000 18.83789 ? 357 HOH A O   1 
HETATM 960  O  O   . HOH H 7 .  ? -7.58152  9.47091   18.10375  1.000 16.15693 ? 358 HOH A O   1 
HETATM 961  O  O   . HOH H 7 .  ? -6.67554  2.93167   -12.65471 1.000 27.17061 ? 359 HOH A O   1 
HETATM 962  O  O   . HOH H 7 .  ? 10.92271  -2.41426  -1.44957  1.000 19.79211 ? 360 HOH A O   1 
HETATM 963  O  O   . HOH H 7 .  ? 2.84086   -9.16890  -6.84131  1.000 40.49130 ? 361 HOH A O   1 
HETATM 964  O  O   . HOH H 7 .  ? -0.14604  -0.38523  14.66827  1.000 38.15950 ? 362 HOH A O   1 
HETATM 965  O  O   . HOH H 7 .  ? -4.12199  -13.66188 -5.32385  1.000 48.53545 ? 363 HOH A O   1 
HETATM 966  O  O   . HOH H 7 .  ? 0.56633   0.77953   -12.53458 1.000 16.68725 ? 364 HOH A O   1 
HETATM 967  O  O   . HOH H 7 .  ? 0.96092   -2.73486  14.98667  1.000 37.70301 ? 365 HOH A O   1 
HETATM 968  O  O   . HOH H 7 .  ? -2.42245  4.33737   15.15219  1.000 26.89888 ? 366 HOH A O   1 
HETATM 969  O  O   A HOH H 7 .  ? 0.09490   5.72666   -10.44186 0.500 10.76150 ? 367 HOH A O   1 
HETATM 970  O  O   B HOH H 7 .  ? -1.70061  5.30575   -8.97984  0.500 26.21742 ? 367 HOH A O   1 
HETATM 971  O  O   . HOH H 7 .  ? 10.44292  0.61647   9.04884   1.000 23.39292 ? 368 HOH A O   1 
HETATM 972  O  O   . HOH H 7 .  ? 9.60902   -1.97998  8.99406   1.000 20.85897 ? 369 HOH A O   1 
HETATM 973  O  O   . HOH H 7 .  ? 8.61522   5.11403   6.42700   1.000 34.47085 ? 370 HOH A O   1 
HETATM 974  O  O   . HOH H 7 .  ? -6.35120  -11.27217 -6.92322  1.000 37.80781 ? 371 HOH A O   1 
HETATM 975  O  O   . HOH H 7 .  ? 8.47956   -4.75931  -3.49425  1.000 25.64396 ? 372 HOH A O   1 
HETATM 976  O  O   . HOH H 7 .  ? -1.44254  -3.33926  -16.10081 1.000 28.81048 ? 373 HOH A O   1 
HETATM 977  O  O   . HOH H 7 .  ? 8.53944   -6.62092  -5.41090  1.000 38.27907 ? 374 HOH A O   1 
HETATM 978  O  O   . HOH H 7 .  ? 14.96914  -13.25256 -1.14213  0.770 31.73722 ? 375 HOH A O   1 
HETATM 979  O  O   . HOH H 7 .  ? 8.59913   5.90340   9.06045   0.890 30.39542 ? 376 HOH A O   1 
HETATM 980  O  O   . HOH H 7 .  ? 13.45613  -3.87740  6.41642   1.000 21.14983 ? 377 HOH A O   1 
HETATM 981  O  O   . HOH H 7 .  ? 8.52044   8.41253   13.13254  1.000 43.46887 ? 378 HOH A O   1 
HETATM 982  O  O   . HOH H 7 .  ? 12.33811  3.14746   -10.68872 1.000 45.44619 ? 379 HOH A O   1 
HETATM 983  O  O   . HOH H 7 .  ? 5.05008   17.56848  -0.03320  1.000 39.40937 ? 380 HOH A O   1 
HETATM 984  O  O   . HOH H 7 .  ? 3.12835   -6.50532  -13.48954 1.000 40.34789 ? 381 HOH A O   1 
HETATM 985  O  O   . HOH H 7 .  ? 1.85097   -8.98640  12.64668  1.000 31.62356 ? 382 HOH A O   1 
HETATM 986  O  O   . HOH H 7 .  ? 0.86714   -14.38864 1.82591   0.730 42.56964 ? 383 HOH A O   1 
HETATM 987  O  O   . HOH H 7 .  ? -9.75714  -3.68561  14.34241  1.000 42.58402 ? 384 HOH A O   1 
HETATM 988  O  O   . HOH H 7 .  ? 10.01114  -3.26560  -12.52805 1.000 44.58982 ? 385 HOH A O   1 
HETATM 989  O  O   . HOH H 7 .  ? 12.40562  5.68889   -6.37971  1.000 41.56425 ? 386 HOH A O   1 
HETATM 990  O  O   . HOH H 7 .  ? 6.36971   4.75209   -13.69041 1.000 40.82079 ? 387 HOH A O   1 
HETATM 991  O  O   . HOH H 7 .  ? -0.71518  -12.77584 0.44213   0.680 28.05762 ? 388 HOH A O   1 
HETATM 992  O  O   . HOH H 7 .  ? -0.30286  13.76324  -2.96949  1.000 27.48768 ? 389 HOH A O   1 
HETATM 993  O  O   . HOH H 7 .  ? -8.47984  -5.86403  -12.28128 1.000 48.76916 ? 390 HOH A O   1 
HETATM 994  O  O   . HOH H 7 .  ? 7.03576   -12.64759 -1.26544  1.000 34.85743 ? 391 HOH A O   1 
HETATM 995  O  O   . HOH H 7 .  ? 7.45963   7.92376   9.09562   0.640 27.20420 ? 392 HOH A O   1 
HETATM 996  O  O   . HOH H 7 .  ? 3.08726   5.23421   15.14903  1.000 49.34654 ? 393 HOH A O   1 
HETATM 997  O  O   . HOH H 7 .  ? -3.56100  -3.51398  -18.00171 1.000 48.23208 ? 394 HOH A O   1 
HETATM 998  O  O   . HOH H 7 .  ? -13.26291 4.66244   15.08992  1.000 49.65968 ? 395 HOH A O   1 
HETATM 999  O  O   . HOH H 7 .  ? -4.59334  6.10489   19.53742  1.000 42.94271 ? 396 HOH A O   1 
HETATM 1000 O  O   . HOH H 7 .  ? 13.79092  -2.15618  8.65817   0.50  29.35612 ? 397 HOH A O   1 
HETATM 1001 O  O   . HOH H 7 .  ? -4.22411  4.32320   17.40467  1.000 40.18786 ? 398 HOH A O   1 
HETATM 1002 O  O   . HOH H 7 .  ? 13.66857  -1.28617  -2.23468  1.000 42.75602 ? 399 HOH A O   1 
HETATM 1003 O  O   . HOH H 7 .  ? 18.86312  -3.16703  2.10373   1.000 38.77288 ? 400 HOH A O   1 
HETATM 1004 O  O   . HOH H 7 .  ? 0.02984   -15.43329 14.49048  1.000 55.95392 ? 401 HOH A O   1 
HETATM 1005 O  O   . HOH H 7 .  ? 4.25421   12.65591  3.79262   1.000 32.10931 ? 402 HOH A O   1 
HETATM 1006 O  O   . HOH H 7 .  ? 20.30002  -10.17837 1.10194   1.000 38.23520 ? 403 HOH A O   1 
HETATM 1007 O  O   . HOH H 7 .  ? 2.37469   2.10039   -16.72563 1.000 38.33794 ? 404 HOH A O   1 
HETATM 1008 O  O   . HOH H 7 .  ? 12.55160  3.79769   4.03226   0.550 29.91044 ? 405 HOH A O   1 
HETATM 1009 O  O   . HOH H 7 .  ? 1.58634   -0.18772  -14.79045 1.000 23.93829 ? 406 HOH A O   1 
HETATM 1010 O  O   . HOH H 7 .  ? -1.28659  -15.58954 3.00163   1.000 53.22607 ? 407 HOH A O   1 
HETATM 1011 O  O   . HOH H 7 .  ? 0.93709   -7.26293  -7.12934  1.000 26.65890 ? 408 HOH A O   1 
HETATM 1012 O  O   . HOH H 7 .  ? 15.91076  -2.04522  -3.21592  1.000 51.00646 ? 409 HOH A O   1 
HETATM 1013 O  O   . HOH H 7 .  ? 16.92162  -1.38447  1.10195   1.000 38.02197 ? 410 HOH A O   1 
HETATM 1014 O  O   . HOH H 7 .  ? 9.03822   7.59095   4.71959   1.000 24.08348 ? 411 HOH A O   1 
HETATM 1015 O  O   . HOH H 7 .  ? 12.69521  -2.22252  -11.94086 1.000 54.89958 ? 412 HOH A O   1 
HETATM 1016 O  O   . HOH H 7 .  ? -0.52784  2.94559   15.94148  1.000 39.78933 ? 413 HOH A O   1 
HETATM 1017 O  O   . HOH H 7 .  ? -9.78068  -1.26645  17.39299  1.000 57.69006 ? 414 HOH A O   1 
HETATM 1018 O  O   . HOH H 7 .  ? 15.02999  -3.13254  4.36497   1.000 25.15979 ? 415 HOH A O   1 
HETATM 1019 O  O   . HOH H 7 .  ? 0.23608   -1.23647  -16.95289 1.000 34.17989 ? 416 HOH A O   1 
HETATM 1020 O  O   . HOH H 7 .  ? -10.67917 7.58878   14.03118  1.000 19.98631 ? 417 HOH A O   1 
HETATM 1021 O  O   . HOH H 7 .  ? 11.37043  4.40278   5.67917   0.600 28.20873 ? 418 HOH A O   1 
HETATM 1022 O  O   . HOH H 7 .  ? -7.43250  12.57539  1.13782   1.000 39.96014 ? 419 HOH A O   1 
HETATM 1023 O  O   . HOH H 7 .  ? 11.03257  6.32549   10.21516  1.000 50.63476 ? 420 HOH A O   1 
HETATM 1024 O  O   . HOH H 7 .  ? 12.20023  2.08464   11.15417  1.000 44.21187 ? 421 HOH A O   1 
HETATM 1025 O  O   . HOH H 7 .  ? 9.48326   11.24355  6.90455   1.000 48.37272 ? 422 HOH A O   1 
HETATM 1026 O  O   . HOH H 7 .  ? 12.41510  5.94509   1.68236   1.000 30.34624 ? 423 HOH A O   1 
HETATM 1027 O  O   . HOH H 7 .  ? 14.21195  0.57480   -1.24425  1.000 48.73860 ? 424 HOH A O   1 
HETATM 1028 O  O   . HOH H 7 .  ? -12.75777 8.13920   12.17612  1.000 34.51429 ? 425 HOH A O   1 
HETATM 1029 O  O   . HOH H 7 .  ? 3.22867   -18.13605 -3.71241  1.000 55.69012 ? 426 HOH A O   1 
HETATM 1030 O  O   . HOH I 7 .  ? -2.33481  12.56861  -6.87624  1.000 50.80677 ? 201 HOH B O   1 
HETATM 1031 O  O   . HOH I 7 .  ? 0.12713   13.54368  -9.58776  1.000 34.80702 ? 202 HOH B O   1 
HETATM 1032 O  O   . HOH I 7 .  ? -2.39751  12.80253  -4.43743  1.000 39.75178 ? 203 HOH B O   1 
HETATM 1033 O  O   . HOH I 7 .  ? -4.96242  4.76099   -12.37311 1.000 26.70214 ? 204 HOH B O   1 
HETATM 1034 O  O   . HOH I 7 .  ? -8.50230  5.65205   5.11651   1.000 31.55223 ? 205 HOH B O   1 
HETATM 1035 O  O   . HOH I 7 .  ? -7.74324  7.40678   -9.31951  1.000 35.34531 ? 206 HOH B O   1 
HETATM 1036 O  O   . HOH I 7 .  ? -5.17843  11.48631  -2.20400  1.000 23.82803 ? 207 HOH B O   1 
HETATM 1037 O  O   . HOH I 7 .  ? 5.42168   7.00814   -14.14812 1.000 25.62409 ? 208 HOH B O   1 
HETATM 1038 O  O   . HOH I 7 .  ? 7.88232   12.40907  -5.43710  1.000 15.46648 ? 209 HOH B O   1 
HETATM 1039 O  O   . HOH I 7 .  ? 0.99626   12.44554  -11.96378 1.000 34.27313 ? 210 HOH B O   1 
HETATM 1040 O  O   . HOH I 7 .  ? 4.83163   10.68507  -17.74691 1.000 40.48795 ? 211 HOH B O   1 
HETATM 1041 O  O   . HOH I 7 .  ? 1.38104   12.97659  -14.52562 1.000 37.85089 ? 212 HOH B O   1 
HETATM 1042 O  O   . HOH I 7 .  ? -5.04754  6.08937   -14.97929 1.000 34.32362 ? 213 HOH B O   1 
HETATM 1043 O  O   . HOH I 7 .  ? 7.18964   9.54541   -16.23554 1.000 42.11736 ? 214 HOH B O   1 
# 
